data_6MRR
# 
_entry.id   6MRR 
# 
_audit_conform.dict_name       mmcif_pdbx.dic 
_audit_conform.dict_version    5.389 
_audit_conform.dict_location   http://mmcif.pdb.org/dictionaries/ascii/mmcif_pdbx.dic 
# 
loop_
_database_2.database_id 
_database_2.database_code 
_database_2.pdbx_database_accession 
_database_2.pdbx_DOI 
PDB   6MRR         pdb_00006mrr 10.2210/pdb6mrr/pdb 
WWPDB D_1000236328 ?            ?                   
# 
loop_
_pdbx_audit_revision_history.ordinal 
_pdbx_audit_revision_history.data_content_type 
_pdbx_audit_revision_history.major_revision 
_pdbx_audit_revision_history.minor_revision 
_pdbx_audit_revision_history.revision_date 
1 'Structure model' 1 0 2019-06-12 
2 'Structure model' 1 1 2019-06-19 
3 'Structure model' 1 2 2019-06-26 
4 'Structure model' 1 3 2019-11-20 
5 'Structure model' 1 4 2024-03-13 
6 'Structure model' 1 5 2024-04-03 
# 
_pdbx_audit_revision_details.ordinal             1 
_pdbx_audit_revision_details.revision_ordinal    1 
_pdbx_audit_revision_details.data_content_type   'Structure model' 
_pdbx_audit_revision_details.provider            repository 
_pdbx_audit_revision_details.type                'Initial release' 
_pdbx_audit_revision_details.description         ? 
_pdbx_audit_revision_details.details             ? 
# 
loop_
_pdbx_audit_revision_group.ordinal 
_pdbx_audit_revision_group.revision_ordinal 
_pdbx_audit_revision_group.data_content_type 
_pdbx_audit_revision_group.group 
1 2 'Structure model' 'Data collection'            
2 2 'Structure model' 'Database references'        
3 3 'Structure model' 'Data collection'            
4 3 'Structure model' 'Database references'        
5 4 'Structure model' 'Author supporting evidence' 
6 5 'Structure model' 'Data collection'            
7 5 'Structure model' 'Database references'        
8 6 'Structure model' 'Refinement description'     
# 
loop_
_pdbx_audit_revision_category.ordinal 
_pdbx_audit_revision_category.revision_ordinal 
_pdbx_audit_revision_category.data_content_type 
_pdbx_audit_revision_category.category 
1 2 'Structure model' citation                      
2 2 'Structure model' citation_author               
3 3 'Structure model' citation                      
4 4 'Structure model' pdbx_audit_support            
5 5 'Structure model' chem_comp_atom                
6 5 'Structure model' chem_comp_bond                
7 5 'Structure model' database_2                    
8 6 'Structure model' pdbx_initial_refinement_model 
# 
loop_
_pdbx_audit_revision_item.ordinal 
_pdbx_audit_revision_item.revision_ordinal 
_pdbx_audit_revision_item.data_content_type 
_pdbx_audit_revision_item.item 
1  2 'Structure model' '_citation.country'                        
2  2 'Structure model' '_citation.journal_abbrev'                 
3  2 'Structure model' '_citation.journal_id_ASTM'                
4  2 'Structure model' '_citation.journal_id_CSD'                 
5  2 'Structure model' '_citation.journal_id_ISSN'                
6  2 'Structure model' '_citation.pdbx_database_id_PubMed'        
7  2 'Structure model' '_citation.title'                          
8  2 'Structure model' '_citation.year'                           
9  3 'Structure model' '_citation.journal_volume'                 
10 3 'Structure model' '_citation.page_first'                     
11 3 'Structure model' '_citation.page_last'                      
12 4 'Structure model' '_pdbx_audit_support.funding_organization' 
13 5 'Structure model' '_database_2.pdbx_DOI'                     
14 5 'Structure model' '_database_2.pdbx_database_accession'      
# 
_pdbx_database_status.status_code                     REL 
_pdbx_database_status.status_code_sf                  REL 
_pdbx_database_status.status_code_mr                  ? 
_pdbx_database_status.entry_id                        6MRR 
_pdbx_database_status.recvd_initial_deposition_date   2018-10-15 
_pdbx_database_status.SG_entry                        N 
_pdbx_database_status.deposit_site                    RCSB 
_pdbx_database_status.process_site                    RCSB 
_pdbx_database_status.status_code_cs                  ? 
_pdbx_database_status.methods_development_category    ? 
_pdbx_database_status.pdb_format_compatible           Y 
_pdbx_database_status.status_code_nmr_data            ? 
# 
loop_
_audit_author.name 
_audit_author.pdbx_ordinal 
_audit_author.identifier_ORCID 
'Koepnick, B.'    1 0000-0002-5792-8112 
'Bick, M.J.'      2 0000-0002-9585-859X 
'Estep, R.D.'     3 ?                   
'Kleinfelter, S.' 4 ?                   
'Wei, L.'         5 ?                   
'Baker, D.'       6 0000-0001-7896-6217 
# 
_citation.abstract                  ? 
_citation.abstract_id_CAS           ? 
_citation.book_id_ISBN              ? 
_citation.book_publisher            ? 
_citation.book_publisher_city       ? 
_citation.book_title                ? 
_citation.coordinate_linkage        ? 
_citation.country                   UK 
_citation.database_id_Medline       ? 
_citation.details                   ? 
_citation.id                        primary 
_citation.journal_abbrev            Nature 
_citation.journal_id_ASTM           NATUAS 
_citation.journal_id_CSD            0006 
_citation.journal_id_ISSN           1476-4687 
_citation.journal_full              ? 
_citation.journal_issue             ? 
_citation.journal_volume            570 
_citation.language                  ? 
_citation.page_first                390 
_citation.page_last                 394 
_citation.title                     'De novo protein design by citizen scientists.' 
_citation.year                      2019 
_citation.database_id_CSD           ? 
_citation.pdbx_database_id_DOI      10.1038/s41586-019-1274-4 
_citation.pdbx_database_id_PubMed   31168091 
_citation.unpublished_flag          ? 
# 
loop_
_citation_author.citation_id 
_citation_author.name 
_citation_author.ordinal 
_citation_author.identifier_ORCID 
primary 'Koepnick, B.'       1  ? 
primary 'Flatten, J.'        2  ? 
primary 'Husain, T.'         3  ? 
primary 'Ford, A.'           4  ? 
primary 'Silva, D.A.'        5  ? 
primary 'Bick, M.J.'         6  ? 
primary 'Bauer, A.'          7  ? 
primary 'Liu, G.'            8  ? 
primary 'Ishida, Y.'         9  ? 
primary 'Boykov, A.'         10 ? 
primary 'Estep, R.D.'        11 ? 
primary 'Kleinfelter, S.'    12 ? 
primary 'Norgard-Solano, T.' 13 ? 
primary 'Wei, L.'            14 ? 
primary 'Players, F.'        15 ? 
primary 'Montelione, G.T.'   16 ? 
primary 'DiMaio, F.'         17 ? 
primary 'Popovic, Z.'        18 ? 
primary 'Khatib, F.'         19 ? 
primary 'Cooper, S.'         20 ? 
primary 'Baker, D.'          21 ? 
# 
loop_
_entity.id 
_entity.type 
_entity.src_method 
_entity.pdbx_description 
_entity.formula_weight 
_entity.pdbx_number_of_molecules 
_entity.pdbx_ec 
_entity.pdbx_mutation 
_entity.pdbx_fragment 
_entity.details 
1 polymer man Foldit1 8158.348 1   ? ? ? ? 
2 water   nat water   18.015   116 ? ? ? ? 
# 
_entity_poly.entity_id                      1 
_entity_poly.type                           'polypeptide(L)' 
_entity_poly.nstd_linkage                   no 
_entity_poly.nstd_monomer                   no 
_entity_poly.pdbx_seq_one_letter_code       GWSTELEKHREELKEFLKKEGITNVEIRIDNGRLEVRVEGGTERLKRFLEELRQKLEKKGYTVDIKIE 
_entity_poly.pdbx_seq_one_letter_code_can   GWSTELEKHREELKEFLKKEGITNVEIRIDNGRLEVRVEGGTERLKRFLEELRQKLEKKGYTVDIKIE 
_entity_poly.pdbx_strand_id                 A 
_entity_poly.pdbx_target_identifier         ? 
# 
_pdbx_entity_nonpoly.entity_id   2 
_pdbx_entity_nonpoly.name        water 
_pdbx_entity_nonpoly.comp_id     HOH 
# 
loop_
_entity_poly_seq.entity_id 
_entity_poly_seq.num 
_entity_poly_seq.mon_id 
_entity_poly_seq.hetero 
1 1  GLY n 
1 2  TRP n 
1 3  SER n 
1 4  THR n 
1 5  GLU n 
1 6  LEU n 
1 7  GLU n 
1 8  LYS n 
1 9  HIS n 
1 10 ARG n 
1 11 GLU n 
1 12 GLU n 
1 13 LEU n 
1 14 LYS n 
1 15 GLU n 
1 16 PHE n 
1 17 LEU n 
1 18 LYS n 
1 19 LYS n 
1 20 GLU n 
1 21 GLY n 
1 22 ILE n 
1 23 THR n 
1 24 ASN n 
1 25 VAL n 
1 26 GLU n 
1 27 ILE n 
1 28 ARG n 
1 29 ILE n 
1 30 ASP n 
1 31 ASN n 
1 32 GLY n 
1 33 ARG n 
1 34 LEU n 
1 35 GLU n 
1 36 VAL n 
1 37 ARG n 
1 38 VAL n 
1 39 GLU n 
1 40 GLY n 
1 41 GLY n 
1 42 THR n 
1 43 GLU n 
1 44 ARG n 
1 45 LEU n 
1 46 LYS n 
1 47 ARG n 
1 48 PHE n 
1 49 LEU n 
1 50 GLU n 
1 51 GLU n 
1 52 LEU n 
1 53 ARG n 
1 54 GLN n 
1 55 LYS n 
1 56 LEU n 
1 57 GLU n 
1 58 LYS n 
1 59 LYS n 
1 60 GLY n 
1 61 TYR n 
1 62 THR n 
1 63 VAL n 
1 64 ASP n 
1 65 ILE n 
1 66 LYS n 
1 67 ILE n 
1 68 GLU n 
# 
_entity_src_gen.entity_id                          1 
_entity_src_gen.pdbx_src_id                        1 
_entity_src_gen.pdbx_alt_source_flag               sample 
_entity_src_gen.pdbx_seq_type                      'Biological sequence' 
_entity_src_gen.pdbx_beg_seq_num                   1 
_entity_src_gen.pdbx_end_seq_num                   68 
_entity_src_gen.gene_src_common_name               ? 
_entity_src_gen.gene_src_genus                     ? 
_entity_src_gen.pdbx_gene_src_gene                 ? 
_entity_src_gen.gene_src_species                   ? 
_entity_src_gen.gene_src_strain                    ? 
_entity_src_gen.gene_src_tissue                    ? 
_entity_src_gen.gene_src_tissue_fraction           ? 
_entity_src_gen.gene_src_details                   ? 
_entity_src_gen.pdbx_gene_src_fragment             ? 
_entity_src_gen.pdbx_gene_src_scientific_name      'synthetic construct' 
_entity_src_gen.pdbx_gene_src_ncbi_taxonomy_id     32630 
_entity_src_gen.pdbx_gene_src_variant              ? 
_entity_src_gen.pdbx_gene_src_cell_line            ? 
_entity_src_gen.pdbx_gene_src_atcc                 ? 
_entity_src_gen.pdbx_gene_src_organ                ? 
_entity_src_gen.pdbx_gene_src_organelle            ? 
_entity_src_gen.pdbx_gene_src_cell                 ? 
_entity_src_gen.pdbx_gene_src_cellular_location    ? 
_entity_src_gen.host_org_common_name               ? 
_entity_src_gen.pdbx_host_org_scientific_name      'Escherichia coli' 
_entity_src_gen.pdbx_host_org_ncbi_taxonomy_id     562 
_entity_src_gen.host_org_genus                     ? 
_entity_src_gen.pdbx_host_org_gene                 ? 
_entity_src_gen.pdbx_host_org_organ                ? 
_entity_src_gen.host_org_species                   ? 
_entity_src_gen.pdbx_host_org_tissue               ? 
_entity_src_gen.pdbx_host_org_tissue_fraction      ? 
_entity_src_gen.pdbx_host_org_strain               ? 
_entity_src_gen.pdbx_host_org_variant              ? 
_entity_src_gen.pdbx_host_org_cell_line            ? 
_entity_src_gen.pdbx_host_org_atcc                 ? 
_entity_src_gen.pdbx_host_org_culture_collection   ? 
_entity_src_gen.pdbx_host_org_cell                 ? 
_entity_src_gen.pdbx_host_org_organelle            ? 
_entity_src_gen.pdbx_host_org_cellular_location    ? 
_entity_src_gen.pdbx_host_org_vector_type          ? 
_entity_src_gen.pdbx_host_org_vector               ? 
_entity_src_gen.host_org_details                   ? 
_entity_src_gen.expression_system_id               ? 
_entity_src_gen.plasmid_name                       ? 
_entity_src_gen.plasmid_details                    ? 
_entity_src_gen.pdbx_description                   ? 
# 
loop_
_chem_comp.id 
_chem_comp.type 
_chem_comp.mon_nstd_flag 
_chem_comp.name 
_chem_comp.pdbx_synonyms 
_chem_comp.formula 
_chem_comp.formula_weight 
ARG 'L-peptide linking' y ARGININE        ? 'C6 H15 N4 O2 1' 175.209 
ASN 'L-peptide linking' y ASPARAGINE      ? 'C4 H8 N2 O3'    132.118 
ASP 'L-peptide linking' y 'ASPARTIC ACID' ? 'C4 H7 N O4'     133.103 
GLN 'L-peptide linking' y GLUTAMINE       ? 'C5 H10 N2 O3'   146.144 
GLU 'L-peptide linking' y 'GLUTAMIC ACID' ? 'C5 H9 N O4'     147.129 
GLY 'peptide linking'   y GLYCINE         ? 'C2 H5 N O2'     75.067  
HIS 'L-peptide linking' y HISTIDINE       ? 'C6 H10 N3 O2 1' 156.162 
HOH non-polymer         . WATER           ? 'H2 O'           18.015  
ILE 'L-peptide linking' y ISOLEUCINE      ? 'C6 H13 N O2'    131.173 
LEU 'L-peptide linking' y LEUCINE         ? 'C6 H13 N O2'    131.173 
LYS 'L-peptide linking' y LYSINE          ? 'C6 H15 N2 O2 1' 147.195 
PHE 'L-peptide linking' y PHENYLALANINE   ? 'C9 H11 N O2'    165.189 
SER 'L-peptide linking' y SERINE          ? 'C3 H7 N O3'     105.093 
THR 'L-peptide linking' y THREONINE       ? 'C4 H9 N O3'     119.119 
TRP 'L-peptide linking' y TRYPTOPHAN      ? 'C11 H12 N2 O2'  204.225 
TYR 'L-peptide linking' y TYROSINE        ? 'C9 H11 N O3'    181.189 
VAL 'L-peptide linking' y VALINE          ? 'C5 H11 N O2'    117.146 
# 
loop_
_pdbx_poly_seq_scheme.asym_id 
_pdbx_poly_seq_scheme.entity_id 
_pdbx_poly_seq_scheme.seq_id 
_pdbx_poly_seq_scheme.mon_id 
_pdbx_poly_seq_scheme.ndb_seq_num 
_pdbx_poly_seq_scheme.pdb_seq_num 
_pdbx_poly_seq_scheme.auth_seq_num 
_pdbx_poly_seq_scheme.pdb_mon_id 
_pdbx_poly_seq_scheme.auth_mon_id 
_pdbx_poly_seq_scheme.pdb_strand_id 
_pdbx_poly_seq_scheme.pdb_ins_code 
_pdbx_poly_seq_scheme.hetero 
A 1 1  GLY 1  1  1  GLY GLY A . n 
A 1 2  TRP 2  2  2  TRP TRP A . n 
A 1 3  SER 3  3  3  SER SER A . n 
A 1 4  THR 4  4  4  THR THR A . n 
A 1 5  GLU 5  5  5  GLU GLU A . n 
A 1 6  LEU 6  6  6  LEU LEU A . n 
A 1 7  GLU 7  7  7  GLU GLU A . n 
A 1 8  LYS 8  8  8  LYS LYS A . n 
A 1 9  HIS 9  9  9  HIS HIS A . n 
A 1 10 ARG 10 10 10 ARG ARG A . n 
A 1 11 GLU 11 11 11 GLU GLU A . n 
A 1 12 GLU 12 12 12 GLU GLU A . n 
A 1 13 LEU 13 13 13 LEU LEU A . n 
A 1 14 LYS 14 14 14 LYS LYS A . n 
A 1 15 GLU 15 15 15 GLU GLU A . n 
A 1 16 PHE 16 16 16 PHE PHE A . n 
A 1 17 LEU 17 17 17 LEU LEU A . n 
A 1 18 LYS 18 18 18 LYS LYS A . n 
A 1 19 LYS 19 19 19 LYS LYS A . n 
A 1 20 GLU 20 20 20 GLU GLU A . n 
A 1 21 GLY 21 21 21 GLY GLY A . n 
A 1 22 ILE 22 22 22 ILE ILE A . n 
A 1 23 THR 23 23 23 THR THR A . n 
A 1 24 ASN 24 24 24 ASN ASN A . n 
A 1 25 VAL 25 25 25 VAL VAL A . n 
A 1 26 GLU 26 26 26 GLU GLU A . n 
A 1 27 ILE 27 27 27 ILE ILE A . n 
A 1 28 ARG 28 28 28 ARG ARG A . n 
A 1 29 ILE 29 29 29 ILE ILE A . n 
A 1 30 ASP 30 30 30 ASP ASP A . n 
A 1 31 ASN 31 31 31 ASN ASN A . n 
A 1 32 GLY 32 32 32 GLY GLY A . n 
A 1 33 ARG 33 33 33 ARG ARG A . n 
A 1 34 LEU 34 34 34 LEU LEU A . n 
A 1 35 GLU 35 35 35 GLU GLU A . n 
A 1 36 VAL 36 36 36 VAL VAL A . n 
A 1 37 ARG 37 37 37 ARG ARG A . n 
A 1 38 VAL 38 38 38 VAL VAL A . n 
A 1 39 GLU 39 39 39 GLU GLU A . n 
A 1 40 GLY 40 40 40 GLY GLY A . n 
A 1 41 GLY 41 41 41 GLY GLY A . n 
A 1 42 THR 42 42 42 THR THR A . n 
A 1 43 GLU 43 43 43 GLU GLU A . n 
A 1 44 ARG 44 44 44 ARG ARG A . n 
A 1 45 LEU 45 45 45 LEU LEU A . n 
A 1 46 LYS 46 46 46 LYS LYS A . n 
A 1 47 ARG 47 47 47 ARG ARG A . n 
A 1 48 PHE 48 48 48 PHE PHE A . n 
A 1 49 LEU 49 49 49 LEU LEU A . n 
A 1 50 GLU 50 50 50 GLU GLU A . n 
A 1 51 GLU 51 51 51 GLU GLU A . n 
A 1 52 LEU 52 52 52 LEU LEU A . n 
A 1 53 ARG 53 53 53 ARG ARG A . n 
A 1 54 GLN 54 54 54 GLN GLN A . n 
A 1 55 LYS 55 55 55 LYS LYS A . n 
A 1 56 LEU 56 56 56 LEU LEU A . n 
A 1 57 GLU 57 57 57 GLU GLU A . n 
A 1 58 LYS 58 58 58 LYS LYS A . n 
A 1 59 LYS 59 59 59 LYS LYS A . n 
A 1 60 GLY 60 60 60 GLY GLY A . n 
A 1 61 TYR 61 61 61 TYR TYR A . n 
A 1 62 THR 62 62 62 THR THR A . n 
A 1 63 VAL 63 63 63 VAL VAL A . n 
A 1 64 ASP 64 64 64 ASP ASP A . n 
A 1 65 ILE 65 65 65 ILE ILE A . n 
A 1 66 LYS 66 66 66 LYS LYS A . n 
A 1 67 ILE 67 67 67 ILE ILE A . n 
A 1 68 GLU 68 68 68 GLU GLU A . n 
# 
loop_
_pdbx_nonpoly_scheme.asym_id 
_pdbx_nonpoly_scheme.entity_id 
_pdbx_nonpoly_scheme.mon_id 
_pdbx_nonpoly_scheme.ndb_seq_num 
_pdbx_nonpoly_scheme.pdb_seq_num 
_pdbx_nonpoly_scheme.auth_seq_num 
_pdbx_nonpoly_scheme.pdb_mon_id 
_pdbx_nonpoly_scheme.auth_mon_id 
_pdbx_nonpoly_scheme.pdb_strand_id 
_pdbx_nonpoly_scheme.pdb_ins_code 
B 2 HOH 1   101 45  HOH HOH A . 
B 2 HOH 2   102 103 HOH HOH A . 
B 2 HOH 3   103 92  HOH HOH A . 
B 2 HOH 4   104 99  HOH HOH A . 
B 2 HOH 5   105 36  HOH HOH A . 
B 2 HOH 6   106 38  HOH HOH A . 
B 2 HOH 7   107 28  HOH HOH A . 
B 2 HOH 8   108 106 HOH HOH A . 
B 2 HOH 9   109 11  HOH HOH A . 
B 2 HOH 10  110 93  HOH HOH A . 
B 2 HOH 11  111 42  HOH HOH A . 
B 2 HOH 12  112 29  HOH HOH A . 
B 2 HOH 13  113 48  HOH HOH A . 
B 2 HOH 14  114 50  HOH HOH A . 
B 2 HOH 15  115 100 HOH HOH A . 
B 2 HOH 16  116 52  HOH HOH A . 
B 2 HOH 17  117 114 HOH HOH A . 
B 2 HOH 18  118 22  HOH HOH A . 
B 2 HOH 19  119 12  HOH HOH A . 
B 2 HOH 20  120 19  HOH HOH A . 
B 2 HOH 21  121 46  HOH HOH A . 
B 2 HOH 22  122 58  HOH HOH A . 
B 2 HOH 23  123 35  HOH HOH A . 
B 2 HOH 24  124 18  HOH HOH A . 
B 2 HOH 25  125 2   HOH HOH A . 
B 2 HOH 26  126 88  HOH HOH A . 
B 2 HOH 27  127 54  HOH HOH A . 
B 2 HOH 28  128 94  HOH HOH A . 
B 2 HOH 29  129 9   HOH HOH A . 
B 2 HOH 30  130 34  HOH HOH A . 
B 2 HOH 31  131 75  HOH HOH A . 
B 2 HOH 32  132 31  HOH HOH A . 
B 2 HOH 33  133 4   HOH HOH A . 
B 2 HOH 34  134 10  HOH HOH A . 
B 2 HOH 35  135 111 HOH HOH A . 
B 2 HOH 36  136 57  HOH HOH A . 
B 2 HOH 37  137 1   HOH HOH A . 
B 2 HOH 38  138 24  HOH HOH A . 
B 2 HOH 39  139 6   HOH HOH A . 
B 2 HOH 40  140 62  HOH HOH A . 
B 2 HOH 41  141 21  HOH HOH A . 
B 2 HOH 42  142 25  HOH HOH A . 
B 2 HOH 43  143 7   HOH HOH A . 
B 2 HOH 44  144 39  HOH HOH A . 
B 2 HOH 45  145 37  HOH HOH A . 
B 2 HOH 46  146 13  HOH HOH A . 
B 2 HOH 47  147 16  HOH HOH A . 
B 2 HOH 48  148 61  HOH HOH A . 
B 2 HOH 49  149 3   HOH HOH A . 
B 2 HOH 50  150 83  HOH HOH A . 
B 2 HOH 51  151 87  HOH HOH A . 
B 2 HOH 52  152 56  HOH HOH A . 
B 2 HOH 53  153 8   HOH HOH A . 
B 2 HOH 54  154 26  HOH HOH A . 
B 2 HOH 55  155 32  HOH HOH A . 
B 2 HOH 56  156 41  HOH HOH A . 
B 2 HOH 57  157 14  HOH HOH A . 
B 2 HOH 58  158 33  HOH HOH A . 
B 2 HOH 59  159 115 HOH HOH A . 
B 2 HOH 60  160 60  HOH HOH A . 
B 2 HOH 61  161 104 HOH HOH A . 
B 2 HOH 62  162 95  HOH HOH A . 
B 2 HOH 63  163 43  HOH HOH A . 
B 2 HOH 64  164 85  HOH HOH A . 
B 2 HOH 65  165 44  HOH HOH A . 
B 2 HOH 66  166 5   HOH HOH A . 
B 2 HOH 67  167 20  HOH HOH A . 
B 2 HOH 68  168 71  HOH HOH A . 
B 2 HOH 69  169 84  HOH HOH A . 
B 2 HOH 70  170 49  HOH HOH A . 
B 2 HOH 71  171 101 HOH HOH A . 
B 2 HOH 72  172 40  HOH HOH A . 
B 2 HOH 73  173 72  HOH HOH A . 
B 2 HOH 74  174 30  HOH HOH A . 
B 2 HOH 75  175 64  HOH HOH A . 
B 2 HOH 76  176 69  HOH HOH A . 
B 2 HOH 77  177 108 HOH HOH A . 
B 2 HOH 78  178 23  HOH HOH A . 
B 2 HOH 79  179 98  HOH HOH A . 
B 2 HOH 80  180 96  HOH HOH A . 
B 2 HOH 81  181 63  HOH HOH A . 
B 2 HOH 82  182 74  HOH HOH A . 
B 2 HOH 83  183 53  HOH HOH A . 
B 2 HOH 84  184 113 HOH HOH A . 
B 2 HOH 85  185 91  HOH HOH A . 
B 2 HOH 86  186 70  HOH HOH A . 
B 2 HOH 87  187 79  HOH HOH A . 
B 2 HOH 88  188 68  HOH HOH A . 
B 2 HOH 89  189 89  HOH HOH A . 
B 2 HOH 90  190 81  HOH HOH A . 
B 2 HOH 91  191 102 HOH HOH A . 
B 2 HOH 92  192 76  HOH HOH A . 
B 2 HOH 93  193 66  HOH HOH A . 
B 2 HOH 94  194 80  HOH HOH A . 
B 2 HOH 95  195 82  HOH HOH A . 
B 2 HOH 96  196 65  HOH HOH A . 
B 2 HOH 97  197 105 HOH HOH A . 
B 2 HOH 98  198 86  HOH HOH A . 
B 2 HOH 99  199 73  HOH HOH A . 
B 2 HOH 100 200 67  HOH HOH A . 
B 2 HOH 101 201 77  HOH HOH A . 
B 2 HOH 102 202 59  HOH HOH A . 
B 2 HOH 103 203 17  HOH HOH A . 
B 2 HOH 104 204 15  HOH HOH A . 
B 2 HOH 105 205 110 HOH HOH A . 
B 2 HOH 106 206 51  HOH HOH A . 
B 2 HOH 107 207 47  HOH HOH A . 
B 2 HOH 108 208 78  HOH HOH A . 
B 2 HOH 109 209 116 HOH HOH A . 
B 2 HOH 110 210 107 HOH HOH A . 
B 2 HOH 111 211 97  HOH HOH A . 
B 2 HOH 112 212 109 HOH HOH A . 
B 2 HOH 113 213 55  HOH HOH A . 
B 2 HOH 114 214 90  HOH HOH A . 
B 2 HOH 115 215 27  HOH HOH A . 
B 2 HOH 116 216 112 HOH HOH A . 
# 
loop_
_pdbx_unobs_or_zero_occ_atoms.id 
_pdbx_unobs_or_zero_occ_atoms.PDB_model_num 
_pdbx_unobs_or_zero_occ_atoms.polymer_flag 
_pdbx_unobs_or_zero_occ_atoms.occupancy_flag 
_pdbx_unobs_or_zero_occ_atoms.auth_asym_id 
_pdbx_unobs_or_zero_occ_atoms.auth_comp_id 
_pdbx_unobs_or_zero_occ_atoms.auth_seq_id 
_pdbx_unobs_or_zero_occ_atoms.PDB_ins_code 
_pdbx_unobs_or_zero_occ_atoms.auth_atom_id 
_pdbx_unobs_or_zero_occ_atoms.label_alt_id 
_pdbx_unobs_or_zero_occ_atoms.label_asym_id 
_pdbx_unobs_or_zero_occ_atoms.label_comp_id 
_pdbx_unobs_or_zero_occ_atoms.label_seq_id 
_pdbx_unobs_or_zero_occ_atoms.label_atom_id 
1  1 Y 1 A GLU 11 ? CD  ? A GLU 11 CD  
2  1 Y 1 A GLU 11 ? OE1 ? A GLU 11 OE1 
3  1 Y 1 A GLU 11 ? OE2 ? A GLU 11 OE2 
4  1 Y 1 A GLU 43 ? CD  ? A GLU 43 CD  
5  1 Y 1 A GLU 43 ? OE1 ? A GLU 43 OE1 
6  1 Y 1 A GLU 43 ? OE2 ? A GLU 43 OE2 
7  1 Y 1 A GLU 51 ? CD  ? A GLU 51 CD  
8  1 Y 1 A GLU 51 ? OE1 ? A GLU 51 OE1 
9  1 Y 1 A GLU 51 ? OE2 ? A GLU 51 OE2 
10 1 Y 1 A LYS 55 ? CD  ? A LYS 55 CD  
11 1 Y 1 A LYS 55 ? CE  ? A LYS 55 CE  
12 1 Y 1 A LYS 55 ? NZ  ? A LYS 55 NZ  
13 1 Y 1 A LYS 58 ? CD  ? A LYS 58 CD  
14 1 Y 1 A LYS 58 ? CE  ? A LYS 58 CE  
15 1 Y 1 A LYS 58 ? NZ  ? A LYS 58 NZ  
16 1 Y 1 A LYS 59 ? CE  ? A LYS 59 CE  
17 1 Y 1 A LYS 59 ? NZ  ? A LYS 59 NZ  
18 1 Y 1 A LYS 66 ? CE  ? A LYS 66 CE  
19 1 Y 1 A LYS 66 ? NZ  ? A LYS 66 NZ  
20 1 Y 1 A GLU 68 ? CG  ? A GLU 68 CG  
21 1 Y 1 A GLU 68 ? CD  ? A GLU 68 CD  
22 1 Y 1 A GLU 68 ? OE1 ? A GLU 68 OE1 
23 1 Y 1 A GLU 68 ? OE2 ? A GLU 68 OE2 
# 
loop_
_software.citation_id 
_software.classification 
_software.compiler_name 
_software.compiler_version 
_software.contact_author 
_software.contact_author_email 
_software.date 
_software.description 
_software.dependencies 
_software.hardware 
_software.language 
_software.location 
_software.mods 
_software.name 
_software.os 
_software.os_version 
_software.type 
_software.version 
_software.pdbx_ordinal 
? refinement       ? ? ? ? ? ? ? ? ? ? ? PHENIX ? ? ? '(dev_3112: ???)' 1 
? 'data reduction' ? ? ? ? ? ? ? ? ? ? ? XDS    ? ? ? 'Jun 17, 2015'    2 
? 'data scaling'   ? ? ? ? ? ? ? ? ? ? ? XDS    ? ? ? 'Jun 17, 2015'    3 
? phasing          ? ? ? ? ? ? ? ? ? ? ? PHASER ? ? ? 2.8.2.            4 
# 
_cell.angle_alpha                  90.00 
_cell.angle_alpha_esd              ? 
_cell.angle_beta                   99.00 
_cell.angle_beta_esd               ? 
_cell.angle_gamma                  90.00 
_cell.angle_gamma_esd              ? 
_cell.entry_id                     6MRR 
_cell.details                      ? 
_cell.formula_units_Z              ? 
_cell.length_a                     24.045 
_cell.length_a_esd                 ? 
_cell.length_b                     43.584 
_cell.length_b_esd                 ? 
_cell.length_c                     29.276 
_cell.length_c_esd                 ? 
_cell.volume                       ? 
_cell.volume_esd                   ? 
_cell.Z_PDB                        2 
_cell.reciprocal_angle_alpha       ? 
_cell.reciprocal_angle_beta        ? 
_cell.reciprocal_angle_gamma       ? 
_cell.reciprocal_angle_alpha_esd   ? 
_cell.reciprocal_angle_beta_esd    ? 
_cell.reciprocal_angle_gamma_esd   ? 
_cell.reciprocal_length_a          ? 
_cell.reciprocal_length_b          ? 
_cell.reciprocal_length_c          ? 
_cell.reciprocal_length_a_esd      ? 
_cell.reciprocal_length_b_esd      ? 
_cell.reciprocal_length_c_esd      ? 
_cell.pdbx_unique_axis             ? 
# 
_symmetry.entry_id                         6MRR 
_symmetry.cell_setting                     ? 
_symmetry.Int_Tables_number                4 
_symmetry.space_group_name_Hall            ? 
_symmetry.space_group_name_H-M             'P 1 21 1' 
_symmetry.pdbx_full_space_group_name_H-M   ? 
# 
_exptl.absorpt_coefficient_mu     ? 
_exptl.absorpt_correction_T_max   ? 
_exptl.absorpt_correction_T_min   ? 
_exptl.absorpt_correction_type    ? 
_exptl.absorpt_process_details    ? 
_exptl.entry_id                   6MRR 
_exptl.crystals_number            1 
_exptl.details                    ? 
_exptl.method                     'X-RAY DIFFRACTION' 
_exptl.method_details             ? 
# 
_exptl_crystal.colour                      ? 
_exptl_crystal.density_diffrn              ? 
_exptl_crystal.density_Matthews            1.86 
_exptl_crystal.density_method              ? 
_exptl_crystal.density_percent_sol         33.77 
_exptl_crystal.description                 ? 
_exptl_crystal.F_000                       ? 
_exptl_crystal.id                          1 
_exptl_crystal.preparation                 ? 
_exptl_crystal.size_max                    ? 
_exptl_crystal.size_mid                    ? 
_exptl_crystal.size_min                    ? 
_exptl_crystal.size_rad                    ? 
_exptl_crystal.colour_lustre               ? 
_exptl_crystal.colour_modifier             ? 
_exptl_crystal.colour_primary              ? 
_exptl_crystal.density_meas                ? 
_exptl_crystal.density_meas_esd            ? 
_exptl_crystal.density_meas_gt             ? 
_exptl_crystal.density_meas_lt             ? 
_exptl_crystal.density_meas_temp           ? 
_exptl_crystal.density_meas_temp_esd       ? 
_exptl_crystal.density_meas_temp_gt        ? 
_exptl_crystal.density_meas_temp_lt        ? 
_exptl_crystal.pdbx_crystal_image_url      ? 
_exptl_crystal.pdbx_crystal_image_format   ? 
_exptl_crystal.pdbx_mosaicity              ? 
_exptl_crystal.pdbx_mosaicity_esd          ? 
# 
_exptl_crystal_grow.apparatus       ? 
_exptl_crystal_grow.atmosphere      ? 
_exptl_crystal_grow.crystal_id      1 
_exptl_crystal_grow.details         ? 
_exptl_crystal_grow.method          'VAPOR DIFFUSION, SITTING DROP' 
_exptl_crystal_grow.method_ref      ? 
_exptl_crystal_grow.pH              7.5 
_exptl_crystal_grow.pressure        ? 
_exptl_crystal_grow.pressure_esd    ? 
_exptl_crystal_grow.seeding         ? 
_exptl_crystal_grow.seeding_ref     ? 
_exptl_crystal_grow.temp            291.15 
_exptl_crystal_grow.temp_details    ? 
_exptl_crystal_grow.temp_esd        ? 
_exptl_crystal_grow.time            ? 
_exptl_crystal_grow.pdbx_details    
'0.2 M potassium chloride, 0.05 M HEPES, pH 7.5, 35% v/v pentaerythritol propoxylate (5/4 PO/OH)' 
_exptl_crystal_grow.pdbx_pH_range   ? 
# 
_diffrn.ambient_environment              ? 
_diffrn.ambient_temp                     100 
_diffrn.ambient_temp_details             ? 
_diffrn.ambient_temp_esd                 ? 
_diffrn.crystal_id                       1 
_diffrn.crystal_support                  ? 
_diffrn.crystal_treatment                ? 
_diffrn.details                          ? 
_diffrn.id                               1 
_diffrn.ambient_pressure                 ? 
_diffrn.ambient_pressure_esd             ? 
_diffrn.ambient_pressure_gt              ? 
_diffrn.ambient_pressure_lt              ? 
_diffrn.ambient_temp_gt                  ? 
_diffrn.ambient_temp_lt                  ? 
_diffrn.pdbx_serial_crystal_experiment   N 
# 
_diffrn_detector.details                      ? 
_diffrn_detector.detector                     PIXEL 
_diffrn_detector.diffrn_id                    1 
_diffrn_detector.type                         'DECTRIS PILATUS3 6M' 
_diffrn_detector.area_resol_mean              ? 
_diffrn_detector.dtime                        ? 
_diffrn_detector.pdbx_frames_total            ? 
_diffrn_detector.pdbx_collection_time_total   ? 
_diffrn_detector.pdbx_collection_date         2017-04-30 
_diffrn_detector.pdbx_frequency               ? 
# 
_diffrn_radiation.collimation                      ? 
_diffrn_radiation.diffrn_id                        1 
_diffrn_radiation.filter_edge                      ? 
_diffrn_radiation.inhomogeneity                    ? 
_diffrn_radiation.monochromator                    'double-crystal Si(111)' 
_diffrn_radiation.polarisn_norm                    ? 
_diffrn_radiation.polarisn_ratio                   ? 
_diffrn_radiation.probe                            ? 
_diffrn_radiation.type                             ? 
_diffrn_radiation.xray_symbol                      ? 
_diffrn_radiation.wavelength_id                    1 
_diffrn_radiation.pdbx_monochromatic_or_laue_m_l   M 
_diffrn_radiation.pdbx_wavelength_list             ? 
_diffrn_radiation.pdbx_wavelength                  ? 
_diffrn_radiation.pdbx_diffrn_protocol             'SINGLE WAVELENGTH' 
_diffrn_radiation.pdbx_analyzer                    ? 
_diffrn_radiation.pdbx_scattering_type             x-ray 
# 
_diffrn_radiation_wavelength.id           1 
_diffrn_radiation_wavelength.wavelength   1.00000 
_diffrn_radiation_wavelength.wt           1.0 
# 
_diffrn_source.current                     ? 
_diffrn_source.details                     ? 
_diffrn_source.diffrn_id                   1 
_diffrn_source.power                       ? 
_diffrn_source.size                        ? 
_diffrn_source.source                      SYNCHROTRON 
_diffrn_source.target                      ? 
_diffrn_source.type                        'ALS BEAMLINE 5.0.2' 
_diffrn_source.voltage                     ? 
_diffrn_source.take-off_angle              ? 
_diffrn_source.pdbx_wavelength_list        1.00000 
_diffrn_source.pdbx_wavelength             ? 
_diffrn_source.pdbx_synchrotron_beamline   5.0.2 
_diffrn_source.pdbx_synchrotron_site       ALS 
# 
_reflns.B_iso_Wilson_estimate            ? 
_reflns.entry_id                         6MRR 
_reflns.data_reduction_details           ? 
_reflns.data_reduction_method            ? 
_reflns.d_resolution_high                1.07 
_reflns.d_resolution_low                 43.58 
_reflns.details                          ? 
_reflns.limit_h_max                      ? 
_reflns.limit_h_min                      ? 
_reflns.limit_k_max                      ? 
_reflns.limit_k_min                      ? 
_reflns.limit_l_max                      ? 
_reflns.limit_l_min                      ? 
_reflns.number_all                       ? 
_reflns.number_obs                       22566 
_reflns.observed_criterion               ? 
_reflns.observed_criterion_F_max         ? 
_reflns.observed_criterion_F_min         ? 
_reflns.observed_criterion_I_max         ? 
_reflns.observed_criterion_I_min         ? 
_reflns.observed_criterion_sigma_F       ? 
_reflns.observed_criterion_sigma_I       ? 
_reflns.percent_possible_obs             85.3 
_reflns.R_free_details                   ? 
_reflns.Rmerge_F_all                     ? 
_reflns.Rmerge_F_obs                     ? 
_reflns.Friedel_coverage                 ? 
_reflns.number_gt                        ? 
_reflns.threshold_expression             ? 
_reflns.pdbx_redundancy                  3.2 
_reflns.pdbx_Rmerge_I_obs                0.026 
_reflns.pdbx_Rmerge_I_all                ? 
_reflns.pdbx_Rsym_value                  ? 
_reflns.pdbx_netI_over_av_sigmaI         ? 
_reflns.pdbx_netI_over_sigmaI            18.9 
_reflns.pdbx_res_netI_over_av_sigmaI_2   ? 
_reflns.pdbx_res_netI_over_sigmaI_2      ? 
_reflns.pdbx_chi_squared                 ? 
_reflns.pdbx_scaling_rejects             ? 
_reflns.pdbx_d_res_high_opt              ? 
_reflns.pdbx_d_res_low_opt               ? 
_reflns.pdbx_d_res_opt_method            ? 
_reflns.phase_calculation_details        ? 
_reflns.pdbx_Rrim_I_all                  0.031 
_reflns.pdbx_Rpim_I_all                  0.017 
_reflns.pdbx_d_opt                       ? 
_reflns.pdbx_number_measured_all         ? 
_reflns.pdbx_diffrn_id                   1 
_reflns.pdbx_ordinal                     1 
_reflns.pdbx_CC_half                     0.999 
_reflns.pdbx_R_split                     ? 
# 
_reflns_shell.d_res_high                  1.07 
_reflns_shell.d_res_low                   1.09 
_reflns_shell.meanI_over_sigI_all         ? 
_reflns_shell.meanI_over_sigI_obs         2.9 
_reflns_shell.number_measured_all         ? 
_reflns_shell.number_measured_obs         ? 
_reflns_shell.number_possible             ? 
_reflns_shell.number_unique_all           ? 
_reflns_shell.number_unique_obs           430 
_reflns_shell.percent_possible_all        32.8 
_reflns_shell.percent_possible_obs        ? 
_reflns_shell.Rmerge_F_all                ? 
_reflns_shell.Rmerge_F_obs                ? 
_reflns_shell.Rmerge_I_all                ? 
_reflns_shell.Rmerge_I_obs                0.177 
_reflns_shell.meanI_over_sigI_gt          ? 
_reflns_shell.meanI_over_uI_all           ? 
_reflns_shell.meanI_over_uI_gt            ? 
_reflns_shell.number_measured_gt          ? 
_reflns_shell.number_unique_gt            ? 
_reflns_shell.percent_possible_gt         ? 
_reflns_shell.Rmerge_F_gt                 ? 
_reflns_shell.Rmerge_I_gt                 ? 
_reflns_shell.pdbx_redundancy             2.1 
_reflns_shell.pdbx_Rsym_value             ? 
_reflns_shell.pdbx_chi_squared            ? 
_reflns_shell.pdbx_netI_over_sigmaI_all   ? 
_reflns_shell.pdbx_netI_over_sigmaI_obs   ? 
_reflns_shell.pdbx_Rrim_I_all             0.221 
_reflns_shell.pdbx_Rpim_I_all             0.131 
_reflns_shell.pdbx_rejects                ? 
_reflns_shell.pdbx_ordinal                1 
_reflns_shell.pdbx_diffrn_id              1 
_reflns_shell.pdbx_CC_half                0.981 
_reflns_shell.pdbx_R_split                ? 
# 
_refine.aniso_B[1][1]                            ? 
_refine.aniso_B[1][2]                            ? 
_refine.aniso_B[1][3]                            ? 
_refine.aniso_B[2][2]                            ? 
_refine.aniso_B[2][3]                            ? 
_refine.aniso_B[3][3]                            ? 
_refine.B_iso_max                                ? 
_refine.B_iso_mean                               ? 
_refine.B_iso_min                                ? 
_refine.correlation_coeff_Fo_to_Fc               ? 
_refine.correlation_coeff_Fo_to_Fc_free          ? 
_refine.details                                  ? 
_refine.diff_density_max                         ? 
_refine.diff_density_max_esd                     ? 
_refine.diff_density_min                         ? 
_refine.diff_density_min_esd                     ? 
_refine.diff_density_rms                         ? 
_refine.diff_density_rms_esd                     ? 
_refine.entry_id                                 6MRR 
_refine.pdbx_refine_id                           'X-RAY DIFFRACTION' 
_refine.ls_abs_structure_details                 ? 
_refine.ls_abs_structure_Flack                   ? 
_refine.ls_abs_structure_Flack_esd               ? 
_refine.ls_abs_structure_Rogers                  ? 
_refine.ls_abs_structure_Rogers_esd              ? 
_refine.ls_d_res_high                            1.180 
_refine.ls_d_res_low                             28.916 
_refine.ls_extinction_coef                       ? 
_refine.ls_extinction_coef_esd                   ? 
_refine.ls_extinction_expression                 ? 
_refine.ls_extinction_method                     ? 
_refine.ls_goodness_of_fit_all                   ? 
_refine.ls_goodness_of_fit_all_esd               ? 
_refine.ls_goodness_of_fit_obs                   ? 
_refine.ls_goodness_of_fit_obs_esd               ? 
_refine.ls_hydrogen_treatment                    ? 
_refine.ls_matrix_type                           ? 
_refine.ls_number_constraints                    ? 
_refine.ls_number_parameters                     ? 
_refine.ls_number_reflns_all                     ? 
_refine.ls_number_reflns_obs                     18279 
_refine.ls_number_reflns_R_free                  1829 
_refine.ls_number_reflns_R_work                  ? 
_refine.ls_number_restraints                     ? 
_refine.ls_percent_reflns_obs                    92.67 
_refine.ls_percent_reflns_R_free                 10.01 
_refine.ls_R_factor_all                          ? 
_refine.ls_R_factor_obs                          0.1499 
_refine.ls_R_factor_R_free                       0.1819 
_refine.ls_R_factor_R_free_error                 ? 
_refine.ls_R_factor_R_free_error_details         ? 
_refine.ls_R_factor_R_work                       0.1464 
_refine.ls_R_Fsqd_factor_obs                     ? 
_refine.ls_R_I_factor_obs                        ? 
_refine.ls_redundancy_reflns_all                 ? 
_refine.ls_redundancy_reflns_obs                 ? 
_refine.ls_restrained_S_all                      ? 
_refine.ls_restrained_S_obs                      ? 
_refine.ls_shift_over_esd_max                    ? 
_refine.ls_shift_over_esd_mean                   ? 
_refine.ls_structure_factor_coef                 ? 
_refine.ls_weighting_details                     ? 
_refine.ls_weighting_scheme                      ? 
_refine.ls_wR_factor_all                         ? 
_refine.ls_wR_factor_obs                         ? 
_refine.ls_wR_factor_R_free                      ? 
_refine.ls_wR_factor_R_work                      ? 
_refine.occupancy_max                            ? 
_refine.occupancy_min                            ? 
_refine.solvent_model_details                    ? 
_refine.solvent_model_param_bsol                 ? 
_refine.solvent_model_param_ksol                 ? 
_refine.ls_R_factor_gt                           ? 
_refine.ls_goodness_of_fit_gt                    ? 
_refine.ls_goodness_of_fit_ref                   ? 
_refine.ls_shift_over_su_max                     ? 
_refine.ls_shift_over_su_max_lt                  ? 
_refine.ls_shift_over_su_mean                    ? 
_refine.ls_shift_over_su_mean_lt                 ? 
_refine.pdbx_ls_sigma_I                          ? 
_refine.pdbx_ls_sigma_F                          0.00 
_refine.pdbx_ls_sigma_Fsqd                       ? 
_refine.pdbx_data_cutoff_high_absF               ? 
_refine.pdbx_data_cutoff_high_rms_absF           ? 
_refine.pdbx_data_cutoff_low_absF                ? 
_refine.pdbx_isotropic_thermal_model             ? 
_refine.pdbx_ls_cross_valid_method               'FREE R-VALUE' 
_refine.pdbx_method_to_determine_struct          'MOLECULAR REPLACEMENT' 
_refine.pdbx_starting_model                      'Computational design generated by Foldit software' 
_refine.pdbx_stereochemistry_target_values       ? 
_refine.pdbx_R_Free_selection_details            ? 
_refine.pdbx_stereochem_target_val_spec_case     ? 
_refine.pdbx_overall_ESU_R                       ? 
_refine.pdbx_overall_ESU_R_Free                  ? 
_refine.pdbx_solvent_vdw_probe_radii             1.11 
_refine.pdbx_solvent_ion_probe_radii             ? 
_refine.pdbx_solvent_shrinkage_radii             0.90 
_refine.pdbx_real_space_R                        ? 
_refine.pdbx_density_correlation                 ? 
_refine.pdbx_pd_number_of_powder_patterns        ? 
_refine.pdbx_pd_number_of_points                 ? 
_refine.pdbx_pd_meas_number_of_points            ? 
_refine.pdbx_pd_proc_ls_prof_R_factor            ? 
_refine.pdbx_pd_proc_ls_prof_wR_factor           ? 
_refine.pdbx_pd_Marquardt_correlation_coeff      ? 
_refine.pdbx_pd_Fsqrd_R_factor                   ? 
_refine.pdbx_pd_ls_matrix_band_width             ? 
_refine.pdbx_overall_phase_error                 18.42 
_refine.pdbx_overall_SU_R_free_Cruickshank_DPI   ? 
_refine.pdbx_overall_SU_R_free_Blow_DPI          ? 
_refine.pdbx_overall_SU_R_Blow_DPI               ? 
_refine.pdbx_TLS_residual_ADP_flag               ? 
_refine.pdbx_diffrn_id                           1 
_refine.overall_SU_B                             ? 
_refine.overall_SU_ML                            0.08 
_refine.overall_SU_R_Cruickshank_DPI             ? 
_refine.overall_SU_R_free                        ? 
_refine.overall_FOM_free_R_set                   ? 
_refine.overall_FOM_work_R_set                   ? 
_refine.pdbx_average_fsc_overall                 ? 
_refine.pdbx_average_fsc_work                    ? 
_refine.pdbx_average_fsc_free                    ? 
# 
_refine_hist.pdbx_refine_id                   'X-RAY DIFFRACTION' 
_refine_hist.cycle_id                         LAST 
_refine_hist.pdbx_number_atoms_protein        551 
_refine_hist.pdbx_number_atoms_nucleic_acid   0 
_refine_hist.pdbx_number_atoms_ligand         0 
_refine_hist.number_atoms_solvent             116 
_refine_hist.number_atoms_total               667 
_refine_hist.d_res_high                       1.180 
_refine_hist.d_res_low                        28.916 
# 
loop_
_refine_ls_restr.pdbx_refine_id 
_refine_ls_restr.criterion 
_refine_ls_restr.dev_ideal 
_refine_ls_restr.dev_ideal_target 
_refine_ls_restr.number 
_refine_ls_restr.rejects 
_refine_ls_restr.type 
_refine_ls_restr.weight 
_refine_ls_restr.pdbx_restraint_function 
'X-RAY DIFFRACTION' ? 0.008  ? 582 ? f_bond_d           ? ? 
'X-RAY DIFFRACTION' ? 0.833  ? 781 ? f_angle_d          ? ? 
'X-RAY DIFFRACTION' ? 18.886 ? 232 ? f_dihedral_angle_d ? ? 
'X-RAY DIFFRACTION' ? 0.075  ? 86  ? f_chiral_restr     ? ? 
'X-RAY DIFFRACTION' ? 0.004  ? 102 ? f_plane_restr      ? ? 
# 
loop_
_refine_ls_shell.pdbx_refine_id 
_refine_ls_shell.d_res_high 
_refine_ls_shell.d_res_low 
_refine_ls_shell.number_reflns_all 
_refine_ls_shell.number_reflns_obs 
_refine_ls_shell.number_reflns_R_free 
_refine_ls_shell.number_reflns_R_work 
_refine_ls_shell.percent_reflns_obs 
_refine_ls_shell.percent_reflns_R_free 
_refine_ls_shell.R_factor_all 
_refine_ls_shell.R_factor_obs 
_refine_ls_shell.R_factor_R_free 
_refine_ls_shell.R_factor_R_free_error 
_refine_ls_shell.R_factor_R_work 
_refine_ls_shell.redundancy_reflns_all 
_refine_ls_shell.redundancy_reflns_obs 
_refine_ls_shell.wR_factor_all 
_refine_ls_shell.wR_factor_obs 
_refine_ls_shell.wR_factor_R_free 
_refine_ls_shell.wR_factor_R_work 
_refine_ls_shell.pdbx_total_number_of_bins_used 
_refine_ls_shell.pdbx_phase_error 
_refine_ls_shell.pdbx_fsc_work 
_refine_ls_shell.pdbx_fsc_free 
'X-RAY DIFFRACTION' 1.1801 1.2120  . . 134 1220 88.00 . . . 0.1712 . 0.1296 . . . . . . . . . . 
'X-RAY DIFFRACTION' 1.2120 1.2476  . . 132 1189 88.00 . . . 0.2107 . 0.1289 . . . . . . . . . . 
'X-RAY DIFFRACTION' 1.2476 1.2879  . . 135 1219 90.00 . . . 0.1953 . 0.1369 . . . . . . . . . . 
'X-RAY DIFFRACTION' 1.2879 1.3339  . . 141 1253 91.00 . . . 0.1703 . 0.1315 . . . . . . . . . . 
'X-RAY DIFFRACTION' 1.3339 1.3873  . . 139 1237 92.00 . . . 0.1737 . 0.1324 . . . . . . . . . . 
'X-RAY DIFFRACTION' 1.3873 1.4505  . . 139 1252 92.00 . . . 0.1918 . 0.1232 . . . . . . . . . . 
'X-RAY DIFFRACTION' 1.4505 1.5269  . . 137 1243 93.00 . . . 0.1563 . 0.1178 . . . . . . . . . . 
'X-RAY DIFFRACTION' 1.5269 1.6226  . . 144 1290 94.00 . . . 0.1492 . 0.1242 . . . . . . . . . . 
'X-RAY DIFFRACTION' 1.6226 1.7479  . . 141 1280 94.00 . . . 0.1625 . 0.1255 . . . . . . . . . . 
'X-RAY DIFFRACTION' 1.7479 1.9237  . . 144 1288 95.00 . . . 0.1734 . 0.1409 . . . . . . . . . . 
'X-RAY DIFFRACTION' 1.9237 2.2020  . . 145 1300 95.00 . . . 0.1402 . 0.1254 . . . . . . . . . . 
'X-RAY DIFFRACTION' 2.2020 2.7739  . . 145 1315 96.00 . . . 0.1838 . 0.1598 . . . . . . . . . . 
'X-RAY DIFFRACTION' 2.7739 28.9244 . . 153 1364 97.00 . . . 0.2144 . 0.1719 . . . . . . . . . . 
# 
_struct.entry_id                     6MRR 
_struct.title                        'De novo designed protein Foldit1' 
_struct.pdbx_model_details           ? 
_struct.pdbx_formula_weight          ? 
_struct.pdbx_formula_weight_method   ? 
_struct.pdbx_model_type_details      ? 
_struct.pdbx_CASP_flag               N 
# 
_struct_keywords.entry_id        6MRR 
_struct_keywords.text            'De novo protein, Foldit' 
_struct_keywords.pdbx_keywords   'DE NOVO PROTEIN' 
# 
loop_
_struct_asym.id 
_struct_asym.pdbx_blank_PDB_chainid_flag 
_struct_asym.pdbx_modified 
_struct_asym.entity_id 
_struct_asym.details 
A N N 1 ? 
B N N 2 ? 
# 
_struct_ref.id                         1 
_struct_ref.db_name                    PDB 
_struct_ref.db_code                    6MRR 
_struct_ref.pdbx_db_accession          6MRR 
_struct_ref.pdbx_db_isoform            ? 
_struct_ref.entity_id                  1 
_struct_ref.pdbx_seq_one_letter_code   ? 
_struct_ref.pdbx_align_begin           1 
# 
_struct_ref_seq.align_id                      1 
_struct_ref_seq.ref_id                        1 
_struct_ref_seq.pdbx_PDB_id_code              6MRR 
_struct_ref_seq.pdbx_strand_id                A 
_struct_ref_seq.seq_align_beg                 1 
_struct_ref_seq.pdbx_seq_align_beg_ins_code   ? 
_struct_ref_seq.seq_align_end                 68 
_struct_ref_seq.pdbx_seq_align_end_ins_code   ? 
_struct_ref_seq.pdbx_db_accession             6MRR 
_struct_ref_seq.db_align_beg                  1 
_struct_ref_seq.pdbx_db_align_beg_ins_code    ? 
_struct_ref_seq.db_align_end                  68 
_struct_ref_seq.pdbx_db_align_end_ins_code    ? 
_struct_ref_seq.pdbx_auth_seq_align_beg       1 
_struct_ref_seq.pdbx_auth_seq_align_end       68 
# 
_pdbx_struct_assembly.id                   1 
_pdbx_struct_assembly.details              author_and_software_defined_assembly 
_pdbx_struct_assembly.method_details       PISA 
_pdbx_struct_assembly.oligomeric_details   monomeric 
_pdbx_struct_assembly.oligomeric_count     1 
# 
loop_
_pdbx_struct_assembly_prop.biol_id 
_pdbx_struct_assembly_prop.type 
_pdbx_struct_assembly_prop.value 
_pdbx_struct_assembly_prop.details 
1 'ABSA (A^2)' 0    ? 
1 MORE         0    ? 
1 'SSA (A^2)'  4720 ? 
# 
_pdbx_struct_assembly_gen.assembly_id       1 
_pdbx_struct_assembly_gen.oper_expression   1 
_pdbx_struct_assembly_gen.asym_id_list      A,B 
# 
_pdbx_struct_assembly_auth_evidence.id                     1 
_pdbx_struct_assembly_auth_evidence.assembly_id            1 
_pdbx_struct_assembly_auth_evidence.experimental_support   'gel filtration' 
_pdbx_struct_assembly_auth_evidence.details                'Protein elutes as a monodisperse peak at the expected volume' 
# 
_pdbx_struct_oper_list.id                   1 
_pdbx_struct_oper_list.type                 'identity operation' 
_pdbx_struct_oper_list.name                 1_555 
_pdbx_struct_oper_list.symmetry_operation   x,y,z 
_pdbx_struct_oper_list.matrix[1][1]         1.0000000000 
_pdbx_struct_oper_list.matrix[1][2]         0.0000000000 
_pdbx_struct_oper_list.matrix[1][3]         0.0000000000 
_pdbx_struct_oper_list.vector[1]            0.0000000000 
_pdbx_struct_oper_list.matrix[2][1]         0.0000000000 
_pdbx_struct_oper_list.matrix[2][2]         1.0000000000 
_pdbx_struct_oper_list.matrix[2][3]         0.0000000000 
_pdbx_struct_oper_list.vector[2]            0.0000000000 
_pdbx_struct_oper_list.matrix[3][1]         0.0000000000 
_pdbx_struct_oper_list.matrix[3][2]         0.0000000000 
_pdbx_struct_oper_list.matrix[3][3]         1.0000000000 
_pdbx_struct_oper_list.vector[3]            0.0000000000 
# 
loop_
_struct_conf.conf_type_id 
_struct_conf.id 
_struct_conf.pdbx_PDB_helix_id 
_struct_conf.beg_label_comp_id 
_struct_conf.beg_label_asym_id 
_struct_conf.beg_label_seq_id 
_struct_conf.pdbx_beg_PDB_ins_code 
_struct_conf.end_label_comp_id 
_struct_conf.end_label_asym_id 
_struct_conf.end_label_seq_id 
_struct_conf.pdbx_end_PDB_ins_code 
_struct_conf.beg_auth_comp_id 
_struct_conf.beg_auth_asym_id 
_struct_conf.beg_auth_seq_id 
_struct_conf.end_auth_comp_id 
_struct_conf.end_auth_asym_id 
_struct_conf.end_auth_seq_id 
_struct_conf.pdbx_PDB_helix_class 
_struct_conf.details 
_struct_conf.pdbx_PDB_helix_length 
HELX_P HELX_P1 AA1 SER A 3  ? GLY A 21 ? SER A 3  GLY A 21 1 ? 19 
HELX_P HELX_P2 AA2 THR A 42 ? LYS A 59 ? THR A 42 LYS A 59 1 ? 18 
# 
_struct_conf_type.id          HELX_P 
_struct_conf_type.criteria    ? 
_struct_conf_type.reference   ? 
# 
_struct_sheet.id               AA1 
_struct_sheet.type             ? 
_struct_sheet.number_strands   3 
_struct_sheet.details          ? 
# 
loop_
_struct_sheet_order.sheet_id 
_struct_sheet_order.range_id_1 
_struct_sheet_order.range_id_2 
_struct_sheet_order.offset 
_struct_sheet_order.sense 
AA1 1 2 ? anti-parallel 
AA1 2 3 ? parallel      
# 
loop_
_struct_sheet_range.sheet_id 
_struct_sheet_range.id 
_struct_sheet_range.beg_label_comp_id 
_struct_sheet_range.beg_label_asym_id 
_struct_sheet_range.beg_label_seq_id 
_struct_sheet_range.pdbx_beg_PDB_ins_code 
_struct_sheet_range.end_label_comp_id 
_struct_sheet_range.end_label_asym_id 
_struct_sheet_range.end_label_seq_id 
_struct_sheet_range.pdbx_end_PDB_ins_code 
_struct_sheet_range.beg_auth_comp_id 
_struct_sheet_range.beg_auth_asym_id 
_struct_sheet_range.beg_auth_seq_id 
_struct_sheet_range.end_auth_comp_id 
_struct_sheet_range.end_auth_asym_id 
_struct_sheet_range.end_auth_seq_id 
AA1 1 VAL A 25 ? ASP A 30 ? VAL A 25 ASP A 30 
AA1 2 ARG A 33 ? VAL A 38 ? ARG A 33 VAL A 38 
AA1 3 THR A 62 ? ILE A 67 ? THR A 62 ILE A 67 
# 
loop_
_pdbx_struct_sheet_hbond.sheet_id 
_pdbx_struct_sheet_hbond.range_id_1 
_pdbx_struct_sheet_hbond.range_id_2 
_pdbx_struct_sheet_hbond.range_1_label_atom_id 
_pdbx_struct_sheet_hbond.range_1_label_comp_id 
_pdbx_struct_sheet_hbond.range_1_label_asym_id 
_pdbx_struct_sheet_hbond.range_1_label_seq_id 
_pdbx_struct_sheet_hbond.range_1_PDB_ins_code 
_pdbx_struct_sheet_hbond.range_1_auth_atom_id 
_pdbx_struct_sheet_hbond.range_1_auth_comp_id 
_pdbx_struct_sheet_hbond.range_1_auth_asym_id 
_pdbx_struct_sheet_hbond.range_1_auth_seq_id 
_pdbx_struct_sheet_hbond.range_2_label_atom_id 
_pdbx_struct_sheet_hbond.range_2_label_comp_id 
_pdbx_struct_sheet_hbond.range_2_label_asym_id 
_pdbx_struct_sheet_hbond.range_2_label_seq_id 
_pdbx_struct_sheet_hbond.range_2_PDB_ins_code 
_pdbx_struct_sheet_hbond.range_2_auth_atom_id 
_pdbx_struct_sheet_hbond.range_2_auth_comp_id 
_pdbx_struct_sheet_hbond.range_2_auth_asym_id 
_pdbx_struct_sheet_hbond.range_2_auth_seq_id 
AA1 1 2 N ARG A 28 ? N ARG A 28 O GLU A 35 ? O GLU A 35 
AA1 2 3 N LEU A 34 ? N LEU A 34 O ASP A 64 ? O ASP A 64 
# 
loop_
_pdbx_validate_close_contact.id 
_pdbx_validate_close_contact.PDB_model_num 
_pdbx_validate_close_contact.auth_atom_id_1 
_pdbx_validate_close_contact.auth_asym_id_1 
_pdbx_validate_close_contact.auth_comp_id_1 
_pdbx_validate_close_contact.auth_seq_id_1 
_pdbx_validate_close_contact.PDB_ins_code_1 
_pdbx_validate_close_contact.label_alt_id_1 
_pdbx_validate_close_contact.auth_atom_id_2 
_pdbx_validate_close_contact.auth_asym_id_2 
_pdbx_validate_close_contact.auth_comp_id_2 
_pdbx_validate_close_contact.auth_seq_id_2 
_pdbx_validate_close_contact.PDB_ins_code_2 
_pdbx_validate_close_contact.label_alt_id_2 
_pdbx_validate_close_contact.dist 
1 1 HH21 A ARG 47  ? ? O A HOH 102 ? ? 1.55 
2 1 O    A HOH 113 ? ? O A HOH 178 ? ? 1.85 
3 1 O    A HOH 112 ? ? O A HOH 169 ? ? 1.97 
4 1 O    A HOH 104 ? ? O A HOH 135 ? ? 2.04 
5 1 OE1  A GLU 15  ? ? O A HOH 101 ? ? 2.10 
6 1 NH2  A ARG 47  ? ? O A HOH 102 ? ? 2.14 
# 
_pdbx_validate_symm_contact.id                1 
_pdbx_validate_symm_contact.PDB_model_num     1 
_pdbx_validate_symm_contact.auth_atom_id_1    O 
_pdbx_validate_symm_contact.auth_asym_id_1    A 
_pdbx_validate_symm_contact.auth_comp_id_1    HOH 
_pdbx_validate_symm_contact.auth_seq_id_1     168 
_pdbx_validate_symm_contact.PDB_ins_code_1    ? 
_pdbx_validate_symm_contact.label_alt_id_1    ? 
_pdbx_validate_symm_contact.site_symmetry_1   1_555 
_pdbx_validate_symm_contact.auth_atom_id_2    O 
_pdbx_validate_symm_contact.auth_asym_id_2    A 
_pdbx_validate_symm_contact.auth_comp_id_2    HOH 
_pdbx_validate_symm_contact.auth_seq_id_2     202 
_pdbx_validate_symm_contact.PDB_ins_code_2    ? 
_pdbx_validate_symm_contact.label_alt_id_2    ? 
_pdbx_validate_symm_contact.site_symmetry_2   1_655 
_pdbx_validate_symm_contact.dist              2.19 
# 
loop_
_chem_comp_atom.comp_id 
_chem_comp_atom.atom_id 
_chem_comp_atom.type_symbol 
_chem_comp_atom.pdbx_aromatic_flag 
_chem_comp_atom.pdbx_stereo_config 
_chem_comp_atom.pdbx_ordinal 
ARG N    N N N 1   
ARG CA   C N S 2   
ARG C    C N N 3   
ARG O    O N N 4   
ARG CB   C N N 5   
ARG CG   C N N 6   
ARG CD   C N N 7   
ARG NE   N N N 8   
ARG CZ   C N N 9   
ARG NH1  N N N 10  
ARG NH2  N N N 11  
ARG OXT  O N N 12  
ARG H    H N N 13  
ARG H2   H N N 14  
ARG HA   H N N 15  
ARG HB2  H N N 16  
ARG HB3  H N N 17  
ARG HG2  H N N 18  
ARG HG3  H N N 19  
ARG HD2  H N N 20  
ARG HD3  H N N 21  
ARG HE   H N N 22  
ARG HH11 H N N 23  
ARG HH12 H N N 24  
ARG HH21 H N N 25  
ARG HH22 H N N 26  
ARG HXT  H N N 27  
ASN N    N N N 28  
ASN CA   C N S 29  
ASN C    C N N 30  
ASN O    O N N 31  
ASN CB   C N N 32  
ASN CG   C N N 33  
ASN OD1  O N N 34  
ASN ND2  N N N 35  
ASN OXT  O N N 36  
ASN H    H N N 37  
ASN H2   H N N 38  
ASN HA   H N N 39  
ASN HB2  H N N 40  
ASN HB3  H N N 41  
ASN HD21 H N N 42  
ASN HD22 H N N 43  
ASN HXT  H N N 44  
ASP N    N N N 45  
ASP CA   C N S 46  
ASP C    C N N 47  
ASP O    O N N 48  
ASP CB   C N N 49  
ASP CG   C N N 50  
ASP OD1  O N N 51  
ASP OD2  O N N 52  
ASP OXT  O N N 53  
ASP H    H N N 54  
ASP H2   H N N 55  
ASP HA   H N N 56  
ASP HB2  H N N 57  
ASP HB3  H N N 58  
ASP HD2  H N N 59  
ASP HXT  H N N 60  
GLN N    N N N 61  
GLN CA   C N S 62  
GLN C    C N N 63  
GLN O    O N N 64  
GLN CB   C N N 65  
GLN CG   C N N 66  
GLN CD   C N N 67  
GLN OE1  O N N 68  
GLN NE2  N N N 69  
GLN OXT  O N N 70  
GLN H    H N N 71  
GLN H2   H N N 72  
GLN HA   H N N 73  
GLN HB2  H N N 74  
GLN HB3  H N N 75  
GLN HG2  H N N 76  
GLN HG3  H N N 77  
GLN HE21 H N N 78  
GLN HE22 H N N 79  
GLN HXT  H N N 80  
GLU N    N N N 81  
GLU CA   C N S 82  
GLU C    C N N 83  
GLU O    O N N 84  
GLU CB   C N N 85  
GLU CG   C N N 86  
GLU CD   C N N 87  
GLU OE1  O N N 88  
GLU OE2  O N N 89  
GLU OXT  O N N 90  
GLU H    H N N 91  
GLU H2   H N N 92  
GLU HA   H N N 93  
GLU HB2  H N N 94  
GLU HB3  H N N 95  
GLU HG2  H N N 96  
GLU HG3  H N N 97  
GLU HE2  H N N 98  
GLU HXT  H N N 99  
GLY N    N N N 100 
GLY CA   C N N 101 
GLY C    C N N 102 
GLY O    O N N 103 
GLY OXT  O N N 104 
GLY H    H N N 105 
GLY H2   H N N 106 
GLY HA2  H N N 107 
GLY HA3  H N N 108 
GLY HXT  H N N 109 
HIS N    N N N 110 
HIS CA   C N S 111 
HIS C    C N N 112 
HIS O    O N N 113 
HIS CB   C N N 114 
HIS CG   C Y N 115 
HIS ND1  N Y N 116 
HIS CD2  C Y N 117 
HIS CE1  C Y N 118 
HIS NE2  N Y N 119 
HIS OXT  O N N 120 
HIS H    H N N 121 
HIS H2   H N N 122 
HIS HA   H N N 123 
HIS HB2  H N N 124 
HIS HB3  H N N 125 
HIS HD1  H N N 126 
HIS HD2  H N N 127 
HIS HE1  H N N 128 
HIS HE2  H N N 129 
HIS HXT  H N N 130 
HOH O    O N N 131 
HOH H1   H N N 132 
HOH H2   H N N 133 
ILE N    N N N 134 
ILE CA   C N S 135 
ILE C    C N N 136 
ILE O    O N N 137 
ILE CB   C N S 138 
ILE CG1  C N N 139 
ILE CG2  C N N 140 
ILE CD1  C N N 141 
ILE OXT  O N N 142 
ILE H    H N N 143 
ILE H2   H N N 144 
ILE HA   H N N 145 
ILE HB   H N N 146 
ILE HG12 H N N 147 
ILE HG13 H N N 148 
ILE HG21 H N N 149 
ILE HG22 H N N 150 
ILE HG23 H N N 151 
ILE HD11 H N N 152 
ILE HD12 H N N 153 
ILE HD13 H N N 154 
ILE HXT  H N N 155 
LEU N    N N N 156 
LEU CA   C N S 157 
LEU C    C N N 158 
LEU O    O N N 159 
LEU CB   C N N 160 
LEU CG   C N N 161 
LEU CD1  C N N 162 
LEU CD2  C N N 163 
LEU OXT  O N N 164 
LEU H    H N N 165 
LEU H2   H N N 166 
LEU HA   H N N 167 
LEU HB2  H N N 168 
LEU HB3  H N N 169 
LEU HG   H N N 170 
LEU HD11 H N N 171 
LEU HD12 H N N 172 
LEU HD13 H N N 173 
LEU HD21 H N N 174 
LEU HD22 H N N 175 
LEU HD23 H N N 176 
LEU HXT  H N N 177 
LYS N    N N N 178 
LYS CA   C N S 179 
LYS C    C N N 180 
LYS O    O N N 181 
LYS CB   C N N 182 
LYS CG   C N N 183 
LYS CD   C N N 184 
LYS CE   C N N 185 
LYS NZ   N N N 186 
LYS OXT  O N N 187 
LYS H    H N N 188 
LYS H2   H N N 189 
LYS HA   H N N 190 
LYS HB2  H N N 191 
LYS HB3  H N N 192 
LYS HG2  H N N 193 
LYS HG3  H N N 194 
LYS HD2  H N N 195 
LYS HD3  H N N 196 
LYS HE2  H N N 197 
LYS HE3  H N N 198 
LYS HZ1  H N N 199 
LYS HZ2  H N N 200 
LYS HZ3  H N N 201 
LYS HXT  H N N 202 
PHE N    N N N 203 
PHE CA   C N S 204 
PHE C    C N N 205 
PHE O    O N N 206 
PHE CB   C N N 207 
PHE CG   C Y N 208 
PHE CD1  C Y N 209 
PHE CD2  C Y N 210 
PHE CE1  C Y N 211 
PHE CE2  C Y N 212 
PHE CZ   C Y N 213 
PHE OXT  O N N 214 
PHE H    H N N 215 
PHE H2   H N N 216 
PHE HA   H N N 217 
PHE HB2  H N N 218 
PHE HB3  H N N 219 
PHE HD1  H N N 220 
PHE HD2  H N N 221 
PHE HE1  H N N 222 
PHE HE2  H N N 223 
PHE HZ   H N N 224 
PHE HXT  H N N 225 
SER N    N N N 226 
SER CA   C N S 227 
SER C    C N N 228 
SER O    O N N 229 
SER CB   C N N 230 
SER OG   O N N 231 
SER OXT  O N N 232 
SER H    H N N 233 
SER H2   H N N 234 
SER HA   H N N 235 
SER HB2  H N N 236 
SER HB3  H N N 237 
SER HG   H N N 238 
SER HXT  H N N 239 
THR N    N N N 240 
THR CA   C N S 241 
THR C    C N N 242 
THR O    O N N 243 
THR CB   C N R 244 
THR OG1  O N N 245 
THR CG2  C N N 246 
THR OXT  O N N 247 
THR H    H N N 248 
THR H2   H N N 249 
THR HA   H N N 250 
THR HB   H N N 251 
THR HG1  H N N 252 
THR HG21 H N N 253 
THR HG22 H N N 254 
THR HG23 H N N 255 
THR HXT  H N N 256 
TRP N    N N N 257 
TRP CA   C N S 258 
TRP C    C N N 259 
TRP O    O N N 260 
TRP CB   C N N 261 
TRP CG   C Y N 262 
TRP CD1  C Y N 263 
TRP CD2  C Y N 264 
TRP NE1  N Y N 265 
TRP CE2  C Y N 266 
TRP CE3  C Y N 267 
TRP CZ2  C Y N 268 
TRP CZ3  C Y N 269 
TRP CH2  C Y N 270 
TRP OXT  O N N 271 
TRP H    H N N 272 
TRP H2   H N N 273 
TRP HA   H N N 274 
TRP HB2  H N N 275 
TRP HB3  H N N 276 
TRP HD1  H N N 277 
TRP HE1  H N N 278 
TRP HE3  H N N 279 
TRP HZ2  H N N 280 
TRP HZ3  H N N 281 
TRP HH2  H N N 282 
TRP HXT  H N N 283 
TYR N    N N N 284 
TYR CA   C N S 285 
TYR C    C N N 286 
TYR O    O N N 287 
TYR CB   C N N 288 
TYR CG   C Y N 289 
TYR CD1  C Y N 290 
TYR CD2  C Y N 291 
TYR CE1  C Y N 292 
TYR CE2  C Y N 293 
TYR CZ   C Y N 294 
TYR OH   O N N 295 
TYR OXT  O N N 296 
TYR H    H N N 297 
TYR H2   H N N 298 
TYR HA   H N N 299 
TYR HB2  H N N 300 
TYR HB3  H N N 301 
TYR HD1  H N N 302 
TYR HD2  H N N 303 
TYR HE1  H N N 304 
TYR HE2  H N N 305 
TYR HH   H N N 306 
TYR HXT  H N N 307 
VAL N    N N N 308 
VAL CA   C N S 309 
VAL C    C N N 310 
VAL O    O N N 311 
VAL CB   C N N 312 
VAL CG1  C N N 313 
VAL CG2  C N N 314 
VAL OXT  O N N 315 
VAL H    H N N 316 
VAL H2   H N N 317 
VAL HA   H N N 318 
VAL HB   H N N 319 
VAL HG11 H N N 320 
VAL HG12 H N N 321 
VAL HG13 H N N 322 
VAL HG21 H N N 323 
VAL HG22 H N N 324 
VAL HG23 H N N 325 
VAL HXT  H N N 326 
# 
loop_
_chem_comp_bond.comp_id 
_chem_comp_bond.atom_id_1 
_chem_comp_bond.atom_id_2 
_chem_comp_bond.value_order 
_chem_comp_bond.pdbx_aromatic_flag 
_chem_comp_bond.pdbx_stereo_config 
_chem_comp_bond.pdbx_ordinal 
ARG N   CA   sing N N 1   
ARG N   H    sing N N 2   
ARG N   H2   sing N N 3   
ARG CA  C    sing N N 4   
ARG CA  CB   sing N N 5   
ARG CA  HA   sing N N 6   
ARG C   O    doub N N 7   
ARG C   OXT  sing N N 8   
ARG CB  CG   sing N N 9   
ARG CB  HB2  sing N N 10  
ARG CB  HB3  sing N N 11  
ARG CG  CD   sing N N 12  
ARG CG  HG2  sing N N 13  
ARG CG  HG3  sing N N 14  
ARG CD  NE   sing N N 15  
ARG CD  HD2  sing N N 16  
ARG CD  HD3  sing N N 17  
ARG NE  CZ   sing N N 18  
ARG NE  HE   sing N N 19  
ARG CZ  NH1  sing N N 20  
ARG CZ  NH2  doub N N 21  
ARG NH1 HH11 sing N N 22  
ARG NH1 HH12 sing N N 23  
ARG NH2 HH21 sing N N 24  
ARG NH2 HH22 sing N N 25  
ARG OXT HXT  sing N N 26  
ASN N   CA   sing N N 27  
ASN N   H    sing N N 28  
ASN N   H2   sing N N 29  
ASN CA  C    sing N N 30  
ASN CA  CB   sing N N 31  
ASN CA  HA   sing N N 32  
ASN C   O    doub N N 33  
ASN C   OXT  sing N N 34  
ASN CB  CG   sing N N 35  
ASN CB  HB2  sing N N 36  
ASN CB  HB3  sing N N 37  
ASN CG  OD1  doub N N 38  
ASN CG  ND2  sing N N 39  
ASN ND2 HD21 sing N N 40  
ASN ND2 HD22 sing N N 41  
ASN OXT HXT  sing N N 42  
ASP N   CA   sing N N 43  
ASP N   H    sing N N 44  
ASP N   H2   sing N N 45  
ASP CA  C    sing N N 46  
ASP CA  CB   sing N N 47  
ASP CA  HA   sing N N 48  
ASP C   O    doub N N 49  
ASP C   OXT  sing N N 50  
ASP CB  CG   sing N N 51  
ASP CB  HB2  sing N N 52  
ASP CB  HB3  sing N N 53  
ASP CG  OD1  doub N N 54  
ASP CG  OD2  sing N N 55  
ASP OD2 HD2  sing N N 56  
ASP OXT HXT  sing N N 57  
GLN N   CA   sing N N 58  
GLN N   H    sing N N 59  
GLN N   H2   sing N N 60  
GLN CA  C    sing N N 61  
GLN CA  CB   sing N N 62  
GLN CA  HA   sing N N 63  
GLN C   O    doub N N 64  
GLN C   OXT  sing N N 65  
GLN CB  CG   sing N N 66  
GLN CB  HB2  sing N N 67  
GLN CB  HB3  sing N N 68  
GLN CG  CD   sing N N 69  
GLN CG  HG2  sing N N 70  
GLN CG  HG3  sing N N 71  
GLN CD  OE1  doub N N 72  
GLN CD  NE2  sing N N 73  
GLN NE2 HE21 sing N N 74  
GLN NE2 HE22 sing N N 75  
GLN OXT HXT  sing N N 76  
GLU N   CA   sing N N 77  
GLU N   H    sing N N 78  
GLU N   H2   sing N N 79  
GLU CA  C    sing N N 80  
GLU CA  CB   sing N N 81  
GLU CA  HA   sing N N 82  
GLU C   O    doub N N 83  
GLU C   OXT  sing N N 84  
GLU CB  CG   sing N N 85  
GLU CB  HB2  sing N N 86  
GLU CB  HB3  sing N N 87  
GLU CG  CD   sing N N 88  
GLU CG  HG2  sing N N 89  
GLU CG  HG3  sing N N 90  
GLU CD  OE1  doub N N 91  
GLU CD  OE2  sing N N 92  
GLU OE2 HE2  sing N N 93  
GLU OXT HXT  sing N N 94  
GLY N   CA   sing N N 95  
GLY N   H    sing N N 96  
GLY N   H2   sing N N 97  
GLY CA  C    sing N N 98  
GLY CA  HA2  sing N N 99  
GLY CA  HA3  sing N N 100 
GLY C   O    doub N N 101 
GLY C   OXT  sing N N 102 
GLY OXT HXT  sing N N 103 
HIS N   CA   sing N N 104 
HIS N   H    sing N N 105 
HIS N   H2   sing N N 106 
HIS CA  C    sing N N 107 
HIS CA  CB   sing N N 108 
HIS CA  HA   sing N N 109 
HIS C   O    doub N N 110 
HIS C   OXT  sing N N 111 
HIS CB  CG   sing N N 112 
HIS CB  HB2  sing N N 113 
HIS CB  HB3  sing N N 114 
HIS CG  ND1  sing Y N 115 
HIS CG  CD2  doub Y N 116 
HIS ND1 CE1  doub Y N 117 
HIS ND1 HD1  sing N N 118 
HIS CD2 NE2  sing Y N 119 
HIS CD2 HD2  sing N N 120 
HIS CE1 NE2  sing Y N 121 
HIS CE1 HE1  sing N N 122 
HIS NE2 HE2  sing N N 123 
HIS OXT HXT  sing N N 124 
HOH O   H1   sing N N 125 
HOH O   H2   sing N N 126 
ILE N   CA   sing N N 127 
ILE N   H    sing N N 128 
ILE N   H2   sing N N 129 
ILE CA  C    sing N N 130 
ILE CA  CB   sing N N 131 
ILE CA  HA   sing N N 132 
ILE C   O    doub N N 133 
ILE C   OXT  sing N N 134 
ILE CB  CG1  sing N N 135 
ILE CB  CG2  sing N N 136 
ILE CB  HB   sing N N 137 
ILE CG1 CD1  sing N N 138 
ILE CG1 HG12 sing N N 139 
ILE CG1 HG13 sing N N 140 
ILE CG2 HG21 sing N N 141 
ILE CG2 HG22 sing N N 142 
ILE CG2 HG23 sing N N 143 
ILE CD1 HD11 sing N N 144 
ILE CD1 HD12 sing N N 145 
ILE CD1 HD13 sing N N 146 
ILE OXT HXT  sing N N 147 
LEU N   CA   sing N N 148 
LEU N   H    sing N N 149 
LEU N   H2   sing N N 150 
LEU CA  C    sing N N 151 
LEU CA  CB   sing N N 152 
LEU CA  HA   sing N N 153 
LEU C   O    doub N N 154 
LEU C   OXT  sing N N 155 
LEU CB  CG   sing N N 156 
LEU CB  HB2  sing N N 157 
LEU CB  HB3  sing N N 158 
LEU CG  CD1  sing N N 159 
LEU CG  CD2  sing N N 160 
LEU CG  HG   sing N N 161 
LEU CD1 HD11 sing N N 162 
LEU CD1 HD12 sing N N 163 
LEU CD1 HD13 sing N N 164 
LEU CD2 HD21 sing N N 165 
LEU CD2 HD22 sing N N 166 
LEU CD2 HD23 sing N N 167 
LEU OXT HXT  sing N N 168 
LYS N   CA   sing N N 169 
LYS N   H    sing N N 170 
LYS N   H2   sing N N 171 
LYS CA  C    sing N N 172 
LYS CA  CB   sing N N 173 
LYS CA  HA   sing N N 174 
LYS C   O    doub N N 175 
LYS C   OXT  sing N N 176 
LYS CB  CG   sing N N 177 
LYS CB  HB2  sing N N 178 
LYS CB  HB3  sing N N 179 
LYS CG  CD   sing N N 180 
LYS CG  HG2  sing N N 181 
LYS CG  HG3  sing N N 182 
LYS CD  CE   sing N N 183 
LYS CD  HD2  sing N N 184 
LYS CD  HD3  sing N N 185 
LYS CE  NZ   sing N N 186 
LYS CE  HE2  sing N N 187 
LYS CE  HE3  sing N N 188 
LYS NZ  HZ1  sing N N 189 
LYS NZ  HZ2  sing N N 190 
LYS NZ  HZ3  sing N N 191 
LYS OXT HXT  sing N N 192 
PHE N   CA   sing N N 193 
PHE N   H    sing N N 194 
PHE N   H2   sing N N 195 
PHE CA  C    sing N N 196 
PHE CA  CB   sing N N 197 
PHE CA  HA   sing N N 198 
PHE C   O    doub N N 199 
PHE C   OXT  sing N N 200 
PHE CB  CG   sing N N 201 
PHE CB  HB2  sing N N 202 
PHE CB  HB3  sing N N 203 
PHE CG  CD1  doub Y N 204 
PHE CG  CD2  sing Y N 205 
PHE CD1 CE1  sing Y N 206 
PHE CD1 HD1  sing N N 207 
PHE CD2 CE2  doub Y N 208 
PHE CD2 HD2  sing N N 209 
PHE CE1 CZ   doub Y N 210 
PHE CE1 HE1  sing N N 211 
PHE CE2 CZ   sing Y N 212 
PHE CE2 HE2  sing N N 213 
PHE CZ  HZ   sing N N 214 
PHE OXT HXT  sing N N 215 
SER N   CA   sing N N 216 
SER N   H    sing N N 217 
SER N   H2   sing N N 218 
SER CA  C    sing N N 219 
SER CA  CB   sing N N 220 
SER CA  HA   sing N N 221 
SER C   O    doub N N 222 
SER C   OXT  sing N N 223 
SER CB  OG   sing N N 224 
SER CB  HB2  sing N N 225 
SER CB  HB3  sing N N 226 
SER OG  HG   sing N N 227 
SER OXT HXT  sing N N 228 
THR N   CA   sing N N 229 
THR N   H    sing N N 230 
THR N   H2   sing N N 231 
THR CA  C    sing N N 232 
THR CA  CB   sing N N 233 
THR CA  HA   sing N N 234 
THR C   O    doub N N 235 
THR C   OXT  sing N N 236 
THR CB  OG1  sing N N 237 
THR CB  CG2  sing N N 238 
THR CB  HB   sing N N 239 
THR OG1 HG1  sing N N 240 
THR CG2 HG21 sing N N 241 
THR CG2 HG22 sing N N 242 
THR CG2 HG23 sing N N 243 
THR OXT HXT  sing N N 244 
TRP N   CA   sing N N 245 
TRP N   H    sing N N 246 
TRP N   H2   sing N N 247 
TRP CA  C    sing N N 248 
TRP CA  CB   sing N N 249 
TRP CA  HA   sing N N 250 
TRP C   O    doub N N 251 
TRP C   OXT  sing N N 252 
TRP CB  CG   sing N N 253 
TRP CB  HB2  sing N N 254 
TRP CB  HB3  sing N N 255 
TRP CG  CD1  doub Y N 256 
TRP CG  CD2  sing Y N 257 
TRP CD1 NE1  sing Y N 258 
TRP CD1 HD1  sing N N 259 
TRP CD2 CE2  doub Y N 260 
TRP CD2 CE3  sing Y N 261 
TRP NE1 CE2  sing Y N 262 
TRP NE1 HE1  sing N N 263 
TRP CE2 CZ2  sing Y N 264 
TRP CE3 CZ3  doub Y N 265 
TRP CE3 HE3  sing N N 266 
TRP CZ2 CH2  doub Y N 267 
TRP CZ2 HZ2  sing N N 268 
TRP CZ3 CH2  sing Y N 269 
TRP CZ3 HZ3  sing N N 270 
TRP CH2 HH2  sing N N 271 
TRP OXT HXT  sing N N 272 
TYR N   CA   sing N N 273 
TYR N   H    sing N N 274 
TYR N   H2   sing N N 275 
TYR CA  C    sing N N 276 
TYR CA  CB   sing N N 277 
TYR CA  HA   sing N N 278 
TYR C   O    doub N N 279 
TYR C   OXT  sing N N 280 
TYR CB  CG   sing N N 281 
TYR CB  HB2  sing N N 282 
TYR CB  HB3  sing N N 283 
TYR CG  CD1  doub Y N 284 
TYR CG  CD2  sing Y N 285 
TYR CD1 CE1  sing Y N 286 
TYR CD1 HD1  sing N N 287 
TYR CD2 CE2  doub Y N 288 
TYR CD2 HD2  sing N N 289 
TYR CE1 CZ   doub Y N 290 
TYR CE1 HE1  sing N N 291 
TYR CE2 CZ   sing Y N 292 
TYR CE2 HE2  sing N N 293 
TYR CZ  OH   sing N N 294 
TYR OH  HH   sing N N 295 
TYR OXT HXT  sing N N 296 
VAL N   CA   sing N N 297 
VAL N   H    sing N N 298 
VAL N   H2   sing N N 299 
VAL CA  C    sing N N 300 
VAL CA  CB   sing N N 301 
VAL CA  HA   sing N N 302 
VAL C   O    doub N N 303 
VAL C   OXT  sing N N 304 
VAL CB  CG1  sing N N 305 
VAL CB  CG2  sing N N 306 
VAL CB  HB   sing N N 307 
VAL CG1 HG11 sing N N 308 
VAL CG1 HG12 sing N N 309 
VAL CG1 HG13 sing N N 310 
VAL CG2 HG21 sing N N 311 
VAL CG2 HG22 sing N N 312 
VAL CG2 HG23 sing N N 313 
VAL OXT HXT  sing N N 314 
# 
loop_
_pdbx_audit_support.funding_organization 
_pdbx_audit_support.country 
_pdbx_audit_support.grant_number 
_pdbx_audit_support.ordinal 
'Howard Hughes Medical Institute (HHMI)'           'United States' ?           1 
'National Science Foundation (NSF, United States)' 'United States' DGE-1256082 2 
# 
_pdbx_initial_refinement_model.accession_code   ? 
_pdbx_initial_refinement_model.id               1 
_pdbx_initial_refinement_model.entity_id_list   ? 
_pdbx_initial_refinement_model.type             'in silico model' 
_pdbx_initial_refinement_model.source_name      Other 
_pdbx_initial_refinement_model.details          'Computational design generated by Foldit software' 
# 
_atom_sites.entry_id                    6MRR 
_atom_sites.fract_transf_matrix[1][1]   0.02248310 
_atom_sites.fract_transf_matrix[1][2]   0.00136105 
_atom_sites.fract_transf_matrix[1][3]   -0.03557637 
_atom_sites.fract_transf_matrix[2][1]   0.00168951 
_atom_sites.fract_transf_matrix[2][2]   0.02279933 
_atom_sites.fract_transf_matrix[2][3]   0.00193995 
_atom_sites.fract_transf_matrix[3][1]   0.03165909 
_atom_sites.fract_transf_matrix[3][2]   -0.00349235 
_atom_sites.fract_transf_matrix[3][3]   0.01347180 
_atom_sites.fract_transf_vector[1]      -0.448164 
_atom_sites.fract_transf_vector[2]      -0.142232 
_atom_sites.fract_transf_vector[3]      -0.088409 
# 
loop_
_atom_type.symbol 
C 
H 
N 
O 
# 
loop_
_atom_site.group_PDB 
_atom_site.id 
_atom_site.type_symbol 
_atom_site.label_atom_id 
_atom_site.label_alt_id 
_atom_site.label_comp_id 
_atom_site.label_asym_id 
_atom_site.label_entity_id 
_atom_site.label_seq_id 
_atom_site.pdbx_PDB_ins_code 
_atom_site.Cartn_x 
_atom_site.Cartn_y 
_atom_site.Cartn_z 
_atom_site.occupancy 
_atom_site.B_iso_or_equiv 
_atom_site.pdbx_formal_charge 
_atom_site.auth_seq_id 
_atom_site.auth_comp_id 
_atom_site.auth_asym_id 
_atom_site.auth_atom_id 
_atom_site.pdbx_PDB_model_num 
ATOM   1    N N    . GLY A 1 1  ? 12.736  9.017   11.143  1.00 27.22 ? 1   GLY A N    1 
ATOM   2    C CA   . GLY A 1 1  ? 11.884  7.789   11.084  1.00 28.17 ? 1   GLY A CA   1 
ATOM   3    C C    . GLY A 1 1  ? 11.171  7.668   9.756   1.00 27.96 ? 1   GLY A C    1 
ATOM   4    O O    . GLY A 1 1  ? 10.037  7.209   9.648   1.00 32.98 ? 1   GLY A O    1 
ATOM   5    H H1   . GLY A 1 1  ? 13.023  9.138   11.977  1.00 32.67 ? 1   GLY A H1   1 
ATOM   6    H H2   . GLY A 1 1  ? 13.435  8.920   10.600  1.00 32.67 ? 1   GLY A H2   1 
ATOM   7    H H3   . GLY A 1 1  ? 12.257  9.722   10.887  1.00 32.67 ? 1   GLY A H3   1 
ATOM   8    H HA2  . GLY A 1 1  ? 12.439  7.004   11.208  1.00 33.81 ? 1   GLY A HA2  1 
ATOM   9    H HA3  . GLY A 1 1  ? 11.220  7.822   11.789  1.00 33.81 ? 1   GLY A HA3  1 
ATOM   10   N N    . TRP A 1 2  ? 11.906  8.055   8.730   1.00 22.10 ? 2   TRP A N    1 
ATOM   11   C CA   . TRP A 1 2  ? 11.402  8.308   7.397   1.00 17.82 ? 2   TRP A CA   1 
ATOM   12   C C    . TRP A 1 2  ? 12.150  7.386   6.459   1.00 14.37 ? 2   TRP A C    1 
ATOM   13   O O    . TRP A 1 2  ? 13.383  7.344   6.500   1.00 15.93 ? 2   TRP A O    1 
ATOM   14   C CB   . TRP A 1 2  ? 11.771  9.756   7.143   1.00 17.81 ? 2   TRP A CB   1 
ATOM   15   C CG   . TRP A 1 2  ? 11.210  10.316  5.978   1.00 18.71 ? 2   TRP A CG   1 
ATOM   16   C CD1  . TRP A 1 2  ? 11.776  10.350  4.754   1.00 21.78 ? 2   TRP A CD1  1 
ATOM   17   C CD2  . TRP A 1 2  ? 9.948   10.976  5.872   1.00 19.76 ? 2   TRP A CD2  1 
ATOM   18   N NE1  . TRP A 1 2  ? 10.945  10.980  3.876   1.00 20.71 ? 2   TRP A NE1  1 
ATOM   19   C CE2  . TRP A 1 2  ? 9.817   11.389  4.540   1.00 19.92 ? 2   TRP A CE2  1 
ATOM   20   C CE3  . TRP A 1 2  ? 8.922   11.268  6.778   1.00 20.03 ? 2   TRP A CE3  1 
ATOM   21   C CZ2  . TRP A 1 2  ? 8.690   12.060  4.075   1.00 19.94 ? 2   TRP A CZ2  1 
ATOM   22   C CZ3  . TRP A 1 2  ? 7.807   11.946  6.319   1.00 21.85 ? 2   TRP A CZ3  1 
ATOM   23   C CH2  . TRP A 1 2  ? 7.702   12.336  4.981   1.00 20.85 ? 2   TRP A CH2  1 
ATOM   24   H H    . TRP A 1 2  ? 12.754  8.185   8.789   1.00 26.53 ? 2   TRP A H    1 
ATOM   25   H HA   . TRP A 1 2  ? 10.455  8.147   7.265   1.00 21.39 ? 2   TRP A HA   1 
ATOM   26   H HB2  . TRP A 1 2  ? 11.469  10.287  7.897   1.00 21.37 ? 2   TRP A HB2  1 
ATOM   27   H HB3  . TRP A 1 2  ? 12.736  9.817   7.061   1.00 21.37 ? 2   TRP A HB3  1 
ATOM   28   H HD1  . TRP A 1 2  ? 12.610  9.996   4.541   1.00 26.13 ? 2   TRP A HD1  1 
ATOM   29   H HE1  . TRP A 1 2  ? 11.103  11.101  3.040   1.00 24.85 ? 2   TRP A HE1  1 
ATOM   30   H HE3  . TRP A 1 2  ? 8.988   11.010  7.670   1.00 24.04 ? 2   TRP A HE3  1 
ATOM   31   H HZ2  . TRP A 1 2  ? 8.611   12.311  3.183   1.00 23.94 ? 2   TRP A HZ2  1 
ATOM   32   H HZ3  . TRP A 1 2  ? 7.118   12.147  6.910   1.00 26.22 ? 2   TRP A HZ3  1 
ATOM   33   H HH2  . TRP A 1 2  ? 6.943   12.793  4.699   1.00 25.02 ? 2   TRP A HH2  1 
ATOM   34   N N    . SER A 1 3  ? 11.420  6.594   5.680   1.00 13.84 ? 3   SER A N    1 
ATOM   35   C CA   . SER A 1 3  ? 12.014  5.607   4.787   1.00 12.56 ? 3   SER A CA   1 
ATOM   36   C C    . SER A 1 3  ? 11.952  6.131   3.357   1.00 13.48 ? 3   SER A C    1 
ATOM   37   O O    . SER A 1 3  ? 10.878  6.194   2.768   1.00 11.86 ? 3   SER A O    1 
ATOM   38   C CB   . SER A 1 3  ? 11.248  4.292   4.893   1.00 13.32 ? 3   SER A CB   1 
ATOM   39   O OG   . SER A 1 3  ? 11.620  3.424   3.839   1.00 13.71 ? 3   SER A OG   1 
ATOM   40   H H    . SER A 1 3  ? 10.561  6.613   5.653   1.00 16.60 ? 3   SER A H    1 
ATOM   41   H HA   . SER A 1 3  ? 12.944  5.470   5.027   1.00 15.07 ? 3   SER A HA   1 
ATOM   42   H HB2  . SER A 1 3  ? 11.455  3.871   5.741   1.00 15.98 ? 3   SER A HB2  1 
ATOM   43   H HB3  . SER A 1 3  ? 10.296  4.473   4.836   1.00 15.98 ? 3   SER A HB3  1 
ATOM   44   H HG   . SER A 1 3  ? 11.242  2.681   3.933   1.00 16.45 ? 3   SER A HG   1 
ATOM   45   N N    . THR A 1 4  ? 13.103  6.487   2.792   1.00 13.28 ? 4   THR A N    1 
ATOM   46   C CA   . THR A 1 4  ? 13.142  6.956   1.412   1.00 15.49 ? 4   THR A CA   1 
ATOM   47   C C    . THR A 1 4  ? 12.429  5.987   0.471   1.00 12.25 ? 4   THR A C    1 
ATOM   48   O O    . THR A 1 4  ? 11.601  6.392   -0.357  1.00 13.31 ? 4   THR A O    1 
ATOM   49   C CB   . THR A 1 4  ? 14.604  7.159   1.012   1.00 18.96 ? 4   THR A CB   1 
ATOM   50   O OG1  . THR A 1 4  ? 15.170  8.184   1.840   1.00 22.30 ? 4   THR A OG1  1 
ATOM   51   C CG2  . THR A 1 4  ? 14.706  7.530   -0.449  1.00 20.18 ? 4   THR A CG2  1 
ATOM   52   H H    . THR A 1 4  ? 13.870  6.467   3.181   1.00 15.94 ? 4   THR A H    1 
ATOM   53   H HA   . THR A 1 4  ? 12.679  7.806   1.337   1.00 18.60 ? 4   THR A HA   1 
ATOM   54   H HB   . THR A 1 4  ? 15.107  6.340   1.136   1.00 22.75 ? 4   THR A HB   1 
ATOM   55   H HG1  . THR A 1 4  ? 15.986  8.279   1.661   1.00 26.76 ? 4   THR A HG1  1 
ATOM   56   H HG21 . THR A 1 4  ? 15.561  7.954   -0.625  1.00 24.22 ? 4   THR A HG21 1 
ATOM   57   H HG22 . THR A 1 4  ? 14.631  6.735   -0.999  1.00 24.22 ? 4   THR A HG22 1 
ATOM   58   H HG23 . THR A 1 4  ? 13.995  8.146   -0.686  1.00 24.22 ? 4   THR A HG23 1 
ATOM   59   N N    . GLU A 1 5  ? 12.732  4.694   0.587   1.00 12.22 ? 5   GLU A N    1 
ATOM   60   C CA   . GLU A 1 5  ? 12.146  3.733   -0.338  1.00 12.49 ? 5   GLU A CA   1 
ATOM   61   C C    . GLU A 1 5  ? 10.644  3.588   -0.111  1.00 10.43 ? 5   GLU A C    1 
ATOM   62   O O    . GLU A 1 5  ? 9.853   3.615   -1.062  1.00 10.52 ? 5   GLU A O    1 
ATOM   63   C CB   . GLU A 1 5  ? 12.846  2.378   -0.211  1.00 17.22 ? 5   GLU A CB   1 
ATOM   64   C CG   . GLU A 1 5  ? 12.288  1.324   -1.145  1.00 21.68 ? 5   GLU A CG   1 
ATOM   65   C CD   . GLU A 1 5  ? 12.714  1.522   -2.588  1.00 26.74 ? 5   GLU A CD   1 
ATOM   66   O OE1  . GLU A 1 5  ? 13.541  2.425   -2.860  1.00 28.97 ? 5   GLU A OE1  1 
ATOM   67   O OE2  . GLU A 1 5  ? 12.223  0.766   -3.453  1.00 27.07 ? 5   GLU A OE2  1 
ATOM   68   H H    . GLU A 1 5  ? 13.260  4.357   1.178   1.00 14.66 ? 5   GLU A H    1 
ATOM   69   H HA   . GLU A 1 5  ? 12.281  4.054   -1.243  1.00 14.99 ? 5   GLU A HA   1 
ATOM   70   H HB2  . GLU A 1 5  ? 13.787  2.492   -0.417  1.00 20.67 ? 5   GLU A HB2  1 
ATOM   71   H HB3  . GLU A 1 5  ? 12.742  2.056   0.698   1.00 20.67 ? 5   GLU A HB3  1 
ATOM   72   H HG2  . GLU A 1 5  ? 12.601  0.452   -0.858  1.00 26.02 ? 5   GLU A HG2  1 
ATOM   73   H HG3  . GLU A 1 5  ? 11.319  1.356   -1.113  1.00 26.02 ? 5   GLU A HG3  1 
ATOM   74   N N    . LEU A 1 6  ? 10.221  3.412   1.138   1.00 10.13 ? 6   LEU A N    1 
ATOM   75   C CA   . LEU A 1 6  ? 8.790   3.238   1.369   1.00 9.72  ? 6   LEU A CA   1 
ATOM   76   C C    . LEU A 1 6  ? 8.013   4.506   1.048   1.00 9.72  ? 6   LEU A C    1 
ATOM   77   O O    . LEU A 1 6  ? 6.859   4.425   0.609   1.00 9.94  ? 6   LEU A O    1 
ATOM   78   C CB   . LEU A 1 6  ? 8.507   2.724   2.775   1.00 10.58 ? 6   LEU A CB   1 
ATOM   79   C CG   . LEU A 1 6  ? 8.971   1.288   3.042   1.00 10.74 ? 6   LEU A CG   1 
ATOM   80   C CD1  . LEU A 1 6  ? 8.660   0.947   4.490   1.00 12.07 ? 6   LEU A CD1  1 
ATOM   81   C CD2  . LEU A 1 6  ? 8.332   0.306   2.099   1.00 11.62 ? 6   LEU A CD2  1 
ATOM   82   H H    . LEU A 1 6  ? 10.717  3.390   1.840   1.00 12.16 ? 6   LEU A H    1 
ATOM   83   H HA   . LEU A 1 6  ? 8.465   2.546   0.772   1.00 11.67 ? 6   LEU A HA   1 
ATOM   84   H HB2  . LEU A 1 6  ? 8.960   3.301   3.409   1.00 12.69 ? 6   LEU A HB2  1 
ATOM   85   H HB3  . LEU A 1 6  ? 7.549   2.753   2.925   1.00 12.69 ? 6   LEU A HB3  1 
ATOM   86   H HG   . LEU A 1 6  ? 9.927   1.217   2.890   1.00 12.89 ? 6   LEU A HG   1 
ATOM   87   H HD11 . LEU A 1 6  ? 8.976   0.049   4.677   1.00 14.48 ? 6   LEU A HD11 1 
ATOM   88   H HD12 . LEU A 1 6  ? 9.109   1.583   5.068   1.00 14.48 ? 6   LEU A HD12 1 
ATOM   89   H HD13 . LEU A 1 6  ? 7.701   0.995   4.626   1.00 14.48 ? 6   LEU A HD13 1 
ATOM   90   H HD21 . LEU A 1 6  ? 8.492   -0.594  2.424   1.00 13.94 ? 6   LEU A HD21 1 
ATOM   91   H HD22 . LEU A 1 6  ? 7.379   0.480   2.061   1.00 13.94 ? 6   LEU A HD22 1 
ATOM   92   H HD23 . LEU A 1 6  ? 8.722   0.414   1.218   1.00 13.94 ? 6   LEU A HD23 1 
ATOM   93   N N    . GLU A 1 7  ? 8.624   5.680   1.211   1.00 10.13 ? 7   GLU A N    1 
ATOM   94   C CA   . GLU A 1 7  ? 7.951   6.906   0.800   1.00 11.17 ? 7   GLU A CA   1 
ATOM   95   C C    . GLU A 1 7  ? 7.735   6.943   -0.706  1.00 10.11 ? 7   GLU A C    1 
ATOM   96   O O    . GLU A 1 7  ? 6.712   7.454   -1.177  1.00 11.22 ? 7   GLU A O    1 
ATOM   97   C CB   . GLU A 1 7  ? 8.745   8.123   1.259   1.00 13.04 ? 7   GLU A CB   1 
ATOM   98   C CG   . GLU A 1 7  ? 8.668   8.352   2.756   1.00 15.43 ? 7   GLU A CG   1 
ATOM   99   C CD   . GLU A 1 7  ? 7.323   8.898   3.212   1.00 17.82 ? 7   GLU A CD   1 
ATOM   100  O OE1  . GLU A 1 7  ? 6.655   9.641   2.447   1.00 19.66 ? 7   GLU A OE1  1 
ATOM   101  O OE2  . GLU A 1 7  ? 6.937   8.583   4.359   1.00 18.76 ? 7   GLU A OE2  1 
ATOM   102  H H    . GLU A 1 7  ? 9.409   5.792   1.548   1.00 12.16 ? 7   GLU A H    1 
ATOM   103  H HA   . GLU A 1 7  ? 7.081   6.939   1.228   1.00 13.40 ? 7   GLU A HA   1 
ATOM   104  H HB2  . GLU A 1 7  ? 9.678   7.997   1.023   1.00 15.65 ? 7   GLU A HB2  1 
ATOM   105  H HB3  . GLU A 1 7  ? 8.394   8.912   0.817   1.00 15.65 ? 7   GLU A HB3  1 
ATOM   106  H HG2  . GLU A 1 7  ? 8.817   7.509   3.210   1.00 18.52 ? 7   GLU A HG2  1 
ATOM   107  H HG3  . GLU A 1 7  ? 9.352   8.992   3.010   1.00 18.52 ? 7   GLU A HG3  1 
ATOM   108  N N    . LYS A 1 8  ? 8.679   6.411   -1.488  1.00 10.27 ? 8   LYS A N    1 
ATOM   109  C CA   . LYS A 1 8  ? 8.465   6.339   -2.931  1.00 12.10 ? 8   LYS A CA   1 
ATOM   110  C C    . LYS A 1 8  ? 7.246   5.486   -3.250  1.00 10.95 ? 8   LYS A C    1 
ATOM   111  O O    . LYS A 1 8  ? 6.406   5.862   -4.075  1.00 11.75 ? 8   LYS A O    1 
ATOM   112  C CB   . LYS A 1 8  ? 9.708   5.786   -3.629  1.00 13.71 ? 8   LYS A CB   1 
ATOM   113  C CG   . LYS A 1 8  ? 9.554   5.695   -5.143  1.00 16.48 ? 8   LYS A CG   1 
ATOM   114  C CD   . LYS A 1 8  ? 10.808  5.198   -5.831  1.00 21.46 ? 8   LYS A CD   1 
ATOM   115  C CE   . LYS A 1 8  ? 11.093  3.756   -5.487  1.00 24.01 ? 8   LYS A CE   1 
ATOM   116  N NZ   . LYS A 1 8  ? 12.176  3.207   -6.348  1.00 26.07 ? 8   LYS A NZ   1 
ATOM   117  H H    . LYS A 1 8  ? 9.431   6.094   -1.217  1.00 12.33 ? 8   LYS A H    1 
ATOM   118  H HA   . LYS A 1 8  ? 8.312   7.234   -3.271  1.00 14.53 ? 8   LYS A HA   1 
ATOM   119  H HB2  . LYS A 1 8  ? 10.461  6.368   -3.439  1.00 16.45 ? 8   LYS A HB2  1 
ATOM   120  H HB3  . LYS A 1 8  ? 9.886   4.893   -3.293  1.00 16.45 ? 8   LYS A HB3  1 
ATOM   121  H HG2  . LYS A 1 8  ? 8.833   5.080   -5.353  1.00 19.78 ? 8   LYS A HG2  1 
ATOM   122  H HG3  . LYS A 1 8  ? 9.349   6.577   -5.494  1.00 19.78 ? 8   LYS A HG3  1 
ATOM   123  H HD2  . LYS A 1 8  ? 10.695  5.266   -6.792  1.00 25.76 ? 8   LYS A HD2  1 
ATOM   124  H HD3  . LYS A 1 8  ? 11.564  5.735   -5.546  1.00 25.76 ? 8   LYS A HD3  1 
ATOM   125  H HE2  . LYS A 1 8  ? 11.376  3.695   -4.561  1.00 28.81 ? 8   LYS A HE2  1 
ATOM   126  H HE3  . LYS A 1 8  ? 10.292  3.227   -5.625  1.00 28.81 ? 8   LYS A HE3  1 
ATOM   127  H HZ1  . LYS A 1 8  ? 12.354  2.367   -6.113  1.00 31.29 ? 8   LYS A HZ1  1 
ATOM   128  H HZ2  . LYS A 1 8  ? 11.923  3.220   -7.201  1.00 31.29 ? 8   LYS A HZ2  1 
ATOM   129  H HZ3  . LYS A 1 8  ? 12.914  3.696   -6.258  1.00 31.29 ? 8   LYS A HZ3  1 
ATOM   130  N N    . HIS A 1 9  ? 7.125   4.334   -2.599  1.00 10.08 ? 9   HIS A N    1 
ATOM   131  C CA   . HIS A 1 9  ? 5.976   3.472   -2.840  1.00 10.07 ? 9   HIS A CA   1 
ATOM   132  C C    . HIS A 1 9  ? 4.700   4.068   -2.280  1.00 8.89  ? 9   HIS A C    1 
ATOM   133  O O    . HIS A 1 9  ? 3.632   3.888   -2.864  1.00 10.04 ? 9   HIS A O    1 
ATOM   134  C CB   . HIS A 1 9  ? 6.242   2.084   -2.281  1.00 11.95 ? 9   HIS A CB   1 
ATOM   135  C CG   . HIS A 1 9  ? 7.369   1.403   -2.972  1.00 13.02 ? 9   HIS A CG   1 
ATOM   136  N ND1  . HIS A 1 9  ? 7.230   0.795   -4.200  1.00 17.20 ? 9   HIS A ND1  1 
ATOM   137  C CD2  . HIS A 1 9  ? 8.668   1.268   -2.629  1.00 14.25 ? 9   HIS A CD2  1 
ATOM   138  C CE1  . HIS A 1 9  ? 8.395   0.296   -4.572  1.00 19.35 ? 9   HIS A CE1  1 
ATOM   139  N NE2  . HIS A 1 9  ? 9.285   0.578   -3.639  1.00 19.06 ? 9   HIS A NE2  1 
ATOM   140  H H    . HIS A 1 9  ? 7.684   4.031   -2.021  1.00 12.10 ? 9   HIS A H    1 
ATOM   141  H HA   . HIS A 1 9  ? 5.843   3.375   -3.796  1.00 12.09 ? 9   HIS A HA   1 
ATOM   142  H HB2  . HIS A 1 9  ? 6.466   2.159   -1.341  1.00 14.34 ? 9   HIS A HB2  1 
ATOM   143  H HB3  . HIS A 1 9  ? 5.447   1.540   -2.390  1.00 14.34 ? 9   HIS A HB3  1 
ATOM   144  H HD2  . HIS A 1 9  ? 9.069   1.585   -1.851  1.00 17.10 ? 9   HIS A HD2  1 
ATOM   145  H HE1  . HIS A 1 9  ? 8.560   -0.172  -5.358  1.00 23.22 ? 9   HIS A HE1  1 
ATOM   146  H HE2  . HIS A 1 9  ? 10.118  0.362   -3.662  1.00 22.87 ? 9   HIS A HE2  1 
ATOM   147  N N    . ARG A 1 10 ? 4.783   4.786   -1.165  1.00 9.53  ? 10  ARG A N    1 
ATOM   148  C CA   . ARG A 1 10 ? 3.616   5.496   -0.663  1.00 9.72  ? 10  ARG A CA   1 
ATOM   149  C C    . ARG A 1 10 ? 3.103   6.492   -1.695  1.00 9.67  ? 10  ARG A C    1 
ATOM   150  O O    . ARG A 1 10 ? 1.891   6.595   -1.925  1.00 10.33 ? 10  ARG A O    1 
ATOM   151  C CB   . ARG A 1 10 ? 3.993   6.231   0.617   1.00 9.77  ? 10  ARG A CB   1 
ATOM   152  C CG   . ARG A 1 10 ? 2.810   6.840   1.362   1.00 9.73  ? 10  ARG A CG   1 
ATOM   153  C CD   . ARG A 1 10 ? 3.302   7.815   2.446   1.00 11.45 ? 10  ARG A CD   1 
ATOM   154  N NE   . ARG A 1 10 ? 2.282   8.113   3.453   1.00 10.87 ? 10  ARG A NE   1 
ATOM   155  C CZ   . ARG A 1 10 ? 1.394   9.096   3.387   1.00 11.93 ? 10  ARG A CZ   1 
ATOM   156  N NH1  . ARG A 1 10 ? 1.355   9.906   2.346   1.00 11.99 ? 10  ARG A NH1  1 
ATOM   157  N NH2  . ARG A 1 10 ? 0.523   9.238   4.375   1.00 12.51 ? 10  ARG A NH2  1 
ATOM   158  H H    . ARG A 1 10 ? 5.492   4.878   -0.687  1.00 11.44 ? 10  ARG A H    1 
ATOM   159  H HA   . ARG A 1 10 ? 2.910   4.861   -0.468  1.00 11.67 ? 10  ARG A HA   1 
ATOM   160  H HB2  . ARG A 1 10 ? 4.428   5.605   1.217   1.00 11.73 ? 10  ARG A HB2  1 
ATOM   161  H HB3  . ARG A 1 10 ? 4.602   6.953   0.393   1.00 11.73 ? 10  ARG A HB3  1 
ATOM   162  H HG2  . ARG A 1 10 ? 2.249   7.328   0.738   1.00 11.67 ? 10  ARG A HG2  1 
ATOM   163  H HG3  . ARG A 1 10 ? 2.297   6.136   1.789   1.00 11.67 ? 10  ARG A HG3  1 
ATOM   164  H HD2  . ARG A 1 10 ? 4.065   7.424   2.899   1.00 13.74 ? 10  ARG A HD2  1 
ATOM   165  H HD3  . ARG A 1 10 ? 3.559   8.650   2.024   1.00 13.74 ? 10  ARG A HD3  1 
ATOM   166  H HE   . ARG A 1 10 ? 2.256   7.606   4.148   1.00 13.05 ? 10  ARG A HE   1 
ATOM   167  H HH11 . ARG A 1 10 ? 1.911   9.801   1.698   1.00 14.39 ? 10  ARG A HH11 1 
ATOM   168  H HH12 . ARG A 1 10 ? 0.775   10.541  2.316   1.00 14.39 ? 10  ARG A HH12 1 
ATOM   169  H HH21 . ARG A 1 10 ? 0.540   8.697   5.043   1.00 15.01 ? 10  ARG A HH21 1 
ATOM   170  H HH22 . ARG A 1 10 ? -0.059  9.870   4.348   1.00 15.01 ? 10  ARG A HH22 1 
ATOM   171  N N    . GLU A 1 11 ? 4.008   7.232   -2.336  1.00 10.01 ? 11  GLU A N    1 
ATOM   172  C CA   . GLU A 1 11 ? 3.589   8.173   -3.367  1.00 11.02 ? 11  GLU A CA   1 
ATOM   173  C C    . GLU A 1 11 ? 2.921   7.458   -4.532  1.00 10.10 ? 11  GLU A C    1 
ATOM   174  O O    . GLU A 1 11 ? 1.915   7.934   -5.064  1.00 11.33 ? 11  GLU A O    1 
ATOM   175  C CB   . GLU A 1 11 ? 4.799   8.973   -3.841  1.00 14.70 ? 11  GLU A CB   1 
ATOM   176  C CG   . GLU A 1 11 ? 4.511   9.977   -4.936  1.00 21.21 ? 11  GLU A CG   1 
ATOM   177  H H    . GLU A 1 11 ? 4.856   7.210   -2.196  1.00 12.01 ? 11  GLU A H    1 
ATOM   178  H HA   . GLU A 1 11 ? 2.939   8.790   -2.995  1.00 13.22 ? 11  GLU A HA   1 
ATOM   179  H HB2  . GLU A 1 11 ? 5.158   9.462   -3.084  1.00 17.64 ? 11  GLU A HB2  1 
ATOM   180  H HB3  . GLU A 1 11 ? 5.462   8.353   -4.182  1.00 17.64 ? 11  GLU A HB3  1 
ATOM   181  H HG2  . GLU A 1 11 ? 4.200   9.511   -5.728  1.00 25.46 ? 11  GLU A HG2  1 
ATOM   182  H HG3  . GLU A 1 11 ? 3.835   10.600  -4.626  1.00 25.46 ? 11  GLU A HG3  1 
ATOM   183  N N    . GLU A 1 12 ? 3.475   6.323   -4.957  1.00 9.95  ? 12  GLU A N    1 
ATOM   184  C CA   . GLU A 1 12 ? 2.875   5.595   -6.068  1.00 11.29 ? 12  GLU A CA   1 
ATOM   185  C C    . GLU A 1 12 ? 1.501   5.068   -5.691  1.00 9.89  ? 12  GLU A C    1 
ATOM   186  O O    . GLU A 1 12 ? 0.569   5.130   -6.494  1.00 10.24 ? 12  GLU A O    1 
ATOM   187  C CB   . GLU A 1 12 ? 3.798   4.456   -6.497  1.00 12.83 ? 12  GLU A CB   1 
ATOM   188  C CG   . GLU A 1 12 ? 5.098   4.932   -7.133  1.00 16.91 ? 12  GLU A CG   1 
ATOM   189  C CD   . GLU A 1 12 ? 5.957   3.802   -7.684  1.00 22.43 ? 12  GLU A CD   1 
ATOM   190  O OE1  . GLU A 1 12 ? 5.467   2.657   -7.783  1.00 25.62 ? 12  GLU A OE1  1 
ATOM   191  O OE2  . GLU A 1 12 ? 7.131   4.071   -8.021  1.00 24.79 ? 12  GLU A OE2  1 
ATOM   192  H H    . GLU A 1 12 ? 4.183   5.961   -4.628  1.00 11.95 ? 12  GLU A H    1 
ATOM   193  H HA   . GLU A 1 12 ? 2.768   6.192   -6.825  1.00 13.55 ? 12  GLU A HA   1 
ATOM   194  H HB2  . GLU A 1 12 ? 4.026   3.927   -5.717  1.00 15.40 ? 12  GLU A HB2  1 
ATOM   195  H HB3  . GLU A 1 12 ? 3.334   3.905   -7.147  1.00 15.40 ? 12  GLU A HB3  1 
ATOM   196  H HG2  . GLU A 1 12 ? 4.886   5.527   -7.868  1.00 20.29 ? 12  GLU A HG2  1 
ATOM   197  H HG3  . GLU A 1 12 ? 5.619   5.402   -6.465  1.00 20.29 ? 12  GLU A HG3  1 
ATOM   198  N N    . LEU A 1 13 ? 1.354   4.568   -4.465  1.00 8.96  ? 13  LEU A N    1 
ATOM   199  C CA   . LEU A 1 13 ? 0.050   4.102   -4.018  1.00 9.48  ? 13  LEU A CA   1 
ATOM   200  C C    . LEU A 1 13 ? -0.943  5.250   -3.962  1.00 9.36  ? 13  LEU A C    1 
ATOM   201  O O    . LEU A 1 13 ? -2.084  5.113   -4.421  1.00 9.71  ? 13  LEU A O    1 
ATOM   202  C CB   . LEU A 1 13 ? 0.172   3.419   -2.658  1.00 9.85  ? 13  LEU A CB   1 
ATOM   203  C CG   . LEU A 1 13 ? -1.147  2.971   -2.011  1.00 10.55 ? 13  LEU A CG   1 
ATOM   204  C CD1  . LEU A 1 13 ? -1.991  2.044   -2.893  1.00 11.30 ? 13  LEU A CD1  1 
ATOM   205  C CD2  . LEU A 1 13 ? -0.847  2.308   -0.666  1.00 11.25 ? 13  LEU A CD2  1 
ATOM   206  H H    . LEU A 1 13 ? 1.983   4.488   -3.883  1.00 10.75 ? 13  LEU A H    1 
ATOM   207  H HA   . LEU A 1 13 ? -0.286  3.444   -4.647  1.00 11.38 ? 13  LEU A HA   1 
ATOM   208  H HB2  . LEU A 1 13 ? 0.723   2.627   -2.765  1.00 11.82 ? 13  LEU A HB2  1 
ATOM   209  H HB3  . LEU A 1 13 ? 0.598   4.039   -2.046  1.00 11.82 ? 13  LEU A HB3  1 
ATOM   210  H HG   . LEU A 1 13 ? -1.693  3.762   -1.882  1.00 12.67 ? 13  LEU A HG   1 
ATOM   211  H HD11 . LEU A 1 13 ? -2.775  1.763   -2.396  1.00 13.57 ? 13  LEU A HD11 1 
ATOM   212  H HD12 . LEU A 1 13 ? -2.260  2.526   -3.690  1.00 13.57 ? 13  LEU A HD12 1 
ATOM   213  H HD13 . LEU A 1 13 ? -1.459  1.271   -3.138  1.00 13.57 ? 13  LEU A HD13 1 
ATOM   214  H HD21 . LEU A 1 13 ? -1.681  2.033   -0.255  1.00 13.50 ? 13  LEU A HD21 1 
ATOM   215  H HD22 . LEU A 1 13 ? -0.280  1.535   -0.814  1.00 13.50 ? 13  LEU A HD22 1 
ATOM   216  H HD23 . LEU A 1 13 ? -0.391  2.946   -0.094  1.00 13.50 ? 13  LEU A HD23 1 
ATOM   217  N N    A LYS A 1 14 ? -0.531  6.397   -3.416  0.81 9.32  ? 14  LYS A N    1 
ATOM   218  N N    B LYS A 1 14 ? -0.536  6.401   -3.425  0.19 10.31 ? 14  LYS A N    1 
ATOM   219  C CA   A LYS A 1 14 ? -1.437  7.535   -3.321  0.81 9.07  ? 14  LYS A CA   1 
ATOM   220  C CA   B LYS A 1 14 ? -1.466  7.519   -3.321  0.19 12.21 ? 14  LYS A CA   1 
ATOM   221  C C    A LYS A 1 14 ? -1.841  8.033   -4.702  0.81 8.75  ? 14  LYS A C    1 
ATOM   222  C C    B LYS A 1 14 ? -1.825  8.095   -4.687  0.19 10.32 ? 14  LYS A C    1 
ATOM   223  O O    A LYS A 1 14 ? -2.990  8.438   -4.912  0.81 9.21  ? 14  LYS A O    1 
ATOM   224  O O    B LYS A 1 14 ? -2.928  8.621   -4.863  0.19 10.19 ? 14  LYS A O    1 
ATOM   225  C CB   A LYS A 1 14 ? -0.791  8.665   -2.522  0.81 14.81 ? 14  LYS A CB   1 
ATOM   226  C CB   B LYS A 1 14 ? -0.905  8.596   -2.394  0.19 17.60 ? 14  LYS A CB   1 
ATOM   227  C CG   A LYS A 1 14 ? -0.627  8.376   -1.042  0.81 20.98 ? 14  LYS A CG   1 
ATOM   228  C CG   B LYS A 1 14 ? -0.987  8.213   -0.922  0.19 22.37 ? 14  LYS A CG   1 
ATOM   229  C CD   A LYS A 1 14 ? -1.919  8.534   -0.258  0.81 24.38 ? 14  LYS A CD   1 
ATOM   230  C CD   B LYS A 1 14 ? -0.748  9.398   0.009   0.19 25.66 ? 14  LYS A CD   1 
ATOM   231  C CE   A LYS A 1 14 ? -2.240  9.995   0.011   0.81 27.40 ? 14  LYS A CE   1 
ATOM   232  C CE   B LYS A 1 14 ? -1.897  10.405  -0.015  0.19 27.38 ? 14  LYS A CE   1 
ATOM   233  N NZ   A LYS A 1 14 ? -3.470  10.136  0.828   0.81 28.45 ? 14  LYS A NZ   1 
ATOM   234  N NZ   B LYS A 1 14 ? -3.115  9.920   0.694   0.19 27.77 ? 14  LYS A NZ   1 
ATOM   235  H H    A LYS A 1 14 ? 0.255   6.541   -3.098  0.81 11.18 ? 14  LYS A H    1 
ATOM   236  H H    B LYS A 1 14 ? 0.253   6.557   -3.121  0.19 12.38 ? 14  LYS A H    1 
ATOM   237  H HA   A LYS A 1 14 ? -2.237  7.253   -2.850  0.81 10.88 ? 14  LYS A HA   1 
ATOM   238  H HA   B LYS A 1 14 ? -2.291  7.200   -2.922  0.19 14.65 ? 14  LYS A HA   1 
ATOM   239  H HB2  A LYS A 1 14 ? 0.091   8.836   -2.887  0.81 17.78 ? 14  LYS A HB2  1 
ATOM   240  H HB2  B LYS A 1 14 ? 0.029   8.745   -2.612  0.19 21.12 ? 14  LYS A HB2  1 
ATOM   241  H HB3  A LYS A 1 14 ? -1.344  9.458   -2.605  0.81 17.78 ? 14  LYS A HB3  1 
ATOM   242  H HB3  B LYS A 1 14 ? -1.410  9.415   -2.519  0.19 21.12 ? 14  LYS A HB3  1 
ATOM   243  H HG2  A LYS A 1 14 ? -0.321  7.462   -0.931  0.81 25.18 ? 14  LYS A HG2  1 
ATOM   244  H HG2  B LYS A 1 14 ? -1.872  7.859   -0.736  0.19 26.85 ? 14  LYS A HG2  1 
ATOM   245  H HG3  A LYS A 1 14 ? 0.024   8.992   -0.670  0.81 25.18 ? 14  LYS A HG3  1 
ATOM   246  H HG3  B LYS A 1 14 ? -0.315  7.541   -0.731  0.19 26.85 ? 14  LYS A HG3  1 
ATOM   247  H HD2  A LYS A 1 14 ? -2.652  8.151   -0.767  0.81 29.25 ? 14  LYS A HD2  1 
ATOM   248  H HD2  B LYS A 1 14 ? -0.653  9.072   0.918   0.19 30.79 ? 14  LYS A HD2  1 
ATOM   249  H HD3  A LYS A 1 14 ? -1.835  8.080   0.595   0.81 29.25 ? 14  LYS A HD3  1 
ATOM   250  H HD3  B LYS A 1 14 ? 0.061   9.857   -0.264  0.19 30.79 ? 14  LYS A HD3  1 
ATOM   251  H HE2  A LYS A 1 14 ? -1.504  10.403  0.492   0.81 32.88 ? 14  LYS A HE2  1 
ATOM   252  H HE2  B LYS A 1 14 ? -1.607  11.224  0.415   0.19 32.86 ? 14  LYS A HE2  1 
ATOM   253  H HE3  A LYS A 1 14 ? -2.379  10.455  -0.833  0.81 32.88 ? 14  LYS A HE3  1 
ATOM   254  H HE3  B LYS A 1 14 ? -2.140  10.583  -0.937  0.19 32.86 ? 14  LYS A HE3  1 
ATOM   255  H HZ1  A LYS A 1 14 ? -4.190  10.070  0.308   0.81 34.14 ? 14  LYS A HZ1  1 
ATOM   256  H HZ1  B LYS A 1 14 ? -3.777  10.507  0.597   0.19 33.33 ? 14  LYS A HZ1  1 
ATOM   257  H HZ2  A LYS A 1 14 ? -3.500  9.494   1.446   0.81 34.14 ? 14  LYS A HZ2  1 
ATOM   258  H HZ2  B LYS A 1 14 ? -3.371  9.137   0.360   0.19 33.33 ? 14  LYS A HZ2  1 
ATOM   259  H HZ3  A LYS A 1 14 ? -3.478  10.928  1.234   0.81 34.14 ? 14  LYS A HZ3  1 
ATOM   260  H HZ3  B LYS A 1 14 ? -2.943  9.823   1.562   0.19 33.33 ? 14  LYS A HZ3  1 
ATOM   261  N N    . GLU A 1 15 ? -0.910  8.027   -5.658  1.00 9.32  ? 15  GLU A N    1 
ATOM   262  C CA   . GLU A 1 15 ? -1.248  8.443   -7.013  1.00 10.63 ? 15  GLU A CA   1 
ATOM   263  C C    . GLU A 1 15 ? -2.278  7.508   -7.632  1.00 10.10 ? 15  GLU A C    1 
ATOM   264  O O    . GLU A 1 15 ? -3.218  7.967   -8.292  1.00 10.45 ? 15  GLU A O    1 
ATOM   265  C CB   . GLU A 1 15 ? 0.015   8.505   -7.865  1.00 12.53 ? 15  GLU A CB   1 
ATOM   266  C CG   . GLU A 1 15 ? -0.189  9.067   -9.256  1.00 18.49 ? 15  GLU A CG   1 
ATOM   267  C CD   . GLU A 1 15 ? -0.515  10.557  -9.248  1.00 26.13 ? 15  GLU A CD   1 
ATOM   268  O OE1  . GLU A 1 15 ? -1.176  11.030  -10.199 1.00 32.09 ? 15  GLU A OE1  1 
ATOM   269  O OE2  . GLU A 1 15 ? -0.121  11.255  -8.291  1.00 29.90 ? 15  GLU A OE2  1 
ATOM   270  H H    . GLU A 1 15 ? -0.091  7.791   -5.549  1.00 11.18 ? 15  GLU A H    1 
ATOM   271  H HA   . GLU A 1 15 ? -1.633  9.333   -6.987  1.00 12.76 ? 15  GLU A HA   1 
ATOM   272  H HB2  . GLU A 1 15 ? 0.664   9.067   -7.414  1.00 15.03 ? 15  GLU A HB2  1 
ATOM   273  H HB3  . GLU A 1 15 ? 0.367   7.605   -7.961  1.00 15.03 ? 15  GLU A HB3  1 
ATOM   274  H HG2  . GLU A 1 15 ? 0.623   8.941   -9.771  1.00 22.19 ? 15  GLU A HG2  1 
ATOM   275  H HG3  . GLU A 1 15 ? -0.927  8.601   -9.679  1.00 22.19 ? 15  GLU A HG3  1 
ATOM   276  N N    . PHE A 1 16 ? -2.120  6.188   -7.438  1.00 10.10 ? 16  PHE A N    1 
ATOM   277  C CA   . PHE A 1 16 ? -3.119  5.229   -7.908  1.00 10.05 ? 16  PHE A CA   1 
ATOM   278  C C    . PHE A 1 16 ? -4.470  5.486   -7.247  1.00 9.41  ? 16  PHE A C    1 
ATOM   279  O O    . PHE A 1 16 ? -5.502  5.533   -7.925  1.00 10.08 ? 16  PHE A O    1 
ATOM   280  C CB   . PHE A 1 16 ? -2.629  3.807   -7.631  1.00 10.77 ? 16  PHE A CB   1 
ATOM   281  C CG   . PHE A 1 16 ? -3.627  2.760   -7.982  1.00 10.72 ? 16  PHE A CG   1 
ATOM   282  C CD1  . PHE A 1 16 ? -3.819  2.372   -9.303  1.00 12.52 ? 16  PHE A CD1  1 
ATOM   283  C CD2  . PHE A 1 16 ? -4.403  2.169   -7.002  1.00 11.12 ? 16  PHE A CD2  1 
ATOM   284  C CE1  . PHE A 1 16 ? -4.740  1.403   -9.620  1.00 13.88 ? 16  PHE A CE1  1 
ATOM   285  C CE2  . PHE A 1 16 ? -5.326  1.206   -7.328  1.00 13.18 ? 16  PHE A CE2  1 
ATOM   286  C CZ   . PHE A 1 16 ? -5.496  0.833   -8.638  1.00 14.21 ? 16  PHE A CZ   1 
ATOM   287  H H    . PHE A 1 16 ? -1.449  5.829   -7.041  1.00 12.12 ? 16  PHE A H    1 
ATOM   288  H HA   . PHE A 1 16 ? -3.237  5.327   -8.865  1.00 12.07 ? 16  PHE A HA   1 
ATOM   289  H HB2  . PHE A 1 16 ? -1.829  3.644   -8.155  1.00 12.93 ? 16  PHE A HB2  1 
ATOM   290  H HB3  . PHE A 1 16 ? -2.429  3.723   -6.686  1.00 12.93 ? 16  PHE A HB3  1 
ATOM   291  H HD1  . PHE A 1 16 ? -3.320  2.773   -9.978  1.00 15.02 ? 16  PHE A HD1  1 
ATOM   292  H HD2  . PHE A 1 16 ? -4.300  2.427   -6.114  1.00 13.34 ? 16  PHE A HD2  1 
ATOM   293  H HE1  . PHE A 1 16 ? -4.848  1.136   -10.506 1.00 16.66 ? 16  PHE A HE1  1 
ATOM   294  H HE2  . PHE A 1 16 ? -5.835  0.805   -6.661  1.00 15.82 ? 16  PHE A HE2  1 
ATOM   295  H HZ   . PHE A 1 16 ? -6.130  0.189   -8.856  1.00 17.05 ? 16  PHE A HZ   1 
ATOM   296  N N    . LEU A 1 17 ? -4.489  5.655   -5.918  1.00 9.02  ? 17  LEU A N    1 
ATOM   297  C CA   . LEU A 1 17 ? -5.753  5.888   -5.229  1.00 9.03  ? 17  LEU A CA   1 
ATOM   298  C C    . LEU A 1 17 ? -6.427  7.151   -5.745  1.00 9.44  ? 17  LEU A C    1 
ATOM   299  O O    . LEU A 1 17 ? -7.655  7.196   -5.905  1.00 9.98  ? 17  LEU A O    1 
ATOM   300  C CB   . LEU A 1 17 ? -5.540  5.985   -3.722  1.00 9.03  ? 17  LEU A CB   1 
ATOM   301  C CG   . LEU A 1 17 ? -4.982  4.728   -3.065  1.00 10.01 ? 17  LEU A CG   1 
ATOM   302  C CD1  . LEU A 1 17 ? -4.651  5.008   -1.627  1.00 11.22 ? 17  LEU A CD1  1 
ATOM   303  C CD2  . LEU A 1 17 ? -5.970  3.581   -3.172  1.00 11.83 ? 17  LEU A CD2  1 
ATOM   304  H H    . LEU A 1 17 ? -3.797  5.639   -5.406  1.00 10.83 ? 17  LEU A H    1 
ATOM   305  H HA   . LEU A 1 17 ? -6.337  5.132   -5.396  1.00 10.84 ? 17  LEU A HA   1 
ATOM   306  H HB2  . LEU A 1 17 ? -4.915  6.706   -3.548  1.00 10.84 ? 17  LEU A HB2  1 
ATOM   307  H HB3  . LEU A 1 17 ? -6.393  6.177   -3.304  1.00 10.84 ? 17  LEU A HB3  1 
ATOM   308  H HG   . LEU A 1 17 ? -4.171  4.461   -3.524  1.00 12.01 ? 17  LEU A HG   1 
ATOM   309  H HD11 . LEU A 1 17 ? -4.287  4.204   -1.225  1.00 13.46 ? 17  LEU A HD11 1 
ATOM   310  H HD12 . LEU A 1 17 ? -3.996  5.723   -1.587  1.00 13.46 ? 17  LEU A HD12 1 
ATOM   311  H HD13 . LEU A 1 17 ? -5.460  5.274   -1.163  1.00 13.46 ? 17  LEU A HD13 1 
ATOM   312  H HD21 . LEU A 1 17 ? -5.623  2.820   -2.681  1.00 14.20 ? 17  LEU A HD21 1 
ATOM   313  H HD22 . LEU A 1 17 ? -6.819  3.860   -2.794  1.00 14.20 ? 17  LEU A HD22 1 
ATOM   314  H HD23 . LEU A 1 17 ? -6.084  3.348   -4.106  1.00 14.20 ? 17  LEU A HD23 1 
ATOM   315  N N    . LYS A 1 18 ? -5.634  8.198   -5.986  1.00 9.59  ? 18  LYS A N    1 
ATOM   316  C CA   . LYS A 1 18 ? -6.180  9.444   -6.515  1.00 10.00 ? 18  LYS A CA   1 
ATOM   317  C C    . LYS A 1 18 ? -6.798  9.230   -7.897  1.00 10.68 ? 18  LYS A C    1 
ATOM   318  O O    . LYS A 1 18 ? -7.923  9.668   -8.163  1.00 12.57 ? 18  LYS A O    1 
ATOM   319  C CB   . LYS A 1 18 ? -5.065  10.486  -6.558  1.00 10.80 ? 18  LYS A CB   1 
ATOM   320  C CG   . LYS A 1 18 ? -5.504  11.840  -7.065  1.00 13.16 ? 18  LYS A CG   1 
ATOM   321  C CD   . LYS A 1 18 ? -4.292  12.769  -7.166  1.00 17.06 ? 18  LYS A CD   1 
ATOM   322  C CE   . LYS A 1 18 ? -4.571  14.047  -7.922  1.00 21.09 ? 18  LYS A CE   1 
ATOM   323  N NZ   . LYS A 1 18 ? -3.300  14.793  -8.133  1.00 23.95 ? 18  LYS A NZ   1 
ATOM   324  H H    . LYS A 1 18 ? -4.785  8.213   -5.853  1.00 11.50 ? 18  LYS A H    1 
ATOM   325  H HA   . LYS A 1 18 ? -6.884  9.770   -5.933  1.00 12.00 ? 18  LYS A HA   1 
ATOM   326  H HB2  . LYS A 1 18 ? -4.718  10.606  -5.660  1.00 12.96 ? 18  LYS A HB2  1 
ATOM   327  H HB3  . LYS A 1 18 ? -4.362  10.166  -7.145  1.00 12.96 ? 18  LYS A HB3  1 
ATOM   328  H HG2  . LYS A 1 18 ? -5.902  11.748  -7.944  1.00 15.80 ? 18  LYS A HG2  1 
ATOM   329  H HG3  . LYS A 1 18 ? -6.144  12.230  -6.450  1.00 15.80 ? 18  LYS A HG3  1 
ATOM   330  H HD2  . LYS A 1 18 ? -4.007  13.010  -6.271  1.00 20.47 ? 18  LYS A HD2  1 
ATOM   331  H HD3  . LYS A 1 18 ? -3.578  12.302  -7.628  1.00 20.47 ? 18  LYS A HD3  1 
ATOM   332  H HE2  . LYS A 1 18 ? -4.958  13.839  -8.786  1.00 25.31 ? 18  LYS A HE2  1 
ATOM   333  H HE3  . LYS A 1 18 ? -5.178  14.604  -7.410  1.00 25.31 ? 18  LYS A HE3  1 
ATOM   334  H HZ1  . LYS A 1 18 ? -2.732  14.299  -8.608  1.00 28.74 ? 18  LYS A HZ1  1 
ATOM   335  H HZ2  . LYS A 1 18 ? -3.462  15.550  -8.573  1.00 28.74 ? 18  LYS A HZ2  1 
ATOM   336  H HZ3  . LYS A 1 18 ? -2.928  14.989  -7.349  1.00 28.74 ? 18  LYS A HZ3  1 
ATOM   337  N N    . LYS A 1 19 ? -6.079  8.549   -8.793  1.00 10.68 ? 19  LYS A N    1 
ATOM   338  C CA   . LYS A 1 19 ? -6.613  8.265   -10.122 1.00 12.01 ? 19  LYS A CA   1 
ATOM   339  C C    . LYS A 1 19 ? -7.922  7.494   -10.022 1.00 10.88 ? 19  LYS A C    1 
ATOM   340  O O    . LYS A 1 19 ? -8.857  7.728   -10.798 1.00 11.12 ? 19  LYS A O    1 
ATOM   341  C CB   . LYS A 1 19 ? -5.575  7.451   -10.905 1.00 15.76 ? 19  LYS A CB   1 
ATOM   342  C CG   . LYS A 1 19 ? -6.007  6.964   -12.281 1.00 19.48 ? 19  LYS A CG   1 
ATOM   343  C CD   . LYS A 1 19 ? -4.843  6.284   -13.016 1.00 21.29 ? 19  LYS A CD   1 
ATOM   344  C CE   . LYS A 1 19 ? -4.441  4.925   -12.413 1.00 21.69 ? 19  LYS A CE   1 
ATOM   345  N NZ   . LYS A 1 19 ? -5.455  3.855   -12.623 1.00 19.69 ? 19  LYS A NZ   1 
ATOM   346  H H    . LYS A 1 19 ? -5.286  8.243   -8.660  1.00 12.82 ? 19  LYS A H    1 
ATOM   347  H HA   . LYS A 1 19 ? -6.787  9.094   -10.593 1.00 14.42 ? 19  LYS A HA   1 
ATOM   348  H HB2  . LYS A 1 19 ? -4.787  8.005   -11.029 1.00 18.92 ? 19  LYS A HB2  1 
ATOM   349  H HB3  . LYS A 1 19 ? -5.348  6.666   -10.381 1.00 18.92 ? 19  LYS A HB3  1 
ATOM   350  H HG2  . LYS A 1 19 ? -6.726  6.321   -12.185 1.00 23.37 ? 19  LYS A HG2  1 
ATOM   351  H HG3  . LYS A 1 19 ? -6.305  7.719   -12.812 1.00 23.37 ? 19  LYS A HG3  1 
ATOM   352  H HD2  . LYS A 1 19 ? -5.101  6.134   -13.939 1.00 25.55 ? 19  LYS A HD2  1 
ATOM   353  H HD3  . LYS A 1 19 ? -4.067  6.865   -12.979 1.00 25.55 ? 19  LYS A HD3  1 
ATOM   354  H HE2  . LYS A 1 19 ? -3.613  4.632   -12.825 1.00 26.03 ? 19  LYS A HE2  1 
ATOM   355  H HE3  . LYS A 1 19 ? -4.316  5.030   -11.457 1.00 26.03 ? 19  LYS A HE3  1 
ATOM   356  H HZ1  . LYS A 1 19 ? -5.164  3.087   -12.280 1.00 23.63 ? 19  LYS A HZ1  1 
ATOM   357  H HZ2  . LYS A 1 19 ? -6.219  4.077   -12.224 1.00 23.63 ? 19  LYS A HZ2  1 
ATOM   358  H HZ3  . LYS A 1 19 ? -5.605  3.744   -13.494 1.00 23.63 ? 19  LYS A HZ3  1 
ATOM   359  N N    . GLU A 1 20 ? -8.002  6.558   -9.076  1.00 10.44 ? 20  GLU A N    1 
ATOM   360  C CA   . GLU A 1 20 ? -9.172  5.704   -8.929  1.00 10.52 ? 20  GLU A CA   1 
ATOM   361  C C    . GLU A 1 20 ? -10.310 6.356   -8.155  1.00 9.61  ? 20  GLU A C    1 
ATOM   362  O O    . GLU A 1 20 ? -11.406 5.790   -8.118  1.00 10.65 ? 20  GLU A O    1 
ATOM   363  C CB   . GLU A 1 20 ? -8.776  4.427   -8.190  1.00 10.52 ? 20  GLU A CB   1 
ATOM   364  C CG   . GLU A 1 20 ? -7.795  3.563   -8.928  1.00 12.38 ? 20  GLU A CG   1 
ATOM   365  C CD   . GLU A 1 20 ? -8.387  2.990   -10.201 1.00 13.88 ? 20  GLU A CD   1 
ATOM   366  O OE1  . GLU A 1 20 ? -9.378  2.223   -10.123 1.00 15.83 ? 20  GLU A OE1  1 
ATOM   367  O OE2  . GLU A 1 20 ? -7.862  3.315   -11.284 1.00 13.65 ? 20  GLU A OE2  1 
ATOM   368  H H    . GLU A 1 20 ? -7.383  6.399   -8.501  1.00 12.53 ? 20  GLU A H    1 
ATOM   369  H HA   . GLU A 1 20 ? -9.495  5.486   -9.816  1.00 12.62 ? 20  GLU A HA   1 
ATOM   370  H HB2  . GLU A 1 20 ? -8.373  4.672   -7.343  1.00 12.63 ? 20  GLU A HB2  1 
ATOM   371  H HB3  . GLU A 1 20 ? -9.575  3.898   -8.038  1.00 12.63 ? 20  GLU A HB3  1 
ATOM   372  H HG2  . GLU A 1 20 ? -7.019  4.096   -9.167  1.00 14.86 ? 20  GLU A HG2  1 
ATOM   373  H HG3  . GLU A 1 20 ? -7.528  2.826   -8.358  1.00 14.86 ? 20  GLU A HG3  1 
ATOM   374  N N    . GLY A 1 21 ? -10.087 7.505   -7.530  1.00 9.86  ? 21  GLY A N    1 
ATOM   375  C CA   . GLY A 1 21 ? -11.092 8.093   -6.667  1.00 10.97 ? 21  GLY A CA   1 
ATOM   376  C C    . GLY A 1 21 ? -11.355 7.312   -5.402  1.00 11.00 ? 21  GLY A C    1 
ATOM   377  O O    . GLY A 1 21 ? -12.478 7.315   -4.897  1.00 13.50 ? 21  GLY A O    1 
ATOM   378  H H    . GLY A 1 21 ? -9.362  7.963   -7.588  1.00 11.83 ? 21  GLY A H    1 
ATOM   379  H HA2  . GLY A 1 21 ? -10.806 8.984   -6.414  1.00 13.16 ? 21  GLY A HA2  1 
ATOM   380  H HA3  . GLY A 1 21 ? -11.927 8.156   -7.157  1.00 13.16 ? 21  GLY A HA3  1 
ATOM   381  N N    . ILE A 1 22 ? -10.344 6.634   -4.877  1.00 9.58  ? 22  ILE A N    1 
ATOM   382  C CA   . ILE A 1 22 ? -10.486 5.827   -3.676  1.00 10.02 ? 22  ILE A CA   1 
ATOM   383  C C    . ILE A 1 22 ? -9.979  6.634   -2.496  1.00 10.43 ? 22  ILE A C    1 
ATOM   384  O O    . ILE A 1 22 ? -8.817  7.055   -2.475  1.00 11.36 ? 22  ILE A O    1 
ATOM   385  C CB   . ILE A 1 22 ? -9.714  4.506   -3.801  1.00 9.28  ? 22  ILE A CB   1 
ATOM   386  C CG1  . ILE A 1 22 ? -10.299 3.669   -4.939  1.00 9.41  ? 22  ILE A CG1  1 
ATOM   387  C CG2  . ILE A 1 22 ? -9.768  3.768   -2.487  1.00 10.72 ? 22  ILE A CG2  1 
ATOM   388  C CD1  . ILE A 1 22 ? -9.449  2.483   -5.333  1.00 11.69 ? 22  ILE A CD1  1 
ATOM   389  H H    . ILE A 1 22 ? -9.551  6.627   -5.208  1.00 11.50 ? 22  ILE A H    1 
ATOM   390  H HA   . ILE A 1 22 ? -11.425 5.629   -3.532  1.00 12.03 ? 22  ILE A HA   1 
ATOM   391  H HB   . ILE A 1 22 ? -8.785  4.687   -4.012  1.00 11.14 ? 22  ILE A HB   1 
ATOM   392  H HG12 . ILE A 1 22 ? -11.166 3.332   -4.663  1.00 11.29 ? 22  ILE A HG12 1 
ATOM   393  H HG13 . ILE A 1 22 ? -10.396 4.234   -5.721  1.00 11.29 ? 22  ILE A HG13 1 
ATOM   394  H HG21 . ILE A 1 22 ? -9.450  2.863   -2.620  1.00 12.86 ? 22  ILE A HG21 1 
ATOM   395  H HG22 . ILE A 1 22 ? -9.204  4.227   -1.845  1.00 12.86 ? 22  ILE A HG22 1 
ATOM   396  H HG23 . ILE A 1 22 ? -10.685 3.753   -2.171  1.00 12.86 ? 22  ILE A HG23 1 
ATOM   397  H HD11 . ILE A 1 22 ? -9.808  2.094   -6.145  1.00 14.03 ? 22  ILE A HD11 1 
ATOM   398  H HD12 . ILE A 1 22 ? -8.539  2.783   -5.482  1.00 14.03 ? 22  ILE A HD12 1 
ATOM   399  H HD13 . ILE A 1 22 ? -9.468  1.829   -4.616  1.00 14.03 ? 22  ILE A HD13 1 
ATOM   400  N N    . THR A 1 23 ? -10.830 6.818   -1.493  1.00 11.08 ? 23  THR A N    1 
ATOM   401  C CA   . THR A 1 23 ? -10.502 7.688   -0.375  1.00 13.47 ? 23  THR A CA   1 
ATOM   402  C C    . THR A 1 23 ? -10.598 6.992   0.976   1.00 13.42 ? 23  THR A C    1 
ATOM   403  O O    . THR A 1 23 ? -10.435 7.661   2.001   1.00 18.54 ? 23  THR A O    1 
ATOM   404  C CB   . THR A 1 23 ? -11.399 8.927   -0.385  1.00 16.67 ? 23  THR A CB   1 
ATOM   405  O OG1  . THR A 1 23 ? -12.764 8.522   -0.223  1.00 18.77 ? 23  THR A OG1  1 
ATOM   406  C CG2  . THR A 1 23 ? -11.244 9.695   -1.694  1.00 19.50 ? 23  THR A CG2  1 
ATOM   407  H H    . THR A 1 23 ? -11.605 6.448   -1.439  1.00 13.30 ? 23  THR A H    1 
ATOM   408  H HA   . THR A 1 23 ? -9.583  7.976   -0.484  1.00 16.16 ? 23  THR A HA   1 
ATOM   409  H HB   . THR A 1 23 ? -11.147 9.520   0.340   1.00 20.01 ? 23  THR A HB   1 
ATOM   410  H HG1  . THR A 1 23 ? -12.881 8.210   0.548   1.00 22.53 ? 23  THR A HG1  1 
ATOM   411  H HG21 . THR A 1 23 ? -11.733 10.532  -1.648  1.00 23.40 ? 23  THR A HG21 1 
ATOM   412  H HG22 . THR A 1 23 ? -10.307 9.886   -1.857  1.00 23.40 ? 23  THR A HG22 1 
ATOM   413  H HG23 . THR A 1 23 ? -11.591 9.168   -2.431  1.00 23.40 ? 23  THR A HG23 1 
ATOM   414  N N    . ASN A 1 24 ? -10.802 5.672   1.017   1.00 10.89 ? 24  ASN A N    1 
ATOM   415  C CA   . ASN A 1 24 ? -10.993 4.970   2.282   1.00 12.21 ? 24  ASN A CA   1 
ATOM   416  C C    . ASN A 1 24 ? -9.814  4.079   2.676   1.00 12.66 ? 24  ASN A C    1 
ATOM   417  O O    . ASN A 1 24 ? -9.982  3.164   3.486   1.00 15.81 ? 24  ASN A O    1 
ATOM   418  C CB   . ASN A 1 24 ? -12.299 4.170   2.267   1.00 13.25 ? 24  ASN A CB   1 
ATOM   419  C CG   . ASN A 1 24 ? -12.288 3.031   1.268   1.00 13.12 ? 24  ASN A CG   1 
ATOM   420  O OD1  . ASN A 1 24 ? -11.472 2.993   0.350   1.00 12.49 ? 24  ASN A OD1  1 
ATOM   421  N ND2  . ASN A 1 24 ? -13.208 2.089   1.444   1.00 17.07 ? 24  ASN A ND2  1 
ATOM   422  H H    . ASN A 1 24 ? -10.833 5.166   0.322   1.00 13.06 ? 24  ASN A H    1 
ATOM   423  H HA   . ASN A 1 24 ? -11.068 5.644   2.976   1.00 14.65 ? 24  ASN A HA   1 
ATOM   424  H HB2  . ASN A 1 24 ? -12.448 3.794   3.148   1.00 15.90 ? 24  ASN A HB2  1 
ATOM   425  H HB3  . ASN A 1 24 ? -13.030 4.765   2.032   1.00 15.90 ? 24  ASN A HB3  1 
ATOM   426  H HD21 . ASN A 1 24 ? -13.246 1.419   0.905   1.00 20.48 ? 24  ASN A HD21 1 
ATOM   427  H HD22 . ASN A 1 24 ? -13.765 2.148   2.096   1.00 20.48 ? 24  ASN A HD22 1 
ATOM   428  N N    . VAL A 1 25 ? -8.617  4.345   2.156   1.00 12.75 ? 25  VAL A N    1 
ATOM   429  C CA   . VAL A 1 25 ? -7.432  3.550   2.466   1.00 12.44 ? 25  VAL A CA   1 
ATOM   430  C C    . VAL A 1 25 ? -6.561  4.305   3.465   1.00 11.70 ? 25  VAL A C    1 
ATOM   431  O O    . VAL A 1 25 ? -6.266  5.490   3.275   1.00 15.48 ? 25  VAL A O    1 
ATOM   432  C CB   . VAL A 1 25 ? -6.644  3.232   1.185   1.00 12.33 ? 25  VAL A CB   1 
ATOM   433  C CG1  . VAL A 1 25 ? -5.339  2.544   1.533   1.00 11.88 ? 25  VAL A CG1  1 
ATOM   434  C CG2  . VAL A 1 25 ? -7.485  2.401   0.224   1.00 12.42 ? 25  VAL A CG2  1 
ATOM   435  H H    . VAL A 1 25 ? -8.467  4.992   1.611   1.00 15.30 ? 25  VAL A H    1 
ATOM   436  H HA   . VAL A 1 25 ? -7.708  2.721   2.886   1.00 14.94 ? 25  VAL A HA   1 
ATOM   437  H HB   . VAL A 1 25 ? -6.426  4.060   0.727   1.00 14.80 ? 25  VAL A HB   1 
ATOM   438  H HG11 . VAL A 1 25 ? -4.971  2.143   0.731   1.00 14.26 ? 25  VAL A HG11 1 
ATOM   439  H HG12 . VAL A 1 25 ? -4.721  3.200   1.890   1.00 14.26 ? 25  VAL A HG12 1 
ATOM   440  H HG13 . VAL A 1 25 ? -5.513  1.857   2.196   1.00 14.26 ? 25  VAL A HG13 1 
ATOM   441  H HG21 . VAL A 1 25 ? -6.991  2.275   -0.601  1.00 14.90 ? 25  VAL A HG21 1 
ATOM   442  H HG22 . VAL A 1 25 ? -7.672  1.540   0.632   1.00 14.90 ? 25  VAL A HG22 1 
ATOM   443  H HG23 . VAL A 1 25 ? -8.315  2.869   0.044   1.00 14.90 ? 25  VAL A HG23 1 
ATOM   444  N N    . GLU A 1 26 ? -6.125  3.618   4.514   1.00 10.84 ? 26  GLU A N    1 
ATOM   445  C CA   . GLU A 1 26 ? -5.201  4.186   5.487   1.00 12.34 ? 26  GLU A CA   1 
ATOM   446  C C    . GLU A 1 26 ? -3.838  3.536   5.310   1.00 10.00 ? 26  GLU A C    1 
ATOM   447  O O    . GLU A 1 26 ? -3.747  2.319   5.124   1.00 11.61 ? 26  GLU A O    1 
ATOM   448  C CB   . GLU A 1 26 ? -5.695  3.947   6.910   1.00 15.86 ? 26  GLU A CB   1 
ATOM   449  C CG   . GLU A 1 26 ? -6.914  4.785   7.272   1.00 23.74 ? 26  GLU A CG   1 
ATOM   450  C CD   . GLU A 1 26 ? -6.676  6.291   7.169   1.00 30.34 ? 26  GLU A CD   1 
ATOM   451  O OE1  . GLU A 1 26 ? -5.545  6.748   7.446   1.00 33.20 ? 26  GLU A OE1  1 
ATOM   452  O OE2  . GLU A 1 26 ? -7.624  7.023   6.812   1.00 33.89 ? 26  GLU A OE2  1 
ATOM   453  H H    . GLU A 1 26 ? -6.354  2.808   4.685   1.00 13.01 ? 26  GLU A H    1 
ATOM   454  H HA   . GLU A 1 26 ? -5.120  5.142   5.349   1.00 14.81 ? 26  GLU A HA   1 
ATOM   455  H HB2  . GLU A 1 26 ? -5.935  3.013   7.006   1.00 19.04 ? 26  GLU A HB2  1 
ATOM   456  H HB3  . GLU A 1 26 ? -4.984  4.172   7.530   1.00 19.04 ? 26  GLU A HB3  1 
ATOM   457  H HG2  . GLU A 1 26 ? -7.639  4.557   6.669   1.00 28.50 ? 26  GLU A HG2  1 
ATOM   458  H HG3  . GLU A 1 26 ? -7.169  4.587   8.188   1.00 28.50 ? 26  GLU A HG3  1 
ATOM   459  N N    . ILE A 1 27 ? -2.791  4.358   5.345   1.00 9.95  ? 27  ILE A N    1 
ATOM   460  C CA   . ILE A 1 27 ? -1.421  3.921   5.104   1.00 9.91  ? 27  ILE A CA   1 
ATOM   461  C C    . ILE A 1 27 ? -0.574  4.359   6.290   1.00 9.76  ? 27  ILE A C    1 
ATOM   462  O O    . ILE A 1 27 ? -0.616  5.534   6.680   1.00 11.49 ? 27  ILE A O    1 
ATOM   463  C CB   . ILE A 1 27 ? -0.830  4.556   3.830   1.00 10.96 ? 27  ILE A CB   1 
ATOM   464  C CG1  . ILE A 1 27 ? -1.704  4.280   2.612   1.00 12.14 ? 27  ILE A CG1  1 
ATOM   465  C CG2  . ILE A 1 27 ? 0.606   4.042   3.603   1.00 11.65 ? 27  ILE A CG2  1 
ATOM   466  C CD1  . ILE A 1 27 ? -1.401  5.198   1.445   1.00 14.35 ? 27  ILE A CD1  1 
ATOM   467  H H    . ILE A 1 27 ? -2.855  5.200   5.512   1.00 11.94 ? 27  ILE A H    1 
ATOM   468  H HA   . ILE A 1 27 ? -1.412  2.955   5.021   1.00 11.90 ? 27  ILE A HA   1 
ATOM   469  H HB   . ILE A 1 27 ? -0.805  5.518   3.956   1.00 13.15 ? 27  ILE A HB   1 
ATOM   470  H HG12 . ILE A 1 27 ? -1.557  3.367   2.319   1.00 14.57 ? 27  ILE A HG12 1 
ATOM   471  H HG13 . ILE A 1 27 ? -2.633  4.404   2.856   1.00 14.57 ? 27  ILE A HG13 1 
ATOM   472  H HG21 . ILE A 1 27 ? 0.892   4.288   2.710   1.00 13.98 ? 27  ILE A HG21 1 
ATOM   473  H HG22 . ILE A 1 27 ? 1.193   4.445   4.262   1.00 13.98 ? 27  ILE A HG22 1 
ATOM   474  H HG23 . ILE A 1 27 ? 0.614   3.077   3.699   1.00 13.98 ? 27  ILE A HG23 1 
ATOM   475  H HD11 . ILE A 1 27 ? -2.067  5.060   0.753   1.00 17.22 ? 27  ILE A HD11 1 
ATOM   476  H HD12 . ILE A 1 27 ? -1.429  6.118   1.753   1.00 17.22 ? 27  ILE A HD12 1 
ATOM   477  H HD13 . ILE A 1 27 ? -0.518  4.991   1.101   1.00 17.22 ? 27  ILE A HD13 1 
ATOM   478  N N    . ARG A 1 28 ? 0.227   3.444   6.830   1.00 9.33  ? 28  ARG A N    1 
ATOM   479  C CA   . ARG A 1 28 ? 1.178   3.762   7.887   1.00 9.97  ? 28  ARG A CA   1 
ATOM   480  C C    . ARG A 1 28 ? 2.524   3.149   7.529   1.00 10.17 ? 28  ARG A C    1 
ATOM   481  O O    . ARG A 1 28 ? 2.585   2.051   6.967   1.00 11.31 ? 28  ARG A O    1 
ATOM   482  C CB   . ARG A 1 28 ? 0.716   3.215   9.235   1.00 12.09 ? 28  ARG A CB   1 
ATOM   483  C CG   . ARG A 1 28 ? -0.582  3.820   9.749   1.00 16.04 ? 28  ARG A CG   1 
ATOM   484  C CD   . ARG A 1 28 ? -0.415  5.296   10.089  1.00 18.09 ? 28  ARG A CD   1 
ATOM   485  N NE   . ARG A 1 28 ? -1.596  5.852   10.740  1.00 21.51 ? 28  ARG A NE   1 
ATOM   486  C CZ   . ARG A 1 28 ? -2.618  6.414   10.099  1.00 24.20 ? 28  ARG A CZ   1 
ATOM   487  N NH1  . ARG A 1 28 ? -2.620  6.489   8.776   1.00 22.82 ? 28  ARG A NH1  1 
ATOM   488  N NH2  . ARG A 1 28 ? -3.646  6.894   10.786  1.00 26.93 ? 28  ARG A NH2  1 
ATOM   489  H H    . ARG A 1 28 ? 0.235   2.617   6.594   1.00 11.20 ? 28  ARG A H    1 
ATOM   490  H HA   . ARG A 1 28 ? 1.272   4.724   7.965   1.00 11.97 ? 28  ARG A HA   1 
ATOM   491  H HB2  . ARG A 1 28 ? 0.581   2.259   9.151   1.00 14.51 ? 28  ARG A HB2  1 
ATOM   492  H HB3  . ARG A 1 28 ? 1.405   3.397   9.894   1.00 14.51 ? 28  ARG A HB3  1 
ATOM   493  H HG2  . ARG A 1 28 ? -1.265  3.740   9.066   1.00 19.25 ? 28  ARG A HG2  1 
ATOM   494  H HG3  . ARG A 1 28 ? -0.858  3.352   10.552  1.00 19.25 ? 28  ARG A HG3  1 
ATOM   495  H HD2  . ARG A 1 28 ? 0.339   5.400   10.691  1.00 21.71 ? 28  ARG A HD2  1 
ATOM   496  H HD3  . ARG A 1 28 ? -0.258  5.794   9.271   1.00 21.71 ? 28  ARG A HD3  1 
ATOM   497  H HE   . ARG A 1 28 ? -1.635  5.815   11.599  1.00 25.82 ? 28  ARG A HE   1 
ATOM   498  H HH11 . ARG A 1 28 ? -1.958  6.173   8.326   1.00 27.39 ? 28  ARG A HH11 1 
ATOM   499  H HH12 . ARG A 1 28 ? -3.283  6.853   8.366   1.00 27.39 ? 28  ARG A HH12 1 
ATOM   500  H HH21 . ARG A 1 28 ? -3.652  6.843   11.644  1.00 32.31 ? 28  ARG A HH21 1 
ATOM   501  H HH22 . ARG A 1 28 ? -4.308  7.258   10.373  1.00 32.31 ? 28  ARG A HH22 1 
ATOM   502  N N    . ILE A 1 29 ? 3.598   3.861   7.859   1.00 10.32 ? 29  ILE A N    1 
ATOM   503  C CA   . ILE A 1 29 ? 4.965   3.366   7.712   1.00 11.01 ? 29  ILE A CA   1 
ATOM   504  C C    . ILE A 1 29 ? 5.613   3.436   9.082   1.00 12.38 ? 29  ILE A C    1 
ATOM   505  O O    . ILE A 1 29 ? 5.580   4.487   9.725   1.00 14.43 ? 29  ILE A O    1 
ATOM   506  C CB   . ILE A 1 29 ? 5.773   4.204   6.705   1.00 11.82 ? 29  ILE A CB   1 
ATOM   507  C CG1  . ILE A 1 29 ? 5.194   4.066   5.300   1.00 12.87 ? 29  ILE A CG1  1 
ATOM   508  C CG2  . ILE A 1 29 ? 7.241   3.775   6.723   1.00 13.16 ? 29  ILE A CG2  1 
ATOM   509  C CD1  . ILE A 1 29 ? 5.745   5.072   4.308   1.00 14.90 ? 29  ILE A CD1  1 
ATOM   510  H H    . ILE A 1 29 ? 3.557   4.658   8.179   1.00 12.38 ? 29  ILE A H    1 
ATOM   511  H HA   . ILE A 1 29 ? 4.948   2.447   7.402   1.00 13.22 ? 29  ILE A HA   1 
ATOM   512  H HB   . ILE A 1 29 ? 5.714   5.136   6.967   1.00 14.18 ? 29  ILE A HB   1 
ATOM   513  H HG12 . ILE A 1 29 ? 5.396   3.178   4.965   1.00 15.45 ? 29  ILE A HG12 1 
ATOM   514  H HG13 . ILE A 1 29 ? 4.232   4.192   5.345   1.00 15.45 ? 29  ILE A HG13 1 
ATOM   515  H HG21 . ILE A 1 29 ? 7.682   4.127   5.934   1.00 15.79 ? 29  ILE A HG21 1 
ATOM   516  H HG22 . ILE A 1 29 ? 7.663   4.126   7.523   1.00 15.79 ? 29  ILE A HG22 1 
ATOM   517  H HG23 . ILE A 1 29 ? 7.287   2.806   6.723   1.00 15.79 ? 29  ILE A HG23 1 
ATOM   518  H HD11 . ILE A 1 29 ? 5.210   5.043   3.500   1.00 17.88 ? 29  ILE A HD11 1 
ATOM   519  H HD12 . ILE A 1 29 ? 5.705   5.957   4.701   1.00 17.88 ? 29  ILE A HD12 1 
ATOM   520  H HD13 . ILE A 1 29 ? 6.665   4.842   4.104   1.00 17.88 ? 29  ILE A HD13 1 
ATOM   521  N N    . ASP A 1 30 ? 6.182   2.322   9.528   1.00 12.69 ? 30  ASP A N    1 
ATOM   522  C CA   . ASP A 1 30 ? 6.705   2.231   10.889  1.00 15.88 ? 30  ASP A CA   1 
ATOM   523  C C    . ASP A 1 30 ? 7.898   1.285   10.892  1.00 13.14 ? 30  ASP A C    1 
ATOM   524  O O    . ASP A 1 30 ? 7.724   0.079   10.726  1.00 13.19 ? 30  ASP A O    1 
ATOM   525  C CB   . ASP A 1 30 ? 5.591   1.738   11.818  1.00 23.60 ? 30  ASP A CB   1 
ATOM   526  C CG   . ASP A 1 30 ? 6.065   1.466   13.225  1.00 31.29 ? 30  ASP A CG   1 
ATOM   527  O OD1  . ASP A 1 30 ? 5.797   0.353   13.723  1.00 35.74 ? 30  ASP A OD1  1 
ATOM   528  O OD2  . ASP A 1 30 ? 6.694   2.358   13.830  1.00 32.95 ? 30  ASP A OD2  1 
ATOM   529  H H    . ASP A 1 30 ? 6.277   1.605   9.064   1.00 15.23 ? 30  ASP A H    1 
ATOM   530  H HA   . ASP A 1 30 ? 7.030   3.094   11.189  1.00 19.06 ? 30  ASP A HA   1 
ATOM   531  H HB2  . ASP A 1 30 ? 4.898   2.416   11.864  1.00 28.33 ? 30  ASP A HB2  1 
ATOM   532  H HB3  . ASP A 1 30 ? 5.226   0.914   11.461  1.00 28.33 ? 30  ASP A HB3  1 
ATOM   533  N N    . ASN A 1 31 ? 9.107   1.823   11.082  1.00 13.08 ? 31  ASN A N    1 
ATOM   534  C CA   . ASN A 1 31 ? 10.314  1.011   11.249  1.00 12.43 ? 31  ASN A CA   1 
ATOM   535  C C    . ASN A 1 31 ? 10.441  -0.075  10.178  1.00 12.77 ? 31  ASN A C    1 
ATOM   536  O O    . ASN A 1 31 ? 10.693  -1.245  10.468  1.00 13.76 ? 31  ASN A O    1 
ATOM   537  C CB   . ASN A 1 31 ? 10.341  0.426   12.657  1.00 12.85 ? 31  ASN A CB   1 
ATOM   538  C CG   . ASN A 1 31 ? 10.539  1.485   13.708  1.00 13.68 ? 31  ASN A CG   1 
ATOM   539  O OD1  . ASN A 1 31 ? 11.335  2.411   13.528  1.00 16.12 ? 31  ASN A OD1  1 
ATOM   540  N ND2  . ASN A 1 31 ? 9.810   1.372   14.811  1.00 14.86 ? 31  ASN A ND2  1 
ATOM   541  H H    . ASN A 1 31 ? 9.253   2.670   11.118  1.00 15.70 ? 31  ASN A H    1 
ATOM   542  H HA   . ASN A 1 31 ? 11.089  1.581   11.130  1.00 14.91 ? 31  ASN A HA   1 
ATOM   543  H HB2  . ASN A 1 31 ? 9.499   -0.022  12.834  1.00 15.42 ? 31  ASN A HB2  1 
ATOM   544  H HB3  . ASN A 1 31 ? 11.074  -0.208  12.725  1.00 15.42 ? 31  ASN A HB3  1 
ATOM   545  H HD21 . ASN A 1 31 ? 9.888   1.954   15.441  1.00 17.84 ? 31  ASN A HD21 1 
ATOM   546  H HD22 . ASN A 1 31 ? 9.259   0.717   14.898  1.00 17.84 ? 31  ASN A HD22 1 
ATOM   547  N N    . GLY A 1 32 ? 10.286  0.329   8.917   1.00 13.69 ? 32  GLY A N    1 
ATOM   548  C CA   . GLY A 1 32 ? 10.493  -0.565  7.798   1.00 15.54 ? 32  GLY A CA   1 
ATOM   549  C C    . GLY A 1 32 ? 9.297   -1.403  7.424   1.00 15.15 ? 32  GLY A C    1 
ATOM   550  O O    . GLY A 1 32 ? 9.397   -2.248  6.525   1.00 16.47 ? 32  GLY A O    1 
ATOM   551  H H    . GLY A 1 32 ? 10.057  1.126   8.690   1.00 16.43 ? 32  GLY A H    1 
ATOM   552  H HA2  . GLY A 1 32 ? 10.739  -0.040  7.022   1.00 18.65 ? 32  GLY A HA2  1 
ATOM   553  H HA3  . GLY A 1 32 ? 11.220  -1.170  8.013   1.00 18.65 ? 32  GLY A HA3  1 
ATOM   554  N N    . ARG A 1 33 ? 8.174   -1.201  8.086   1.00 13.23 ? 33  ARG A N    1 
ATOM   555  C CA   . ARG A 1 33 ? 6.954   -1.927  7.803   1.00 13.13 ? 33  ARG A CA   1 
ATOM   556  C C    . ARG A 1 33 ? 5.959   -0.979  7.154   1.00 11.44 ? 33  ARG A C    1 
ATOM   557  O O    . ARG A 1 33 ? 5.789   0.160   7.602   1.00 12.43 ? 33  ARG A O    1 
ATOM   558  C CB   . ARG A 1 33 ? 6.391   -2.463  9.111   1.00 14.74 ? 33  ARG A CB   1 
ATOM   559  C CG   . ARG A 1 33 ? 5.131   -3.259  8.953   1.00 19.02 ? 33  ARG A CG   1 
ATOM   560  C CD   . ARG A 1 33 ? 4.725   -3.865  10.271  1.00 22.95 ? 33  ARG A CD   1 
ATOM   561  N NE   . ARG A 1 33 ? 4.314   -2.837  11.220  1.00 25.71 ? 33  ARG A NE   1 
ATOM   562  C CZ   . ARG A 1 33 ? 3.054   -2.467  11.427  1.00 29.26 ? 33  ARG A CZ   1 
ATOM   563  N NH1  . ARG A 1 33 ? 2.062   -3.048  10.764  1.00 29.39 ? 33  ARG A NH1  1 
ATOM   564  N NH2  . ARG A 1 33 ? 2.788   -1.518  12.311  1.00 32.03 ? 33  ARG A NH2  1 
ATOM   565  H H    . ARG A 1 33 ? 8.095   -0.631  8.725   1.00 15.88 ? 33  ARG A H    1 
ATOM   566  H HA   . ARG A 1 33 ? 7.114   -2.661  7.190   1.00 15.76 ? 33  ARG A HA   1 
ATOM   567  H HB2  . ARG A 1 33 ? 7.054   -3.039  9.523   1.00 17.69 ? 33  ARG A HB2  1 
ATOM   568  H HB3  . ARG A 1 33 ? 6.194   -1.715  9.695   1.00 17.69 ? 33  ARG A HB3  1 
ATOM   569  H HG2  . ARG A 1 33 ? 4.417   -2.681  8.643   1.00 22.83 ? 33  ARG A HG2  1 
ATOM   570  H HG3  . ARG A 1 33 ? 5.278   -3.977  8.315   1.00 22.83 ? 33  ARG A HG3  1 
ATOM   571  H HD2  . ARG A 1 33 ? 3.979   -4.468  10.132  1.00 27.54 ? 33  ARG A HD2  1 
ATOM   572  H HD3  . ARG A 1 33 ? 5.476   -4.347  10.649  1.00 27.54 ? 33  ARG A HD3  1 
ATOM   573  H HE   . ARG A 1 33 ? 4.928   -2.443  11.676  1.00 30.85 ? 33  ARG A HE   1 
ATOM   574  H HH11 . ARG A 1 33 ? 2.232   -3.670  10.196  1.00 35.27 ? 33  ARG A HH11 1 
ATOM   575  H HH12 . ARG A 1 33 ? 1.249   -2.804  10.904  1.00 35.27 ? 33  ARG A HH12 1 
ATOM   576  H HH21 . ARG A 1 33 ? 3.429   -1.144  12.748  1.00 38.44 ? 33  ARG A HH21 1 
ATOM   577  H HH22 . ARG A 1 33 ? 1.975   -1.274  12.450  1.00 38.44 ? 33  ARG A HH22 1 
ATOM   578  N N    . LEU A 1 34 ? 5.323   -1.452  6.090   1.00 9.46  ? 34  LEU A N    1 
ATOM   579  C CA   . LEU A 1 34 ? 4.223   -0.758  5.433   1.00 9.73  ? 34  LEU A CA   1 
ATOM   580  C C    . LEU A 1 34 ? 2.930   -1.440  5.842   1.00 9.64  ? 34  LEU A C    1 
ATOM   581  O O    . LEU A 1 34 ? 2.793   -2.661  5.704   1.00 11.47 ? 34  LEU A O    1 
ATOM   582  C CB   . LEU A 1 34 ? 4.391   -0.828  3.920   1.00 10.29 ? 34  LEU A CB   1 
ATOM   583  C CG   . LEU A 1 34 ? 3.294   -0.194  3.080   1.00 12.41 ? 34  LEU A CG   1 
ATOM   584  C CD1  . LEU A 1 34 ? 3.264   1.327   3.361   1.00 14.03 ? 34  LEU A CD1  1 
ATOM   585  C CD2  . LEU A 1 34 ? 3.496   -0.502  1.605   1.00 14.59 ? 34  LEU A CD2  1 
ATOM   586  H H    . LEU A 1 34 ? 5.518   -2.201  5.716   1.00 11.35 ? 34  LEU A H    1 
ATOM   587  H HA   . LEU A 1 34 ? 4.195   0.176   5.698   1.00 11.68 ? 34  LEU A HA   1 
ATOM   588  H HB2  . LEU A 1 34 ? 5.220   -0.380  3.689   1.00 12.35 ? 34  LEU A HB2  1 
ATOM   589  H HB3  . LEU A 1 34 ? 4.438   -1.763  3.667   1.00 12.35 ? 34  LEU A HB3  1 
ATOM   590  H HG   . LEU A 1 34 ? 2.428   -0.563  3.316   1.00 14.90 ? 34  LEU A HG   1 
ATOM   591  H HD11 . LEU A 1 34 ? 2.610   1.743   2.779   1.00 16.83 ? 34  LEU A HD11 1 
ATOM   592  H HD12 . LEU A 1 34 ? 3.020   1.471   4.289   1.00 16.83 ? 34  LEU A HD12 1 
ATOM   593  H HD13 . LEU A 1 34 ? 4.143   1.697   3.188   1.00 16.83 ? 34  LEU A HD13 1 
ATOM   594  H HD21 . LEU A 1 34 ? 2.757   -0.130  1.099   1.00 17.51 ? 34  LEU A HD21 1 
ATOM   595  H HD22 . LEU A 1 34 ? 4.331   -0.103  1.310   1.00 17.51 ? 34  LEU A HD22 1 
ATOM   596  H HD23 . LEU A 1 34 ? 3.529   -1.463  1.484   1.00 17.51 ? 34  LEU A HD23 1 
ATOM   597  N N    . GLU A 1 35 ? 1.990   -0.649  6.350   1.00 9.77  ? 35  GLU A N    1 
ATOM   598  C CA   . GLU A 1 35 ? 0.682   -1.144  6.744   1.00 10.87 ? 35  GLU A CA   1 
ATOM   599  C C    . GLU A 1 35 ? -0.376  -0.420  5.932   1.00 10.66 ? 35  GLU A C    1 
ATOM   600  O O    . GLU A 1 35 ? -0.374  0.811   5.869   1.00 12.48 ? 35  GLU A O    1 
ATOM   601  C CB   . GLU A 1 35 ? 0.425   -0.882  8.223   1.00 13.51 ? 35  GLU A CB   1 
ATOM   602  C CG   . GLU A 1 35 ? -0.891  -1.426  8.729   1.00 21.40 ? 35  GLU A CG   1 
ATOM   603  C CD   . GLU A 1 35 ? -1.118  -1.112  10.193  1.00 28.92 ? 35  GLU A CD   1 
ATOM   604  O OE1  . GLU A 1 35 ? -0.360  -1.637  11.038  1.00 31.60 ? 35  GLU A OE1  1 
ATOM   605  O OE2  . GLU A 1 35 ? -2.045  -0.331  10.498  1.00 32.99 ? 35  GLU A OE2  1 
ATOM   606  H H    . GLU A 1 35 ? 2.093   0.196   6.476   1.00 11.72 ? 35  GLU A H    1 
ATOM   607  H HA   . GLU A 1 35 ? 0.633   -2.098  6.574   1.00 13.05 ? 35  GLU A HA   1 
ATOM   608  H HB2  . GLU A 1 35 ? 1.134   -1.297  8.740   1.00 16.21 ? 35  GLU A HB2  1 
ATOM   609  H HB3  . GLU A 1 35 ? 0.425   0.076   8.372   1.00 16.21 ? 35  GLU A HB3  1 
ATOM   610  H HG2  . GLU A 1 35 ? -1.616  -1.029  8.220   1.00 25.68 ? 35  GLU A HG2  1 
ATOM   611  H HG3  . GLU A 1 35 ? -0.900  -2.390  8.622   1.00 25.68 ? 35  GLU A HG3  1 
ATOM   612  N N    . VAL A 1 36 ? -1.287  -1.182  5.338   1.00 10.53 ? 36  VAL A N    1 
ATOM   613  C CA   . VAL A 1 36 ? -2.391  -0.634  4.561   1.00 10.91 ? 36  VAL A CA   1 
ATOM   614  C C    . VAL A 1 36 ? -3.672  -1.273  5.078   1.00 11.58 ? 36  VAL A C    1 
ATOM   615  O O    . VAL A 1 36 ? -3.763  -2.502  5.166   1.00 14.19 ? 36  VAL A O    1 
ATOM   616  C CB   . VAL A 1 36 ? -2.206  -0.905  3.055   1.00 12.17 ? 36  VAL A CB   1 
ATOM   617  C CG1  . VAL A 1 36 ? -3.356  -0.324  2.255   1.00 13.12 ? 36  VAL A CG1  1 
ATOM   618  C CG2  . VAL A 1 36 ? -0.879  -0.335  2.555   1.00 13.52 ? 36  VAL A CG2  1 
ATOM   619  H H    . VAL A 1 36 ? -1.286  -2.041  5.373   1.00 12.63 ? 36  VAL A H    1 
ATOM   620  H HA   . VAL A 1 36 ? -2.452  0.325   4.688   1.00 13.09 ? 36  VAL A HA   1 
ATOM   621  H HB   . VAL A 1 36 ? -2.194  -1.865  2.922   1.00 14.61 ? 36  VAL A HB   1 
ATOM   622  H HG11 . VAL A 1 36 ? -3.142  -0.375  1.311   1.00 15.75 ? 36  VAL A HG11 1 
ATOM   623  H HG12 . VAL A 1 36 ? -4.159  -0.835  2.441   1.00 15.75 ? 36  VAL A HG12 1 
ATOM   624  H HG13 . VAL A 1 36 ? -3.485  0.602   2.516   1.00 15.75 ? 36  VAL A HG13 1 
ATOM   625  H HG21 . VAL A 1 36 ? -0.801  -0.506  1.603   1.00 16.22 ? 36  VAL A HG21 1 
ATOM   626  H HG22 . VAL A 1 36 ? -0.862  0.619   2.723   1.00 16.22 ? 36  VAL A HG22 1 
ATOM   627  H HG23 . VAL A 1 36 ? -0.151  -0.768  3.030   1.00 16.22 ? 36  VAL A HG23 1 
ATOM   628  N N    . ARG A 1 37 ? -4.648  -0.445  5.442   1.00 11.09 ? 37  ARG A N    1 
ATOM   629  C CA   . ARG A 1 37 ? -5.940  -0.947  5.891   1.00 10.80 ? 37  ARG A CA   1 
ATOM   630  C C    . ARG A 1 37 ? -7.038  -0.309  5.054   1.00 10.36 ? 37  ARG A C    1 
ATOM   631  O O    . ARG A 1 37 ? -7.076  0.913   4.883   1.00 11.18 ? 37  ARG A O    1 
ATOM   632  C CB   . ARG A 1 37 ? -6.237  -0.646  7.371   1.00 16.85 ? 37  ARG A CB   1 
ATOM   633  C CG   . ARG A 1 37 ? -7.562  -1.286  7.868   1.00 22.63 ? 37  ARG A CG   1 
ATOM   634  C CD   . ARG A 1 37 ? -7.927  -0.934  9.323   1.00 26.61 ? 37  ARG A CD   1 
ATOM   635  N NE   . ARG A 1 37 ? -9.199  -1.540  9.733   1.00 28.38 ? 37  ARG A NE   1 
ATOM   636  C CZ   . ARG A 1 37 ? -10.401 -1.007  9.507   1.00 29.14 ? 37  ARG A CZ   1 
ATOM   637  N NH1  . ARG A 1 37 ? -10.514 0.155   8.874   1.00 28.77 ? 37  ARG A NH1  1 
ATOM   638  N NH2  . ARG A 1 37 ? -11.497 -1.636  9.913   1.00 29.09 ? 37  ARG A NH2  1 
ATOM   639  H H    . ARG A 1 37 ? -4.582  0.413   5.437   1.00 13.31 ? 37  ARG A H    1 
ATOM   640  H HA   . ARG A 1 37 ? -5.930  -1.909  5.773   1.00 12.96 ? 37  ARG A HA   1 
ATOM   641  H HB2  . ARG A 1 37 ? -5.514  -0.994  7.915   1.00 20.23 ? 37  ARG A HB2  1 
ATOM   642  H HB3  . ARG A 1 37 ? -6.307  0.314   7.488   1.00 20.23 ? 37  ARG A HB3  1 
ATOM   643  H HG2  . ARG A 1 37 ? -8.287  -0.980  7.301   1.00 27.16 ? 37  ARG A HG2  1 
ATOM   644  H HG3  . ARG A 1 37 ? -7.480  -2.252  7.810   1.00 27.16 ? 37  ARG A HG3  1 
ATOM   645  H HD2  . ARG A 1 37 ? -7.231  -1.262  9.914   1.00 31.93 ? 37  ARG A HD2  1 
ATOM   646  H HD3  . ARG A 1 37 ? -8.008  0.029   9.408   1.00 31.93 ? 37  ARG A HD3  1 
ATOM   647  H HE   . ARG A 1 37 ? -9.168  -2.292  10.149  1.00 34.06 ? 37  ARG A HE   1 
ATOM   648  H HH11 . ARG A 1 37 ? -9.810  0.569   8.608   1.00 34.53 ? 37  ARG A HH11 1 
ATOM   649  H HH12 . ARG A 1 37 ? -11.292 0.492   8.732   1.00 34.53 ? 37  ARG A HH12 1 
ATOM   650  H HH21 . ARG A 1 37 ? -11.435 -2.388  10.324  1.00 34.91 ? 37  ARG A HH21 1 
ATOM   651  H HH22 . ARG A 1 37 ? -12.271 -1.289  9.765   1.00 34.91 ? 37  ARG A HH22 1 
ATOM   652  N N    . VAL A 1 38 ? -7.966  -1.121  4.571   1.00 10.04 ? 38  VAL A N    1 
ATOM   653  C CA   . VAL A 1 38 ? -9.102  -0.575  3.853   1.00 11.80 ? 38  VAL A CA   1 
ATOM   654  C C    . VAL A 1 38 ? -10.293 -1.474  4.090   1.00 11.18 ? 38  VAL A C    1 
ATOM   655  O O    . VAL A 1 38 ? -10.167 -2.690  4.207   1.00 13.75 ? 38  VAL A O    1 
ATOM   656  C CB   . VAL A 1 38 ? -8.791  -0.414  2.353   1.00 13.08 ? 38  VAL A CB   1 
ATOM   657  C CG1  . VAL A 1 38 ? -8.505  -1.755  1.758   1.00 12.34 ? 38  VAL A CG1  1 
ATOM   658  C CG2  . VAL A 1 38 ? -9.924  0.284   1.646   1.00 15.50 ? 38  VAL A CG2  1 
ATOM   659  H H    . VAL A 1 38 ? -7.957  -1.977  4.647   1.00 12.06 ? 38  VAL A H    1 
ATOM   660  H HA   . VAL A 1 38 ? -9.321  0.301   4.207   1.00 14.17 ? 38  VAL A HA   1 
ATOM   661  H HB   . VAL A 1 38 ? -8.005  0.142   2.235   1.00 15.69 ? 38  VAL A HB   1 
ATOM   662  H HG11 . VAL A 1 38 ? -8.147  -1.634  0.865   1.00 14.81 ? 38  VAL A HG11 1 
ATOM   663  H HG12 . VAL A 1 38 ? -7.857  -2.215  2.314   1.00 14.81 ? 38  VAL A HG12 1 
ATOM   664  H HG13 . VAL A 1 38 ? -9.329  -2.266  1.719   1.00 14.81 ? 38  VAL A HG13 1 
ATOM   665  H HG21 . VAL A 1 38 ? -9.699  0.383   0.708   1.00 18.60 ? 38  VAL A HG21 1 
ATOM   666  H HG22 . VAL A 1 38 ? -10.730 -0.249  1.738   1.00 18.60 ? 38  VAL A HG22 1 
ATOM   667  H HG23 . VAL A 1 38 ? -10.058 1.156   2.049   1.00 18.60 ? 38  VAL A HG23 1 
ATOM   668  N N    . GLU A 1 39 ? -11.466 -0.857  4.163   1.00 14.72 ? 39  GLU A N    1 
ATOM   669  C CA   . GLU A 1 39 ? -12.705 -1.615  4.244   1.00 17.37 ? 39  GLU A CA   1 
ATOM   670  C C    . GLU A 1 39 ? -13.168 -1.848  2.821   1.00 19.57 ? 39  GLU A C    1 
ATOM   671  O O    . GLU A 1 39 ? -13.846 -1.008  2.215   1.00 24.29 ? 39  GLU A O    1 
ATOM   672  C CB   . GLU A 1 39 ? -13.776 -0.892  5.041   1.00 18.41 ? 39  GLU A CB   1 
ATOM   673  C CG   . GLU A 1 39 ? -15.067 -1.665  5.102   1.00 24.91 ? 39  GLU A CG   1 
ATOM   674  C CD   . GLU A 1 39 ? -16.157 -0.865  5.748   1.00 27.19 ? 39  GLU A CD   1 
ATOM   675  O OE1  . GLU A 1 39 ? -17.337 -1.095  5.419   1.00 24.84 ? 39  GLU A OE1  1 
ATOM   676  O OE2  . GLU A 1 39 ? -15.833 0.002   6.587   1.00 30.69 ? 39  GLU A OE2  1 
ATOM   677  H H    . GLU A 1 39 ? -11.568 -0.002  4.167   1.00 17.67 ? 39  GLU A H    1 
ATOM   678  H HA   . GLU A 1 39 ? -12.530 -2.457  4.693   1.00 20.85 ? 39  GLU A HA   1 
ATOM   679  H HB2  . GLU A 1 39 ? -13.460 -0.761  5.949   1.00 22.09 ? 39  GLU A HB2  1 
ATOM   680  H HB3  . GLU A 1 39 ? -13.956 -0.035  4.624   1.00 22.09 ? 39  GLU A HB3  1 
ATOM   681  H HG2  . GLU A 1 39 ? -15.349 -1.893  4.203   1.00 29.89 ? 39  GLU A HG2  1 
ATOM   682  H HG3  . GLU A 1 39 ? -14.933 -2.473  5.622   1.00 29.89 ? 39  GLU A HG3  1 
ATOM   683  N N    . GLY A 1 40 ? -12.811 -3.002  2.300   1.00 20.32 ? 40  GLY A N    1 
ATOM   684  C CA   . GLY A 1 40 ? -13.297 -3.410  1.016   1.00 19.36 ? 40  GLY A CA   1 
ATOM   685  C C    . GLY A 1 40 ? -12.688 -2.602  -0.096  1.00 17.06 ? 40  GLY A C    1 
ATOM   686  O O    . GLY A 1 40 ? -12.160 -1.500  0.098   1.00 20.04 ? 40  GLY A O    1 
ATOM   687  H H    . GLY A 1 40 ? -12.283 -3.566  2.676   1.00 24.38 ? 40  GLY A H    1 
ATOM   688  H HA2  . GLY A 1 40 ? -13.082 -4.345  0.872   1.00 23.24 ? 40  GLY A HA2  1 
ATOM   689  H HA3  . GLY A 1 40 ? -14.260 -3.299  0.986   1.00 23.24 ? 40  GLY A HA3  1 
ATOM   690  N N    . GLY A 1 41 ? -12.750 -3.172  -1.278  1.00 16.12 ? 41  GLY A N    1 
ATOM   691  C CA   . GLY A 1 41 ? -12.245 -2.500  -2.448  1.00 15.91 ? 41  GLY A CA   1 
ATOM   692  C C    . GLY A 1 41 ? -12.567 -3.316  -3.672  1.00 13.50 ? 41  GLY A C    1 
ATOM   693  O O    . GLY A 1 41 ? -13.005 -4.470  -3.591  1.00 16.58 ? 41  GLY A O    1 
ATOM   694  H H    . GLY A 1 41 ? -13.082 -3.950  -1.431  1.00 19.35 ? 41  GLY A H    1 
ATOM   695  H HA2  . GLY A 1 41 ? -12.653 -1.624  -2.532  1.00 19.10 ? 41  GLY A HA2  1 
ATOM   696  H HA3  . GLY A 1 41 ? -11.282 -2.394  -2.382  1.00 19.10 ? 41  GLY A HA3  1 
ATOM   697  N N    . THR A 1 42 ? -12.329 -2.687  -4.812  1.00 11.82 ? 42  THR A N    1 
ATOM   698  C CA   . THR A 1 42 ? -12.550 -3.322  -6.090  1.00 11.77 ? 42  THR A CA   1 
ATOM   699  C C    . THR A 1 42 ? -11.397 -4.258  -6.419  1.00 11.11 ? 42  THR A C    1 
ATOM   700  O O    . THR A 1 42 ? -10.325 -4.246  -5.791  1.00 10.32 ? 42  THR A O    1 
ATOM   701  C CB   . THR A 1 42 ? -12.632 -2.281  -7.218  1.00 13.99 ? 42  THR A CB   1 
ATOM   702  O OG1  . THR A 1 42 ? -11.365 -1.611  -7.326  1.00 16.13 ? 42  THR A OG1  1 
ATOM   703  C CG2  . THR A 1 42 ? -13.749 -1.263  -6.949  1.00 16.14 ? 42  THR A CG2  1 
ATOM   704  H H    . THR A 1 42 ? -12.034 -1.881  -4.869  1.00 14.19 ? 42  THR A H    1 
ATOM   705  H HA   . THR A 1 42 ? -13.385 -3.812  -6.039  1.00 14.13 ? 42  THR A HA   1 
ATOM   706  H HB   . THR A 1 42 ? -12.840 -2.720  -8.058  1.00 16.79 ? 42  THR A HB   1 
ATOM   707  H HG1  . THR A 1 42 ? -11.404 -1.016  -7.918  1.00 19.36 ? 42  THR A HG1  1 
ATOM   708  H HG21 . THR A 1 42 ? -13.749 -0.580  -7.638  1.00 19.37 ? 42  THR A HG21 1 
ATOM   709  H HG22 . THR A 1 42 ? -14.611 -1.707  -6.947  1.00 19.37 ? 42  THR A HG22 1 
ATOM   710  H HG23 . THR A 1 42 ? -13.611 -0.839  -6.087  1.00 19.37 ? 42  THR A HG23 1 
ATOM   711  N N    A GLU A 1 43 ? -11.630 -5.069  -7.441  0.64 10.59 ? 43  GLU A N    1 
ATOM   712  N N    B GLU A 1 43 ? -11.620 -5.069  -7.453  0.36 11.45 ? 43  GLU A N    1 
ATOM   713  C CA   A GLU A 1 43 ? -10.564 -5.889  -7.980  0.64 11.39 ? 43  GLU A CA   1 
ATOM   714  C CA   B GLU A 1 43 ? -10.551 -5.902  -7.985  0.36 12.33 ? 43  GLU A CA   1 
ATOM   715  C C    A GLU A 1 43 ? -9.365  -5.050  -8.390  0.64 9.69  ? 43  GLU A C    1 
ATOM   716  C C    B GLU A 1 43 ? -9.359  -5.065  -8.428  0.36 10.66 ? 43  GLU A C    1 
ATOM   717  O O    A GLU A 1 43 ? -8.226  -5.502  -8.258  0.64 9.69  ? 43  GLU A O    1 
ATOM   718  O O    B GLU A 1 43 ? -8.219  -5.540  -8.373  0.36 10.46 ? 43  GLU A O    1 
ATOM   719  C CB   A GLU A 1 43 ? -11.085 -6.649  -9.188  0.64 11.63 ? 43  GLU A CB   1 
ATOM   720  C CB   B GLU A 1 43 ? -11.071 -6.723  -9.164  0.36 14.03 ? 43  GLU A CB   1 
ATOM   721  C CG   A GLU A 1 43 ? -10.020 -7.452  -9.874  0.64 16.19 ? 43  GLU A CG   1 
ATOM   722  C CG   B GLU A 1 43 ? -12.014 -7.846  -8.776  0.36 16.54 ? 43  GLU A CG   1 
ATOM   723  H H    A GLU A 1 43 ? -12.388 -5.162  -7.838  0.64 12.71 ? 43  GLU A H    1 
ATOM   724  H H    B GLU A 1 43 ? -12.372 -5.155  -7.861  0.36 13.75 ? 43  GLU A H    1 
ATOM   725  H HA   A GLU A 1 43 ? -10.275 -6.521  -7.302  0.64 13.67 ? 43  GLU A HA   1 
ATOM   726  H HA   B GLU A 1 43 ? -10.255 -6.510  -7.290  0.36 14.80 ? 43  GLU A HA   1 
ATOM   727  H HB2  A GLU A 1 43 ? -11.783 -7.258  -8.901  0.64 13.95 ? 43  GLU A HB2  1 
ATOM   728  H HB2  B GLU A 1 43 ? -11.549 -6.131  -9.765  0.36 16.84 ? 43  GLU A HB2  1 
ATOM   729  H HB3  A GLU A 1 43 ? -11.441 -6.014  -9.829  0.64 13.95 ? 43  GLU A HB3  1 
ATOM   730  H HB3  B GLU A 1 43 ? -10.313 -7.121  -9.622  0.36 16.84 ? 43  GLU A HB3  1 
ATOM   731  H HG2  A GLU A 1 43 ? -10.376 -8.328  -10.088 0.64 19.43 ? 43  GLU A HG2  1 
ATOM   732  H HG2  B GLU A 1 43 ? -11.505 -8.669  -8.709  0.36 19.85 ? 43  GLU A HG2  1 
ATOM   733  H HG3  A GLU A 1 43 ? -9.747  -6.991  -10.681 0.64 19.43 ? 43  GLU A HG3  1 
ATOM   734  H HG3  B GLU A 1 43 ? -12.414 -7.635  -7.919  0.36 19.85 ? 43  GLU A HG3  1 
ATOM   735  N N    . ARG A 1 44 ? -9.590  -3.830  -8.883  1.00 10.46 ? 44  ARG A N    1 
ATOM   736  C CA   . ARG A 1 44 ? -8.475  -2.983  -9.301  1.00 8.99  ? 44  ARG A CA   1 
ATOM   737  C C    . ARG A 1 44 ? -7.567  -2.651  -8.121  1.00 8.76  ? 44  ARG A C    1 
ATOM   738  O O    . ARG A 1 44 ? -6.331  -2.755  -8.209  1.00 8.98  ? 44  ARG A O    1 
ATOM   739  C CB   . ARG A 1 44 ? -9.003  -1.710  -9.964  1.00 10.42 ? 44  ARG A CB   1 
ATOM   740  C CG   . ARG A 1 44 ? -9.709  -1.986  -11.290 1.00 10.56 ? 44  ARG A CG   1 
ATOM   741  C CD   . ARG A 1 44 ? -10.430 -0.757  -11.839 1.00 11.42 ? 44  ARG A CD   1 
ATOM   742  N NE   . ARG A 1 44 ? -9.517  0.327   -12.173 1.00 10.85 ? 44  ARG A NE   1 
ATOM   743  C CZ   . ARG A 1 44 ? -8.831  0.403   -13.307 1.00 12.02 ? 44  ARG A CZ   1 
ATOM   744  N NH1  . ARG A 1 44 ? -8.964  -0.534  -14.240 1.00 13.34 ? 44  ARG A NH1  1 
ATOM   745  N NH2  . ARG A 1 44 ? -8.019  1.429   -13.512 1.00 13.97 ? 44  ARG A NH2  1 
ATOM   746  H H    . ARG A 1 44 ? -10.366 -3.474  -8.985  1.00 12.55 ? 44  ARG A H    1 
ATOM   747  H HA   . ARG A 1 44 ? -7.946  -3.462  -9.958  1.00 10.79 ? 44  ARG A HA   1 
ATOM   748  H HB2  . ARG A 1 44 ? -9.639  -1.284  -9.369  1.00 12.50 ? 44  ARG A HB2  1 
ATOM   749  H HB3  . ARG A 1 44 ? -8.259  -1.113  -10.139 1.00 12.50 ? 44  ARG A HB3  1 
ATOM   750  H HG2  . ARG A 1 44 ? -9.052  -2.266  -11.947 1.00 12.67 ? 44  ARG A HG2  1 
ATOM   751  H HG3  . ARG A 1 44 ? -10.367 -2.686  -11.160 1.00 12.67 ? 44  ARG A HG3  1 
ATOM   752  H HD2  . ARG A 1 44 ? -10.909 -1.004  -12.645 1.00 13.70 ? 44  ARG A HD2  1 
ATOM   753  H HD3  . ARG A 1 44 ? -11.052 -0.429  -11.170 1.00 13.70 ? 44  ARG A HD3  1 
ATOM   754  H HE   . ARG A 1 44 ? -9.415  0.959   -11.599 1.00 13.02 ? 44  ARG A HE   1 
ATOM   755  H HH11 . ARG A 1 44 ? -9.499  -1.196  -14.111 1.00 16.01 ? 44  ARG A HH11 1 
ATOM   756  H HH12 . ARG A 1 44 ? -8.517  -0.479  -14.973 1.00 16.01 ? 44  ARG A HH12 1 
ATOM   757  H HH21 . ARG A 1 44 ? -7.938  2.040   -12.911 1.00 16.76 ? 44  ARG A HH21 1 
ATOM   758  H HH22 . ARG A 1 44 ? -7.571  1.484   -14.244 1.00 16.76 ? 44  ARG A HH22 1 
ATOM   759  N N    . LEU A 1 45 ? -8.162  -2.266  -6.992  1.00 8.03  ? 45  LEU A N    1 
ATOM   760  C CA   . LEU A 1 45 ? -7.367  -1.998  -5.798  1.00 8.19  ? 45  LEU A CA   1 
ATOM   761  C C    . LEU A 1 45 ? -6.683  -3.261  -5.291  1.00 7.61  ? 45  LEU A C    1 
ATOM   762  O O    . LEU A 1 45 ? -5.508  -3.239  -4.914  1.00 7.97  ? 45  LEU A O    1 
ATOM   763  C CB   . LEU A 1 45 ? -8.260  -1.421  -4.704  1.00 9.71  ? 45  LEU A CB   1 
ATOM   764  C CG   . LEU A 1 45 ? -7.519  -1.115  -3.400  1.00 10.75 ? 45  LEU A CG   1 
ATOM   765  C CD1  . LEU A 1 45 ? -6.363  -0.148  -3.603  1.00 11.29 ? 45  LEU A CD1  1 
ATOM   766  C CD2  . LEU A 1 45 ? -8.488  -0.594  -2.339  1.00 13.30 ? 45  LEU A CD2  1 
ATOM   767  H H    . LEU A 1 45 ? -9.008  -2.153  -6.891  1.00 9.64  ? 45  LEU A H    1 
ATOM   768  H HA   . LEU A 1 45 ? -6.681  -1.348  -6.020  1.00 9.83  ? 45  LEU A HA   1 
ATOM   769  H HB2  . LEU A 1 45 ? -8.649  -0.593  -5.025  1.00 11.65 ? 45  LEU A HB2  1 
ATOM   770  H HB3  . LEU A 1 45 ? -8.960  -2.061  -4.504  1.00 11.65 ? 45  LEU A HB3  1 
ATOM   771  H HG   . LEU A 1 45 ? -7.132  -1.944  -3.079  1.00 12.90 ? 45  LEU A HG   1 
ATOM   772  H HD11 . LEU A 1 45 ? -6.032  0.136   -2.737  1.00 13.55 ? 45  LEU A HD11 1 
ATOM   773  H HD12 . LEU A 1 45 ? -5.659  -0.598  -4.096  1.00 13.55 ? 45  LEU A HD12 1 
ATOM   774  H HD13 . LEU A 1 45 ? -6.679  0.621   -4.104  1.00 13.55 ? 45  LEU A HD13 1 
ATOM   775  H HD21 . LEU A 1 45 ? -7.993  -0.399  -1.529  1.00 15.96 ? 45  LEU A HD21 1 
ATOM   776  H HD22 . LEU A 1 45 ? -8.914  0.213   -2.670  1.00 15.96 ? 45  LEU A HD22 1 
ATOM   777  H HD23 . LEU A 1 45 ? -9.158  -1.273  -2.163  1.00 15.96 ? 45  LEU A HD23 1 
ATOM   778  N N    . LYS A 1 46 ? -7.416  -4.367  -5.249  1.00 8.33  ? 46  LYS A N    1 
ATOM   779  C CA   . LYS A 1 46 ? -6.871  -5.607  -4.717  1.00 8.90  ? 46  LYS A CA   1 
ATOM   780  C C    . LYS A 1 46 ? -5.661  -6.056  -5.517  1.00 8.06  ? 46  LYS A C    1 
ATOM   781  O O    . LYS A 1 46 ? -4.642  -6.448  -4.938  1.00 9.51  ? 46  LYS A O    1 
ATOM   782  C CB   . LYS A 1 46 ? -7.971  -6.667  -4.699  1.00 8.91  ? 46  LYS A CB   1 
ATOM   783  C CG   . LYS A 1 46 ? -8.998  -6.434  -3.602  1.00 9.63  ? 46  LYS A CG   1 
ATOM   784  C CD   . LYS A 1 46 ? -10.278 -7.222  -3.809  1.00 9.34  ? 46  LYS A CD   1 
ATOM   785  C CE   . LYS A 1 46 ? -11.167 -7.081  -2.593  1.00 11.17 ? 46  LYS A CE   1 
ATOM   786  N NZ   . LYS A 1 46 ? -12.451 -7.809  -2.738  1.00 12.55 ? 46  LYS A NZ   1 
ATOM   787  H H    . LYS A 1 46 ? -8.230  -4.428  -5.520  1.00 10.00 ? 46  LYS A H    1 
ATOM   788  H HA   . LYS A 1 46 ? -6.572  -5.478  -3.803  1.00 10.69 ? 46  LYS A HA   1 
ATOM   789  H HB2  . LYS A 1 46 ? -8.435  -6.653  -5.552  1.00 10.69 ? 46  LYS A HB2  1 
ATOM   790  H HB3  . LYS A 1 46 ? -7.569  -7.537  -4.554  1.00 10.69 ? 46  LYS A HB3  1 
ATOM   791  H HG2  . LYS A 1 46 ? -8.616  -6.703  -2.752  1.00 11.56 ? 46  LYS A HG2  1 
ATOM   792  H HG3  . LYS A 1 46 ? -9.228  -5.492  -3.580  1.00 11.56 ? 46  LYS A HG3  1 
ATOM   793  H HD2  . LYS A 1 46 ? -10.752 -6.880  -4.583  1.00 11.21 ? 46  LYS A HD2  1 
ATOM   794  H HD3  . LYS A 1 46 ? -10.069 -8.160  -3.937  1.00 11.21 ? 46  LYS A HD3  1 
ATOM   795  H HE2  . LYS A 1 46 ? -10.703 -7.440  -1.819  1.00 13.40 ? 46  LYS A HE2  1 
ATOM   796  H HE3  . LYS A 1 46 ? -11.366 -6.142  -2.454  1.00 13.40 ? 46  LYS A HE3  1 
ATOM   797  H HZ1  . LYS A 1 46 ? -12.902 -7.494  -3.439  1.00 15.07 ? 46  LYS A HZ1  1 
ATOM   798  H HZ2  . LYS A 1 46 ? -12.298 -8.677  -2.859  1.00 15.07 ? 46  LYS A HZ2  1 
ATOM   799  H HZ3  . LYS A 1 46 ? -12.946 -7.703  -2.005  1.00 15.07 ? 46  LYS A HZ3  1 
ATOM   800  N N    . ARG A 1 47 ? -5.737  -5.983  -6.851  1.00 8.68  ? 47  ARG A N    1 
ATOM   801  C CA   . ARG A 1 47 ? -4.596  -6.413  -7.654  1.00 9.59  ? 47  ARG A CA   1 
ATOM   802  C C    . ARG A 1 47 ? -3.416  -5.470  -7.476  1.00 8.77  ? 47  ARG A C    1 
ATOM   803  O O    . ARG A 1 47 ? -2.270  -5.918  -7.394  1.00 9.32  ? 47  ARG A O    1 
ATOM   804  C CB   . ARG A 1 47 ? -4.986  -6.575  -9.120  1.00 13.26 ? 47  ARG A CB   1 
ATOM   805  C CG   . ARG A 1 47 ? -5.363  -5.343  -9.874  1.00 18.91 ? 47  ARG A CG   1 
ATOM   806  C CD   . ARG A 1 47 ? -6.061  -5.771  -11.170 1.00 21.28 ? 47  ARG A CD   1 
ATOM   807  N NE   . ARG A 1 47 ? -6.377  -4.645  -12.044 1.00 21.05 ? 47  ARG A NE   1 
ATOM   808  C CZ   . ARG A 1 47 ? -7.291  -4.670  -13.009 1.00 24.55 ? 47  ARG A CZ   1 
ATOM   809  N NH1  . ARG A 1 47 ? -7.995  -5.768  -13.233 1.00 25.94 ? 47  ARG A NH1  1 
ATOM   810  N NH2  . ARG A 1 47 ? -7.500  -3.591  -13.749 1.00 27.59 ? 47  ARG A NH2  1 
ATOM   811  H H    . ARG A 1 47 ? -6.414  -5.697  -7.299  1.00 10.42 ? 47  ARG A H    1 
ATOM   812  H HA   . ARG A 1 47 ? -4.314  -7.290  -7.353  1.00 11.51 ? 47  ARG A HA   1 
ATOM   813  H HB2  . ARG A 1 47 ? -4.232  -6.969  -9.586  1.00 15.91 ? 47  ARG A HB2  1 
ATOM   814  H HB3  . ARG A 1 47 ? -5.750  -7.172  -9.160  1.00 15.91 ? 47  ARG A HB3  1 
ATOM   815  H HG2  . ARG A 1 47 ? -5.972  -4.802  -9.348  1.00 22.69 ? 47  ARG A HG2  1 
ATOM   816  H HG3  . ARG A 1 47 ? -4.570  -4.829  -10.094 1.00 22.69 ? 47  ARG A HG3  1 
ATOM   817  H HD2  . ARG A 1 47 ? -5.479  -6.374  -11.659 1.00 25.54 ? 47  ARG A HD2  1 
ATOM   818  H HD3  . ARG A 1 47 ? -6.892  -6.220  -10.949 1.00 25.54 ? 47  ARG A HD3  1 
ATOM   819  H HE   . ARG A 1 47 ? -5.941  -3.914  -11.926 1.00 25.26 ? 47  ARG A HE   1 
ATOM   820  H HH11 . ARG A 1 47 ? -7.863  -6.468  -12.752 1.00 31.12 ? 47  ARG A HH11 1 
ATOM   821  H HH12 . ARG A 1 47 ? -8.586  -5.779  -13.858 1.00 31.12 ? 47  ARG A HH12 1 
ATOM   822  H HH21 . ARG A 1 47 ? -7.046  -2.876  -13.605 1.00 33.11 ? 47  ARG A HH21 1 
ATOM   823  H HH22 . ARG A 1 47 ? -8.092  -3.606  -14.374 1.00 33.11 ? 47  ARG A HH22 1 
ATOM   824  N N    . PHE A 1 48 ? -3.674  -4.167  -7.364  1.00 8.23  ? 48  PHE A N    1 
ATOM   825  C CA   . PHE A 1 48 ? -2.582  -3.228  -7.134  1.00 8.34  ? 48  PHE A CA   1 
ATOM   826  C C    . PHE A 1 48 ? -1.870  -3.538  -5.819  1.00 7.63  ? 48  PHE A C    1 
ATOM   827  O O    . PHE A 1 48 ? -0.633  -3.553  -5.752  1.00 8.14  ? 48  PHE A O    1 
ATOM   828  C CB   . PHE A 1 48 ? -3.126  -1.798  -7.125  1.00 8.72  ? 48  PHE A CB   1 
ATOM   829  C CG   . PHE A 1 48 ? -2.048  -0.761  -7.079  1.00 8.78  ? 48  PHE A CG   1 
ATOM   830  C CD1  . PHE A 1 48 ? -1.587  -0.186  -8.250  1.00 10.76 ? 48  PHE A CD1  1 
ATOM   831  C CD2  . PHE A 1 48 ? -1.485  -0.372  -5.878  1.00 9.76  ? 48  PHE A CD2  1 
ATOM   832  C CE1  . PHE A 1 48 ? -0.586  0.767   -8.224  1.00 12.83 ? 48  PHE A CE1  1 
ATOM   833  C CE2  . PHE A 1 48 ? -0.470  0.583   -5.845  1.00 12.29 ? 48  PHE A CE2  1 
ATOM   834  C CZ   . PHE A 1 48 ? -0.017  1.136   -7.019  1.00 12.72 ? 48  PHE A CZ   1 
ATOM   835  H H    . PHE A 1 48 ? -4.455  -3.809  -7.417  1.00 9.87  ? 48  PHE A H    1 
ATOM   836  H HA   . PHE A 1 48 ? -1.937  -3.302  -7.854  1.00 10.02 ? 48  PHE A HA   1 
ATOM   837  H HB2  . PHE A 1 48 ? -3.645  -1.653  -7.931  1.00 10.46 ? 48  PHE A HB2  1 
ATOM   838  H HB3  . PHE A 1 48 ? -3.687  -1.681  -6.343  1.00 10.46 ? 48  PHE A HB3  1 
ATOM   839  H HD1  . PHE A 1 48 ? -1.955  -0.442  -9.063  1.00 12.91 ? 48  PHE A HD1  1 
ATOM   840  H HD2  . PHE A 1 48 ? -1.786  -0.750  -5.084  1.00 11.72 ? 48  PHE A HD2  1 
ATOM   841  H HE1  . PHE A 1 48 ? -0.295  1.159   -9.016  1.00 15.40 ? 48  PHE A HE1  1 
ATOM   842  H HE2  . PHE A 1 48 ? -0.102  0.846   -5.034  1.00 14.75 ? 48  PHE A HE2  1 
ATOM   843  H HZ   . PHE A 1 48 ? 0.673   1.759   -7.004  1.00 15.27 ? 48  PHE A HZ   1 
ATOM   844  N N    . LEU A 1 49 ? -2.636  -3.813  -4.761  1.00 7.65  ? 49  LEU A N    1 
ATOM   845  C CA   . LEU A 1 49 ? -2.044  -4.079  -3.456  1.00 7.79  ? 49  LEU A CA   1 
ATOM   846  C C    . LEU A 1 49 ? -1.320  -5.419  -3.425  1.00 8.06  ? 49  LEU A C    1 
ATOM   847  O O    . LEU A 1 49 ? -0.268  -5.536  -2.789  1.00 8.77  ? 49  LEU A O    1 
ATOM   848  C CB   . LEU A 1 49 ? -3.126  -4.015  -2.378  1.00 8.56  ? 49  LEU A CB   1 
ATOM   849  C CG   . LEU A 1 49 ? -3.698  -2.623  -2.110  1.00 10.01 ? 49  LEU A CG   1 
ATOM   850  C CD1  . LEU A 1 49 ? -4.819  -2.707  -1.095  1.00 12.33 ? 49  LEU A CD1  1 
ATOM   851  C CD2  . LEU A 1 49 ? -2.646  -1.639  -1.650  1.00 11.19 ? 49  LEU A CD2  1 
ATOM   852  H H    . LEU A 1 49 ? -3.495  -3.852  -4.773  1.00 9.18  ? 49  LEU A H    1 
ATOM   853  H HA   . LEU A 1 49 ? -1.385  -3.393  -3.264  1.00 9.35  ? 49  LEU A HA   1 
ATOM   854  H HB2  . LEU A 1 49 ? -3.863  -4.584  -2.650  1.00 10.27 ? 49  LEU A HB2  1 
ATOM   855  H HB3  . LEU A 1 49 ? -2.747  -4.338  -1.545  1.00 10.27 ? 49  LEU A HB3  1 
ATOM   856  H HG   . LEU A 1 49 ? -4.048  -2.282  -2.947  1.00 12.01 ? 49  LEU A HG   1 
ATOM   857  H HD11 . LEU A 1 49 ? -5.169  -1.816  -0.939  1.00 14.79 ? 49  LEU A HD11 1 
ATOM   858  H HD12 . LEU A 1 49 ? -5.518  -3.281  -1.445  1.00 14.79 ? 49  LEU A HD12 1 
ATOM   859  H HD13 . LEU A 1 49 ? -4.470  -3.074  -0.269  1.00 14.79 ? 49  LEU A HD13 1 
ATOM   860  H HD21 . LEU A 1 49 ? -3.085  -0.830  -1.341  1.00 13.43 ? 49  LEU A HD21 1 
ATOM   861  H HD22 . LEU A 1 49 ? -2.137  -2.036  -0.926  1.00 13.43 ? 49  LEU A HD22 1 
ATOM   862  H HD23 . LEU A 1 49 ? -2.059  -1.434  -2.394  1.00 13.43 ? 49  LEU A HD23 1 
ATOM   863  N N    . GLU A 1 50 ? -1.849  -6.435  -4.116  1.00 9.10  ? 50  GLU A N    1 
ATOM   864  C CA   . GLU A 1 50 ? -1.147  -7.712  -4.192  1.00 9.88  ? 50  GLU A CA   1 
ATOM   865  C C    . GLU A 1 50 ? 0.212   -7.548  -4.853  1.00 9.09  ? 50  GLU A C    1 
ATOM   866  O O    . GLU A 1 50 ? 1.210   -8.115  -4.395  1.00 9.84  ? 50  GLU A O    1 
ATOM   867  C CB   . GLU A 1 50 ? -1.971  -8.708  -5.001  1.00 15.24 ? 50  GLU A CB   1 
ATOM   868  C CG   . GLU A 1 50 ? -3.196  -9.246  -4.317  1.00 22.02 ? 50  GLU A CG   1 
ATOM   869  C CD   . GLU A 1 50 ? -3.891  -10.295 -5.164  1.00 27.70 ? 50  GLU A CD   1 
ATOM   870  O OE1  . GLU A 1 50 ? -3.298  -10.740 -6.174  1.00 29.35 ? 50  GLU A OE1  1 
ATOM   871  O OE2  . GLU A 1 50 ? -5.024  -10.681 -4.819  1.00 30.80 ? 50  GLU A OE2  1 
ATOM   872  H H    . GLU A 1 50 ? -2.596  -6.410  -4.541  1.00 10.93 ? 50  GLU A H    1 
ATOM   873  H HA   . GLU A 1 50 ? -1.028  -8.051  -3.291  1.00 11.86 ? 50  GLU A HA   1 
ATOM   874  H HB2  . GLU A 1 50 ? -2.264  -8.270  -5.816  1.00 18.29 ? 50  GLU A HB2  1 
ATOM   875  H HB3  . GLU A 1 50 ? -1.404  -9.465  -5.216  1.00 18.29 ? 50  GLU A HB3  1 
ATOM   876  H HG2  . GLU A 1 50 ? -2.940  -9.654  -3.475  1.00 26.43 ? 50  GLU A HG2  1 
ATOM   877  H HG3  . GLU A 1 50 ? -3.820  -8.520  -4.157  1.00 26.43 ? 50  GLU A HG3  1 
ATOM   878  N N    . GLU A 1 51 ? 0.258   -6.787  -5.946  1.00 9.17  ? 51  GLU A N    1 
ATOM   879  C CA   . GLU A 1 51 ? 1.503   -6.566  -6.673  1.00 9.87  ? 51  GLU A CA   1 
ATOM   880  C C    . GLU A 1 51 ? 2.478   -5.737  -5.846  1.00 9.30  ? 51  GLU A C    1 
ATOM   881  O O    . GLU A 1 51 ? 3.681   -6.030  -5.807  1.00 10.08 ? 51  GLU A O    1 
ATOM   882  C CB   . GLU A 1 51 ? 1.180   -5.896  -8.014  1.00 11.74 ? 51  GLU A CB   1 
ATOM   883  C CG   . GLU A 1 51 ? 0.577   -6.844  -9.045  1.00 17.04 ? 51  GLU A CG   1 
ATOM   884  H H    . GLU A 1 51 ? -0.420  -6.384  -6.292  1.00 11.01 ? 51  GLU A H    1 
ATOM   885  H HA   . GLU A 1 51 ? 1.939   -7.411  -6.859  1.00 11.85 ? 51  GLU A HA   1 
ATOM   886  H HB2  . GLU A 1 51 ? 0.544   -5.181  -7.860  1.00 14.09 ? 51  GLU A HB2  1 
ATOM   887  H HB3  . GLU A 1 51 ? 2.000   -5.536  -8.387  1.00 14.09 ? 51  GLU A HB3  1 
ATOM   888  H HG2  . GLU A 1 51 ? 0.075   -7.535  -8.584  1.00 20.45 ? 51  GLU A HG2  1 
ATOM   889  H HG3  . GLU A 1 51 ? -0.012  -6.343  -9.632  1.00 20.45 ? 51  GLU A HG3  1 
ATOM   890  N N    . LEU A 1 52 ? 1.977   -4.709  -5.163  1.00 9.23  ? 52  LEU A N    1 
ATOM   891  C CA   . LEU A 1 52 ? 2.836   -3.908  -4.295  1.00 9.18  ? 52  LEU A CA   1 
ATOM   892  C C    . LEU A 1 52 ? 3.452   -4.762  -3.192  1.00 8.27  ? 52  LEU A C    1 
ATOM   893  O O    . LEU A 1 52 ? 4.659   -4.688  -2.928  1.00 9.71  ? 52  LEU A O    1 
ATOM   894  C CB   . LEU A 1 52 ? 2.013   -2.773  -3.694  1.00 10.43 ? 52  LEU A CB   1 
ATOM   895  C CG   . LEU A 1 52 ? 2.727   -1.881  -2.693  1.00 13.15 ? 52  LEU A CG   1 
ATOM   896  C CD1  . LEU A 1 52 ? 3.938   -1.203  -3.315  1.00 17.11 ? 52  LEU A CD1  1 
ATOM   897  C CD2  . LEU A 1 52 ? 1.741   -0.860  -2.171  1.00 14.60 ? 52  LEU A CD2  1 
ATOM   898  H H    . LEU A 1 52 ? 1.156   -4.455  -5.185  1.00 11.08 ? 52  LEU A H    1 
ATOM   899  H HA   . LEU A 1 52 ? 3.559   -3.530  -4.817  1.00 11.02 ? 52  LEU A HA   1 
ATOM   900  H HB2  . LEU A 1 52 ? 1.709   -2.204  -4.419  1.00 12.52 ? 52  LEU A HB2  1 
ATOM   901  H HB3  . LEU A 1 52 ? 1.251   -3.162  -3.237  1.00 12.52 ? 52  LEU A HB3  1 
ATOM   902  H HG   . LEU A 1 52 ? 3.062   -2.413  -1.955  1.00 15.78 ? 52  LEU A HG   1 
ATOM   903  H HD11 . LEU A 1 52 ? 4.296   -0.557  -2.687  1.00 20.53 ? 52  LEU A HD11 1 
ATOM   904  H HD12 . LEU A 1 52 ? 4.608   -1.876  -3.516  1.00 20.53 ? 52  LEU A HD12 1 
ATOM   905  H HD13 . LEU A 1 52 ? 3.665   -0.755  -4.131  1.00 20.53 ? 52  LEU A HD13 1 
ATOM   906  H HD21 . LEU A 1 52 ? 2.187   -0.290  -1.527  1.00 17.52 ? 52  LEU A HD21 1 
ATOM   907  H HD22 . LEU A 1 52 ? 1.414   -0.328  -2.914  1.00 17.52 ? 52  LEU A HD22 1 
ATOM   908  H HD23 . LEU A 1 52 ? 1.001   -1.323  -1.747  1.00 17.52 ? 52  LEU A HD23 1 
ATOM   909  N N    . ARG A 1 53 ? 2.633   -5.582  -2.535  1.00 8.51  ? 53  ARG A N    1 
ATOM   910  C CA   . ARG A 1 53 ? 3.143   -6.443  -1.477  1.00 8.35  ? 53  ARG A CA   1 
ATOM   911  C C    . ARG A 1 53 ? 4.205   -7.397  -2.010  1.00 9.38  ? 53  ARG A C    1 
ATOM   912  O O    . ARG A 1 53 ? 5.252   -7.579  -1.384  1.00 9.38  ? 53  ARG A O    1 
ATOM   913  C CB   . ARG A 1 53 ? 1.986   -7.202  -0.826  1.00 9.35  ? 53  ARG A CB   1 
ATOM   914  C CG   . ARG A 1 53 ? 2.463   -8.199  0.223   1.00 9.55  ? 53  ARG A CG   1 
ATOM   915  C CD   . ARG A 1 53 ? 1.338   -8.779  1.039   1.00 9.68  ? 53  ARG A CD   1 
ATOM   916  N NE   . ARG A 1 53 ? 0.500   -9.638  0.209   1.00 9.94  ? 53  ARG A NE   1 
ATOM   917  C CZ   . ARG A 1 53 ? -0.638  -10.191 0.611   1.00 10.10 ? 53  ARG A CZ   1 
ATOM   918  N NH1  . ARG A 1 53 ? -1.098  -9.981  1.830   1.00 10.73 ? 53  ARG A NH1  1 
ATOM   919  N NH2  . ARG A 1 53 ? -1.319  -10.963 -0.218  1.00 11.89 ? 53  ARG A NH2  1 
ATOM   920  H H    . ARG A 1 53 ? 1.788   -5.657  -2.678  1.00 10.21 ? 53  ARG A H    1 
ATOM   921  H HA   . ARG A 1 53 ? 3.561   -5.898  -0.793  1.00 10.02 ? 53  ARG A HA   1 
ATOM   922  H HB2  . ARG A 1 53 ? 1.395   -6.566  -0.392  1.00 11.22 ? 53  ARG A HB2  1 
ATOM   923  H HB3  . ARG A 1 53 ? 1.503   -7.690  -1.509  1.00 11.22 ? 53  ARG A HB3  1 
ATOM   924  H HG2  . ARG A 1 53 ? 2.917   -8.931  -0.221  1.00 11.46 ? 53  ARG A HG2  1 
ATOM   925  H HG3  . ARG A 1 53 ? 3.072   -7.750  0.830   1.00 11.46 ? 53  ARG A HG3  1 
ATOM   926  H HD2  . ARG A 1 53 ? 1.703   -9.308  1.764   1.00 11.62 ? 53  ARG A HD2  1 
ATOM   927  H HD3  . ARG A 1 53 ? 0.791   -8.061  1.395   1.00 11.62 ? 53  ARG A HD3  1 
ATOM   928  H HE   . ARG A 1 53 ? 0.761   -9.797  -0.594  1.00 11.93 ? 53  ARG A HE   1 
ATOM   929  H HH11 . ARG A 1 53 ? -0.659  -9.480  2.374   1.00 12.87 ? 53  ARG A HH11 1 
ATOM   930  H HH12 . ARG A 1 53 ? -1.837  -10.344 2.080   1.00 12.87 ? 53  ARG A HH12 1 
ATOM   931  H HH21 . ARG A 1 53 ? -1.025  -11.106 -1.014  1.00 14.27 ? 53  ARG A HH21 1 
ATOM   932  H HH22 . ARG A 1 53 ? -2.057  -11.324 0.038   1.00 14.27 ? 53  ARG A HH22 1 
ATOM   933  N N    . GLN A 1 54 ? 3.967   -7.995  -3.177  1.00 9.12  ? 54  GLN A N    1 
ATOM   934  C CA   . GLN A 1 54 ? 4.940   -8.943  -3.713  1.00 10.08 ? 54  GLN A CA   1 
ATOM   935  C C    . GLN A 1 54 ? 6.272   -8.259  -4.002  1.00 10.15 ? 54  GLN A C    1 
ATOM   936  O O    . GLN A 1 54 ? 7.347   -8.795  -3.687  1.00 11.32 ? 54  GLN A O    1 
ATOM   937  C CB   . GLN A 1 54 ? 4.366   -9.567  -4.975  1.00 12.57 ? 54  GLN A CB   1 
ATOM   938  C CG   . GLN A 1 54 ? 5.139   -10.742 -5.483  1.00 17.71 ? 54  GLN A CG   1 
ATOM   939  C CD   . GLN A 1 54 ? 4.403   -11.432 -6.596  1.00 26.43 ? 54  GLN A CD   1 
ATOM   940  O OE1  . GLN A 1 54 ? 3.346   -12.019 -6.378  1.00 27.66 ? 54  GLN A OE1  1 
ATOM   941  N NE2  . GLN A 1 54 ? 4.942   -11.350 -7.805  1.00 32.38 ? 54  GLN A NE2  1 
ATOM   942  H H    . GLN A 1 54 ? 3.270   -7.873  -3.667  1.00 10.94 ? 54  GLN A H    1 
ATOM   943  H HA   . GLN A 1 54 ? 5.110   -9.646  -3.066  1.00 12.10 ? 54  GLN A HA   1 
ATOM   944  H HB2  . GLN A 1 54 ? 3.462   -9.868  -4.789  1.00 15.08 ? 54  GLN A HB2  1 
ATOM   945  H HB3  . GLN A 1 54 ? 4.354   -8.897  -5.676  1.00 15.08 ? 54  GLN A HB3  1 
ATOM   946  H HG2  . GLN A 1 54 ? 5.996   -10.441 -5.822  1.00 21.26 ? 54  GLN A HG2  1 
ATOM   947  H HG3  . GLN A 1 54 ? 5.272   -11.377 -4.762  1.00 21.26 ? 54  GLN A HG3  1 
ATOM   948  H HE21 . GLN A 1 54 ? 5.676   -10.918 -7.919  1.00 38.86 ? 54  GLN A HE21 1 
ATOM   949  H HE22 . GLN A 1 54 ? 4.557   -11.730 -8.473  1.00 38.86 ? 54  GLN A HE22 1 
ATOM   950  N N    . LYS A 1 55 ? 6.217   -7.070  -4.592  1.00 10.37 ? 55  LYS A N    1 
ATOM   951  C CA   . LYS A 1 55 ? 7.427   -6.341  -4.944  1.00 11.06 ? 55  LYS A CA   1 
ATOM   952  C C    . LYS A 1 55 ? 8.228   -5.967  -3.704  1.00 10.41 ? 55  LYS A C    1 
ATOM   953  O O    . LYS A 1 55 ? 9.459   -6.082  -3.693  1.00 12.54 ? 55  LYS A O    1 
ATOM   954  C CB   . LYS A 1 55 ? 7.020   -5.083  -5.712  1.00 14.34 ? 55  LYS A CB   1 
ATOM   955  C CG   . LYS A 1 55 ? 8.153   -4.227  -6.226  1.00 19.24 ? 55  LYS A CG   1 
ATOM   956  H H    . LYS A 1 55 ? 5.491   -6.659  -4.799  1.00 12.45 ? 55  LYS A H    1 
ATOM   957  H HA   . LYS A 1 55 ? 7.995   -6.893  -5.503  1.00 13.27 ? 55  LYS A HA   1 
ATOM   958  H HB2  . LYS A 1 55 ? 6.494   -5.354  -6.481  1.00 17.20 ? 55  LYS A HB2  1 
ATOM   959  H HB3  . LYS A 1 55 ? 6.485   -4.528  -5.124  1.00 17.20 ? 55  LYS A HB3  1 
ATOM   960  N N    . LEU A 1 56 ? 7.553   -5.535  -2.637  1.00 9.29  ? 56  LEU A N    1 
ATOM   961  C CA   . LEU A 1 56 ? 8.258   -5.100  -1.436  1.00 9.99  ? 56  LEU A CA   1 
ATOM   962  C C    . LEU A 1 56 ? 8.721   -6.277  -0.582  1.00 9.47  ? 56  LEU A C    1 
ATOM   963  O O    . LEU A 1 56 ? 9.814   -6.234  -0.006  1.00 10.40 ? 56  LEU A O    1 
ATOM   964  C CB   . LEU A 1 56 ? 7.381   -4.149  -0.620  1.00 10.73 ? 56  LEU A CB   1 
ATOM   965  C CG   . LEU A 1 56 ? 7.209   -2.765  -1.241  1.00 13.31 ? 56  LEU A CG   1 
ATOM   966  C CD1  . LEU A 1 56 ? 6.212   -1.919  -0.448  1.00 13.86 ? 56  LEU A CD1  1 
ATOM   967  C CD2  . LEU A 1 56 ? 8.518   -2.014  -1.367  1.00 17.44 ? 56  LEU A CD2  1 
ATOM   968  H H    . LEU A 1 56 ? 6.697   -5.485  -2.583  1.00 11.15 ? 56  LEU A H    1 
ATOM   969  H HA   . LEU A 1 56 ? 9.050   -4.610  -1.709  1.00 11.99 ? 56  LEU A HA   1 
ATOM   970  H HB2  . LEU A 1 56 ? 6.498   -4.543  -0.529  1.00 12.88 ? 56  LEU A HB2  1 
ATOM   971  H HB3  . LEU A 1 56 ? 7.783   -4.032  0.256   1.00 12.88 ? 56  LEU A HB3  1 
ATOM   972  H HG   . LEU A 1 56 ? 6.863   -2.907  -2.136  1.00 15.97 ? 56  LEU A HG   1 
ATOM   973  H HD11 . LEU A 1 56 ? 6.066   -1.082  -0.917  1.00 16.64 ? 56  LEU A HD11 1 
ATOM   974  H HD12 . LEU A 1 56 ? 5.377   -2.405  -0.370  1.00 16.64 ? 56  LEU A HD12 1 
ATOM   975  H HD13 . LEU A 1 56 ? 6.578   -1.744  0.433   1.00 16.64 ? 56  LEU A HD13 1 
ATOM   976  H HD21 . LEU A 1 56 ? 8.365   -1.077  -1.168  1.00 20.93 ? 56  LEU A HD21 1 
ATOM   977  H HD22 . LEU A 1 56 ? 9.157   -2.386  -0.739  1.00 20.93 ? 56  LEU A HD22 1 
ATOM   978  H HD23 . LEU A 1 56 ? 8.850   -2.110  -2.273  1.00 20.93 ? 56  LEU A HD23 1 
ATOM   979  N N    . GLU A 1 57 ? 7.922   -7.341  -0.480  1.00 9.90  ? 57  GLU A N    1 
ATOM   980  C CA   . GLU A 1 57 ? 8.376   -8.499  0.278   1.00 10.20 ? 57  GLU A CA   1 
ATOM   981  C C    . GLU A 1 57 ? 9.630   -9.098  -0.343  1.00 10.62 ? 57  GLU A C    1 
ATOM   982  O O    . GLU A 1 57 ? 10.493  -9.607  0.378   1.00 12.04 ? 57  GLU A O    1 
ATOM   983  C CB   . GLU A 1 57 ? 7.254   -9.530  0.378   1.00 11.02 ? 57  GLU A CB   1 
ATOM   984  C CG   . GLU A 1 57 ? 6.165   -9.157  1.376   1.00 11.39 ? 57  GLU A CG   1 
ATOM   985  C CD   . GLU A 1 57 ? 5.104   -10.228 1.541   1.00 12.79 ? 57  GLU A CD   1 
ATOM   986  O OE1  . GLU A 1 57 ? 5.103   -11.196 0.760   1.00 16.12 ? 57  GLU A OE1  1 
ATOM   987  O OE2  . GLU A 1 57 ? 4.278   -10.117 2.470   1.00 12.48 ? 57  GLU A OE2  1 
ATOM   988  H H    . GLU A 1 57 ? 7.139   -7.414  -0.828  1.00 11.89 ? 57  GLU A H    1 
ATOM   989  H HA   . GLU A 1 57 ? 8.596   -8.231  1.184   1.00 12.24 ? 57  GLU A HA   1 
ATOM   990  H HB2  . GLU A 1 57 ? 6.839   -9.624  -0.493  1.00 13.23 ? 57  GLU A HB2  1 
ATOM   991  H HB3  . GLU A 1 57 ? 7.634   -10.378 0.657   1.00 13.23 ? 57  GLU A HB3  1 
ATOM   992  H HG2  . GLU A 1 57 ? 6.573   -9.007  2.243   1.00 13.67 ? 57  GLU A HG2  1 
ATOM   993  H HG3  . GLU A 1 57 ? 5.725   -8.348  1.071   1.00 13.67 ? 57  GLU A HG3  1 
ATOM   994  N N    . LYS A 1 58 ? 9.768   -9.025  -1.670  1.00 11.51 ? 58  LYS A N    1 
ATOM   995  C CA   . LYS A 1 58 ? 10.962  -9.548  -2.321  1.00 12.71 ? 58  LYS A CA   1 
ATOM   996  C C    . LYS A 1 58 ? 12.212  -8.809  -1.879  1.00 12.48 ? 58  LYS A C    1 
ATOM   997  O O    . LYS A 1 58 ? 13.311  -9.366  -1.933  1.00 15.45 ? 58  LYS A O    1 
ATOM   998  C CB   . LYS A 1 58 ? 10.820  -9.429  -3.835  1.00 18.15 ? 58  LYS A CB   1 
ATOM   999  C CG   . LYS A 1 58 ? 12.024  -9.922  -4.598  1.00 22.09 ? 58  LYS A CG   1 
ATOM   1000 H H    . LYS A 1 58 ? 9.192   -8.681  -2.207  1.00 13.82 ? 58  LYS A H    1 
ATOM   1001 H HA   . LYS A 1 58 ? 11.055  -10.484 -2.084  1.00 15.25 ? 58  LYS A HA   1 
ATOM   1002 H HB2  . LYS A 1 58 ? 10.055  -9.953  -4.118  1.00 21.78 ? 58  LYS A HB2  1 
ATOM   1003 H HB3  . LYS A 1 58 ? 10.686  -8.496  -4.063  1.00 21.78 ? 58  LYS A HB3  1 
ATOM   1004 N N    . LYS A 1 59 ? 12.070  -7.555  -1.475  1.00 10.96 ? 59  LYS A N    1 
ATOM   1005 C CA   . LYS A 1 59 ? 13.174  -6.750  -0.982  1.00 11.62 ? 59  LYS A CA   1 
ATOM   1006 C C    . LYS A 1 59 ? 13.347  -6.853  0.526   1.00 10.66 ? 59  LYS A C    1 
ATOM   1007 O O    . LYS A 1 59 ? 14.248  -6.211  1.074   1.00 11.65 ? 59  LYS A O    1 
ATOM   1008 C CB   . LYS A 1 59 ? 12.956  -5.294  -1.389  1.00 13.24 ? 59  LYS A CB   1 
ATOM   1009 C CG   . LYS A 1 59 ? 12.981  -5.094  -2.890  1.00 15.95 ? 59  LYS A CG   1 
ATOM   1010 C CD   . LYS A 1 59 ? 12.768  -3.637  -3.281  1.00 19.02 ? 59  LYS A CD   1 
ATOM   1011 H H    . LYS A 1 59 ? 11.319  -7.136  -1.478  1.00 13.15 ? 59  LYS A H    1 
ATOM   1012 H HA   . LYS A 1 59 ? 14.002  -7.053  -1.386  1.00 13.94 ? 59  LYS A HA   1 
ATOM   1013 H HB2  . LYS A 1 59 ? 12.092  -5.000  -1.062  1.00 15.89 ? 59  LYS A HB2  1 
ATOM   1014 H HB3  . LYS A 1 59 ? 13.659  -4.749  -1.003  1.00 15.89 ? 59  LYS A HB3  1 
ATOM   1015 H HG2  . LYS A 1 59 ? 13.844  -5.376  -3.234  1.00 19.14 ? 59  LYS A HG2  1 
ATOM   1016 H HG3  . LYS A 1 59 ? 12.274  -5.622  -3.293  1.00 19.14 ? 59  LYS A HG3  1 
ATOM   1017 N N    . GLY A 1 60 ? 12.529  -7.653  1.204   1.00 10.82 ? 60  GLY A N    1 
ATOM   1018 C CA   . GLY A 1 60 ? 12.677  -7.857  2.629   1.00 11.26 ? 60  GLY A CA   1 
ATOM   1019 C C    . GLY A 1 60 ? 11.864  -6.937  3.509   1.00 11.00 ? 60  GLY A C    1 
ATOM   1020 O O    . GLY A 1 60 ? 11.998  -7.008  4.738   1.00 12.52 ? 60  GLY A O    1 
ATOM   1021 H H    . GLY A 1 60 ? 11.877  -8.090  0.852   1.00 12.98 ? 60  GLY A H    1 
ATOM   1022 H HA2  . GLY A 1 60 ? 12.414  -8.767  2.837   1.00 13.52 ? 60  GLY A HA2  1 
ATOM   1023 H HA3  . GLY A 1 60 ? 13.610  -7.736  2.863   1.00 13.52 ? 60  GLY A HA3  1 
ATOM   1024 N N    . TYR A 1 61 ? 11.007  -6.096  2.934   1.00 9.93  ? 61  TYR A N    1 
ATOM   1025 C CA   . TYR A 1 61 ? 10.127  -5.268  3.740   1.00 10.09 ? 61  TYR A CA   1 
ATOM   1026 C C    . TYR A 1 61 ? 8.999   -6.115  4.316   1.00 10.11 ? 61  TYR A C    1 
ATOM   1027 O O    . TYR A 1 61 ? 8.592   -7.123  3.737   1.00 11.61 ? 61  TYR A O    1 
ATOM   1028 C CB   . TYR A 1 61 ? 9.525   -4.138  2.897   1.00 10.36 ? 61  TYR A CB   1 
ATOM   1029 C CG   . TYR A 1 61 ? 10.559  -3.158  2.412   1.00 10.69 ? 61  TYR A CG   1 
ATOM   1030 C CD1  . TYR A 1 61 ? 11.028  -2.143  3.246   1.00 11.07 ? 61  TYR A CD1  1 
ATOM   1031 C CD2  . TYR A 1 61 ? 11.106  -3.271  1.147   1.00 11.79 ? 61  TYR A CD2  1 
ATOM   1032 C CE1  . TYR A 1 61 ? 11.985  -1.255  2.819   1.00 11.44 ? 61  TYR A CE1  1 
ATOM   1033 C CE2  . TYR A 1 61 ? 12.072  -2.384  0.713   1.00 12.88 ? 61  TYR A CE2  1 
ATOM   1034 C CZ   . TYR A 1 61 ? 12.518  -1.389  1.560   1.00 12.60 ? 61  TYR A CZ   1 
ATOM   1035 O OH   . TYR A 1 61 ? 13.478  -0.514  1.124   1.00 15.70 ? 61  TYR A OH   1 
ATOM   1036 H H    . TYR A 1 61 ? 10.919  -5.990  2.085   1.00 11.92 ? 61  TYR A H    1 
ATOM   1037 H HA   . TYR A 1 61 ? 10.631  -4.872  4.467   1.00 12.11 ? 61  TYR A HA   1 
ATOM   1038 H HB2  . TYR A 1 61 ? 9.088   -4.522  2.121   1.00 12.43 ? 61  TYR A HB2  1 
ATOM   1039 H HB3  . TYR A 1 61 ? 8.880   -3.653  3.435   1.00 12.43 ? 61  TYR A HB3  1 
ATOM   1040 H HD1  . TYR A 1 61 ? 10.685  -2.065  4.108   1.00 13.28 ? 61  TYR A HD1  1 
ATOM   1041 H HD2  . TYR A 1 61 ? 10.822  -3.953  0.582   1.00 14.15 ? 61  TYR A HD2  1 
ATOM   1042 H HE1  . TYR A 1 61 ? 12.271  -0.569  3.377   1.00 13.73 ? 61  TYR A HE1  1 
ATOM   1043 H HE2  . TYR A 1 61 ? 12.420  -2.457  -0.146  1.00 15.46 ? 61  TYR A HE2  1 
ATOM   1044 H HH   . TYR A 1 61 ? 13.666  0.033   1.734   1.00 18.84 ? 61  TYR A HH   1 
ATOM   1045 N N    . THR A 1 62 ? 8.496   -5.700  5.471   1.00 9.89  ? 62  THR A N    1 
ATOM   1046 C CA   . THR A 1 62 ? 7.267   -6.264  6.009   1.00 9.51  ? 62  THR A CA   1 
ATOM   1047 C C    . THR A 1 62 ? 6.100   -5.453  5.466   1.00 8.80  ? 62  THR A C    1 
ATOM   1048 O O    . THR A 1 62 ? 6.119   -4.219  5.524   1.00 9.65  ? 62  THR A O    1 
ATOM   1049 C CB   . THR A 1 62 ? 7.283   -6.227  7.533   1.00 11.04 ? 62  THR A CB   1 
ATOM   1050 O OG1  . THR A 1 62 ? 8.386   -7.012  8.001   1.00 12.75 ? 62  THR A OG1  1 
ATOM   1051 C CG2  . THR A 1 62 ? 5.973   -6.772  8.091   1.00 12.28 ? 62  THR A CG2  1 
ATOM   1052 H H    . THR A 1 62 ? 8.851   -5.092  5.964   1.00 11.87 ? 62  THR A H    1 
ATOM   1053 H HA   . THR A 1 62 ? 7.167   -7.190  5.740   1.00 11.41 ? 62  THR A HA   1 
ATOM   1054 H HB   . THR A 1 62 ? 7.380   -5.314  7.848   1.00 13.25 ? 62  THR A HB   1 
ATOM   1055 H HG1  . THR A 1 62 ? 8.425   -6.981  8.840   1.00 15.30 ? 62  THR A HG1  1 
ATOM   1056 H HG21 . THR A 1 62 ? 6.037   -6.868  9.054   1.00 14.73 ? 62  THR A HG21 1 
ATOM   1057 H HG22 . THR A 1 62 ? 5.245   -6.164  7.884   1.00 14.73 ? 62  THR A HG22 1 
ATOM   1058 H HG23 . THR A 1 62 ? 5.779   -7.638  7.700   1.00 14.73 ? 62  THR A HG23 1 
ATOM   1059 N N    . VAL A 1 63 ? 5.101   -6.141  4.920   1.00 9.27  ? 63  VAL A N    1 
ATOM   1060 C CA   . VAL A 1 63 ? 3.946   -5.487  4.309   1.00 10.31 ? 63  VAL A CA   1 
ATOM   1061 C C    . VAL A 1 63 ? 2.688   -6.130  4.874   1.00 9.94  ? 63  VAL A C    1 
ATOM   1062 O O    . VAL A 1 63 ? 2.420   -7.313  4.618   1.00 11.58 ? 63  VAL A O    1 
ATOM   1063 C CB   . VAL A 1 63 ? 3.967   -5.564  2.780   1.00 11.85 ? 63  VAL A CB   1 
ATOM   1064 C CG1  . VAL A 1 63 ? 2.787   -4.792  2.219   1.00 13.58 ? 63  VAL A CG1  1 
ATOM   1065 C CG2  . VAL A 1 63 ? 5.275   -5.023  2.232   1.00 13.64 ? 63  VAL A CG2  1 
ATOM   1066 H H    . VAL A 1 63 ? 5.072   -7.000  4.892   1.00 11.12 ? 63  VAL A H    1 
ATOM   1067 H HA   . VAL A 1 63 ? 3.945   -4.552  4.566   1.00 12.37 ? 63  VAL A HA   1 
ATOM   1068 H HB   . VAL A 1 63 ? 3.897   -6.490  2.503   1.00 14.22 ? 63  VAL A HB   1 
ATOM   1069 H HG11 . VAL A 1 63 ? 2.872   -4.740  1.254   1.00 16.29 ? 63  VAL A HG11 1 
ATOM   1070 H HG12 . VAL A 1 63 ? 1.967   -5.253  2.455   1.00 16.29 ? 63  VAL A HG12 1 
ATOM   1071 H HG13 . VAL A 1 63 ? 2.784   -3.899  2.599   1.00 16.29 ? 63  VAL A HG13 1 
ATOM   1072 H HG21 . VAL A 1 63 ? 5.247   -5.053  1.263   1.00 16.36 ? 63  VAL A HG21 1 
ATOM   1073 H HG22 . VAL A 1 63 ? 5.388   -4.108  2.532   1.00 16.36 ? 63  VAL A HG22 1 
ATOM   1074 H HG23 . VAL A 1 63 ? 6.005   -5.571  2.559   1.00 16.36 ? 63  VAL A HG23 1 
ATOM   1075 N N    A ASP A 1 64 ? 1.935   -5.353  5.648   0.69 9.44  ? 64  ASP A N    1 
ATOM   1076 N N    B ASP A 1 64 ? 1.923   -5.350  5.638   0.31 10.12 ? 64  ASP A N    1 
ATOM   1077 C CA   A ASP A 1 64 ? 0.729   -5.824  6.319   0.69 9.53  ? 64  ASP A CA   1 
ATOM   1078 C CA   B ASP A 1 64 ? 0.728   -5.815  6.342   0.31 11.10 ? 64  ASP A CA   1 
ATOM   1079 C C    A ASP A 1 64 ? -0.454  -5.146  5.642   0.69 10.52 ? 64  ASP A C    1 
ATOM   1080 C C    B ASP A 1 64 ? -0.471  -5.153  5.671   0.31 10.97 ? 64  ASP A C    1 
ATOM   1081 O O    A ASP A 1 64 ? -0.719  -3.961  5.869   0.69 12.66 ? 64  ASP A O    1 
ATOM   1082 O O    B ASP A 1 64 ? -0.769  -3.984  5.930   0.31 11.98 ? 64  ASP A O    1 
ATOM   1083 C CB   A ASP A 1 64 ? 0.751   -5.495  7.807   0.69 12.65 ? 64  ASP A CB   1 
ATOM   1084 C CB   B ASP A 1 64 ? 0.817   -5.433  7.819   0.31 13.68 ? 64  ASP A CB   1 
ATOM   1085 C CG   A ASP A 1 64 ? 1.762   -6.312  8.571   0.69 15.56 ? 64  ASP A CG   1 
ATOM   1086 C CG   B ASP A 1 64 ? -0.324  -6.003  8.656   0.31 16.05 ? 64  ASP A CG   1 
ATOM   1087 O OD1  A ASP A 1 64 ? 2.007   -7.479  8.198   0.69 17.24 ? 64  ASP A OD1  1 
ATOM   1088 O OD1  B ASP A 1 64 ? -1.373  -6.373  8.089   0.31 17.46 ? 64  ASP A OD1  1 
ATOM   1089 O OD2  A ASP A 1 64 ? 2.312   -5.784  9.552   0.69 19.90 ? 64  ASP A OD2  1 
ATOM   1090 O OD2  B ASP A 1 64 ? -0.167  -6.070  9.896   0.31 18.73 ? 64  ASP A OD2  1 
ATOM   1091 H H    A ASP A 1 64 ? 2.111   -4.525  5.802   0.69 11.33 ? 64  ASP A H    1 
ATOM   1092 H H    B ASP A 1 64 ? 2.086   -4.516  5.769   0.31 12.15 ? 64  ASP A H    1 
ATOM   1093 H HA   A ASP A 1 64 ? 0.664   -6.786  6.220   0.69 11.43 ? 64  ASP A HA   1 
ATOM   1094 H HA   B ASP A 1 64 ? 0.639   -6.779  6.268   0.31 13.32 ? 64  ASP A HA   1 
ATOM   1095 H HB2  A ASP A 1 64 ? 0.974   -4.558  7.920   0.69 15.19 ? 64  ASP A HB2  1 
ATOM   1096 H HB2  B ASP A 1 64 ? 1.650   -5.773  8.182   0.31 16.41 ? 64  ASP A HB2  1 
ATOM   1097 H HB3  A ASP A 1 64 ? -0.126  -5.674  8.183   0.69 15.19 ? 64  ASP A HB3  1 
ATOM   1098 H HB3  B ASP A 1 64 ? 0.790   -4.468  7.897   0.31 16.41 ? 64  ASP A HB3  1 
ATOM   1099 N N    . ILE A 1 65 ? -1.161  -5.905  4.815   1.00 10.07 ? 65  ILE A N    1 
ATOM   1100 C CA   . ILE A 1 65 ? -2.331  -5.420  4.096   1.00 11.02 ? 65  ILE A CA   1 
ATOM   1101 C C    . ILE A 1 65 ? -3.552  -6.111  4.683   1.00 11.04 ? 65  ILE A C    1 
ATOM   1102 O O    . ILE A 1 65 ? -3.601  -7.340  4.739   1.00 12.81 ? 65  ILE A O    1 
ATOM   1103 C CB   . ILE A 1 65 ? -2.262  -5.760  2.599   1.00 15.14 ? 65  ILE A CB   1 
ATOM   1104 C CG1  . ILE A 1 65 ? -0.957  -5.344  1.929   1.00 20.34 ? 65  ILE A CG1  1 
ATOM   1105 C CG2  . ILE A 1 65 ? -3.452  -5.143  1.885   1.00 16.16 ? 65  ILE A CG2  1 
ATOM   1106 C CD1  . ILE A 1 65 ? -0.727  -3.916  1.831   1.00 22.35 ? 65  ILE A CD1  1 
ATOM   1107 H H    . ILE A 1 65 ? -0.974  -6.729  4.651   1.00 12.08 ? 65  ILE A H    1 
ATOM   1108 H HA   . ILE A 1 65 ? -2.388  -4.458  4.212   1.00 13.23 ? 65  ILE A HA   1 
ATOM   1109 H HB   . ILE A 1 65 ? -2.289  -6.727  2.531   1.00 18.16 ? 65  ILE A HB   1 
ATOM   1110 H HG12 . ILE A 1 65 ? -0.221  -5.720  2.438   1.00 24.41 ? 65  ILE A HG12 1 
ATOM   1111 H HG13 . ILE A 1 65 ? -0.950  -5.700  1.026   1.00 24.41 ? 65  ILE A HG13 1 
ATOM   1112 H HG21 . ILE A 1 65 ? -3.318  -5.217  0.927   1.00 19.40 ? 65  ILE A HG21 1 
ATOM   1113 H HG22 . ILE A 1 65 ? -4.256  -5.620  2.144   1.00 19.40 ? 65  ILE A HG22 1 
ATOM   1114 H HG23 . ILE A 1 65 ? -3.524  -4.210  2.139   1.00 19.40 ? 65  ILE A HG23 1 
ATOM   1115 H HD11 . ILE A 1 65 ? 0.151   -3.763  1.448   1.00 26.82 ? 65  ILE A HD11 1 
ATOM   1116 H HD12 . ILE A 1 65 ? -1.408  -3.525  1.262   1.00 26.82 ? 65  ILE A HD12 1 
ATOM   1117 H HD13 . ILE A 1 65 ? -0.773  -3.527  2.718   1.00 26.82 ? 65  ILE A HD13 1 
ATOM   1118 N N    . LYS A 1 66 ? -4.550  -5.328  5.075   1.00 11.22 ? 66  LYS A N    1 
ATOM   1119 C CA   . LYS A 1 66 ? -5.808  -5.854  5.586   1.00 13.55 ? 66  LYS A CA   1 
ATOM   1120 C C    . LYS A 1 66 ? -6.937  -5.219  4.799   1.00 13.35 ? 66  LYS A C    1 
ATOM   1121 O O    . LYS A 1 66 ? -7.061  -3.992  4.767   1.00 15.52 ? 66  LYS A O    1 
ATOM   1122 C CB   . LYS A 1 66 ? -5.966  -5.534  7.073   1.00 20.57 ? 66  LYS A CB   1 
ATOM   1123 C CG   . LYS A 1 66 ? -4.956  -6.215  7.970   1.00 26.10 ? 66  LYS A CG   1 
ATOM   1124 C CD   . LYS A 1 66 ? -5.289  -7.682  8.145   1.00 28.78 ? 66  LYS A CD   1 
ATOM   1125 H H    . LYS A 1 66 ? -4.519  -4.470  5.053   1.00 13.46 ? 66  LYS A H    1 
ATOM   1126 H HA   . LYS A 1 66 ? -5.837  -6.817  5.466   1.00 16.26 ? 66  LYS A HA   1 
ATOM   1127 H HB2  . LYS A 1 66 ? -5.869  -4.577  7.195   1.00 24.69 ? 66  LYS A HB2  1 
ATOM   1128 H HB3  . LYS A 1 66 ? -6.850  -5.817  7.358   1.00 24.69 ? 66  LYS A HB3  1 
ATOM   1129 H HG2  . LYS A 1 66 ? -4.073  -6.146  7.575   1.00 31.33 ? 66  LYS A HG2  1 
ATOM   1130 H HG3  . LYS A 1 66 ? -4.962  -5.793  8.843   1.00 31.33 ? 66  LYS A HG3  1 
ATOM   1131 N N    . ILE A 1 67 ? -7.766  -6.043  4.173   1.00 14.70 ? 67  ILE A N    1 
ATOM   1132 C CA   . ILE A 1 67 ? -8.943  -5.566  3.461   1.00 15.60 ? 67  ILE A CA   1 
ATOM   1133 C C    . ILE A 1 67 ? -10.151 -6.128  4.200   1.00 19.33 ? 67  ILE A C    1 
ATOM   1134 O O    . ILE A 1 67 ? -10.434 -7.332  4.125   1.00 21.92 ? 67  ILE A O    1 
ATOM   1135 C CB   . ILE A 1 67 ? -8.924  -5.978  1.985   1.00 16.62 ? 67  ILE A CB   1 
ATOM   1136 C CG1  . ILE A 1 67 ? -7.611  -5.510  1.335   1.00 16.68 ? 67  ILE A CG1  1 
ATOM   1137 C CG2  . ILE A 1 67 ? -10.136 -5.422  1.255   1.00 18.47 ? 67  ILE A CG2  1 
ATOM   1138 C CD1  . ILE A 1 67 ? -7.517  -5.831  -0.149  1.00 19.32 ? 67  ILE A CD1  1 
ATOM   1139 H H    . ILE A 1 67 ? -7.662  -6.896  4.146   1.00 17.64 ? 67  ILE A H    1 
ATOM   1140 H HA   . ILE A 1 67 ? -8.992  -4.598  3.494   1.00 18.72 ? 67  ILE A HA   1 
ATOM   1141 H HB   . ILE A 1 67 ? -8.968  -6.945  1.926   1.00 19.95 ? 67  ILE A HB   1 
ATOM   1142 H HG12 . ILE A 1 67 ? -7.538  -4.548  1.436   1.00 20.01 ? 67  ILE A HG12 1 
ATOM   1143 H HG13 . ILE A 1 67 ? -6.868  -5.948  1.780   1.00 20.01 ? 67  ILE A HG13 1 
ATOM   1144 H HG21 . ILE A 1 67 ? -10.088 -5.681  0.321   1.00 22.17 ? 67  ILE A HG21 1 
ATOM   1145 H HG22 . ILE A 1 67 ? -10.940 -5.783  1.658   1.00 22.17 ? 67  ILE A HG22 1 
ATOM   1146 H HG23 . ILE A 1 67 ? -10.133 -4.454  1.330   1.00 22.17 ? 67  ILE A HG23 1 
ATOM   1147 H HD11 . ILE A 1 67 ? -6.607  -5.677  -0.448  1.00 23.19 ? 67  ILE A HD11 1 
ATOM   1148 H HD12 . ILE A 1 67 ? -7.758  -6.760  -0.287  1.00 23.19 ? 67  ILE A HD12 1 
ATOM   1149 H HD13 . ILE A 1 67 ? -8.127  -5.255  -0.635  1.00 23.19 ? 67  ILE A HD13 1 
ATOM   1150 N N    . GLU A 1 68 ? -10.833 -5.266  4.944   1.00 21.29 ? 68  GLU A N    1 
ATOM   1151 C CA   . GLU A 1 68 ? -11.883 -5.685  5.860   1.00 26.16 ? 68  GLU A CA   1 
ATOM   1152 C C    . GLU A 1 68 ? -13.251 -5.665  5.199   1.00 31.18 ? 68  GLU A C    1 
ATOM   1153 O O    . GLU A 1 68 ? -14.237 -6.083  5.810   1.00 32.98 ? 68  GLU A O    1 
ATOM   1154 C CB   . GLU A 1 68 ? -11.893 -4.771  7.089   1.00 29.58 ? 68  GLU A CB   1 
ATOM   1155 O OXT  . GLU A 1 68 ? -13.406 -5.234  4.055   1.00 30.19 ? 68  GLU A OXT  1 
ATOM   1156 H H    . GLU A 1 68 ? -10.703 -4.417  4.936   1.00 25.55 ? 68  GLU A H    1 
ATOM   1157 H HA   . GLU A 1 68 ? -11.708 -6.597  6.141   1.00 31.40 ? 68  GLU A HA   1 
HETATM 1158 O O    . HOH B 2 .  ? -3.059  10.120  -9.999  1.00 24.41 ? 101 HOH A O    1 
HETATM 1159 O O    . HOH B 2 .  ? -5.830  -2.472  -14.471 1.00 40.11 ? 102 HOH A O    1 
HETATM 1160 O O    . HOH B 2 .  ? 15.148  4.015   -2.179  1.00 32.39 ? 103 HOH A O    1 
HETATM 1161 O O    . HOH B 2 .  ? -2.457  -12.541 -4.724  1.00 27.59 ? 104 HOH A O    1 
HETATM 1162 O O    . HOH B 2 .  ? 15.111  7.250   4.668   1.00 18.05 ? 105 HOH A O    1 
HETATM 1163 O O    . HOH B 2 .  ? 5.067   1.039   -5.867  1.00 23.57 ? 106 HOH A O    1 
HETATM 1164 O O    . HOH B 2 .  ? -11.617 1.837   4.917   1.00 18.73 ? 107 HOH A O    1 
HETATM 1165 O O    . HOH B 2 .  ? -3.363  8.996   3.116   1.00 38.31 ? 108 HOH A O    1 
HETATM 1166 O O    . HOH B 2 .  ? 5.605   9.704   0.110   1.00 15.63 ? 109 HOH A O    1 
HETATM 1167 O O    . HOH B 2 .  ? 15.084  -0.723  -0.874  1.00 36.95 ? 110 HOH A O    1 
HETATM 1168 O O    . HOH B 2 .  ? -11.091 1.064   -8.564  1.00 22.58 ? 111 HOH A O    1 
HETATM 1169 O O    . HOH B 2 .  ? -4.724  -9.713  4.686   1.00 16.72 ? 112 HOH A O    1 
HETATM 1170 O O    . HOH B 2 .  ? 8.402   -7.772  10.526  1.00 25.62 ? 113 HOH A O    1 
HETATM 1171 O O    . HOH B 2 .  ? 9.746   -9.461  4.128   1.00 25.10 ? 114 HOH A O    1 
HETATM 1172 O O    . HOH B 2 .  ? -1.457  13.655  -10.122 1.00 37.68 ? 115 HOH A O    1 
HETATM 1173 O O    . HOH B 2 .  ? 6.774   -1.912  12.769  1.00 27.93 ? 116 HOH A O    1 
HETATM 1174 O O    . HOH B 2 .  ? -9.383  -6.611  -15.329 1.00 32.31 ? 117 HOH A O    1 
HETATM 1175 O O    . HOH B 2 .  ? 14.480  1.111   2.968   1.00 15.68 ? 118 HOH A O    1 
HETATM 1176 O O    . HOH B 2 .  ? -3.806  12.680  0.126   1.00 16.81 ? 119 HOH A O    1 
HETATM 1177 O O    . HOH B 2 .  ? 12.506  1.241   5.086   1.00 13.92 ? 120 HOH A O    1 
HETATM 1178 O O    . HOH B 2 .  ? 9.175   -2.960  11.840  1.00 25.57 ? 121 HOH A O    1 
HETATM 1179 O O    . HOH B 2 .  ? 9.460   4.606   9.781   1.00 26.07 ? 122 HOH A O    1 
HETATM 1180 O O    . HOH B 2 .  ? 7.939   6.601   -8.422  1.00 23.39 ? 123 HOH A O    1 
HETATM 1181 O O    . HOH B 2 .  ? 5.490   -12.233 -1.698  1.00 16.50 ? 124 HOH A O    1 
HETATM 1182 O O    . HOH B 2 .  ? 10.387  -8.433  6.824   1.00 10.76 ? 125 HOH A O    1 
HETATM 1183 O O    . HOH B 2 .  ? 7.663   -11.435 -3.020  1.00 15.45 ? 126 HOH A O    1 
HETATM 1184 O O    . HOH B 2 .  ? 3.756   -7.130  11.457  1.00 24.96 ? 127 HOH A O    1 
HETATM 1185 O O    . HOH B 2 .  ? -5.261  8.308   -0.165  1.00 26.03 ? 128 HOH A O    1 
HETATM 1186 O O    . HOH B 2 .  ? -9.710  6.823   -13.250 1.00 13.79 ? 129 HOH A O    1 
HETATM 1187 O O    . HOH B 2 .  ? 8.548   6.980   5.907   1.00 18.51 ? 130 HOH A O    1 
HETATM 1188 O O    . HOH B 2 .  ? 6.279   6.066   11.867  1.00 25.72 ? 131 HOH A O    1 
HETATM 1189 O O    . HOH B 2 .  ? 0.887   4.835   -9.213  1.00 20.59 ? 132 HOH A O    1 
HETATM 1190 O O    . HOH B 2 .  ? 5.159   -9.024  4.852   1.00 11.08 ? 133 HOH A O    1 
HETATM 1191 O O    . HOH B 2 .  ? -9.556  11.418  -6.771  1.00 15.14 ? 134 HOH A O    1 
HETATM 1192 O O    . HOH B 2 .  ? -3.889  -12.683 -3.273  1.00 31.23 ? 135 HOH A O    1 
HETATM 1193 O O    . HOH B 2 .  ? -4.268  1.481   -13.433 1.00 24.78 ? 136 HOH A O    1 
HETATM 1194 O O    . HOH B 2 .  ? -0.010  -8.591  4.202   1.00 10.45 ? 137 HOH A O    1 
HETATM 1195 O O    . HOH B 2 .  ? 3.661   -9.460  7.166   1.00 16.26 ? 138 HOH A O    1 
HETATM 1196 O O    . HOH B 2 .  ? -4.635  9.476   -2.842  1.00 12.99 ? 139 HOH A O    1 
HETATM 1197 O O    . HOH B 2 .  ? -0.897  11.374  -5.613  1.00 23.07 ? 140 HOH A O    1 
HETATM 1198 O O    . HOH B 2 .  ? -7.426  9.396   -3.106  1.00 15.93 ? 141 HOH A O    1 
HETATM 1199 O O    . HOH B 2 .  ? 1.413   10.664  -4.694  1.00 19.27 ? 142 HOH A O    1 
HETATM 1200 O O    . HOH B 2 .  ? -11.654 0.815   -1.406  1.00 13.74 ? 143 HOH A O    1 
HETATM 1201 O O    . HOH B 2 .  ? 11.034  -6.136  -6.015  1.00 21.60 ? 144 HOH A O    1 
HETATM 1202 O O    . HOH B 2 .  ? -14.035 -6.802  -4.826  1.00 21.66 ? 145 HOH A O    1 
HETATM 1203 O O    . HOH B 2 .  ? 10.412  3.000   8.047   1.00 15.21 ? 146 HOH A O    1 
HETATM 1204 O O    . HOH B 2 .  ? 2.170   6.716   5.901   1.00 15.83 ? 147 HOH A O    1 
HETATM 1205 O O    . HOH B 2 .  ? -4.253  6.664   1.680   1.00 28.22 ? 148 HOH A O    1 
HETATM 1206 O O    . HOH B 2 .  ? 1.015   -10.250 -2.557  1.00 11.12 ? 149 HOH A O    1 
HETATM 1207 O O    . HOH B 2 .  ? 17.962  7.838   2.158   1.00 29.53 ? 150 HOH A O    1 
HETATM 1208 O O    . HOH B 2 .  ? -13.934 -7.523  8.229   1.00 32.83 ? 151 HOH A O    1 
HETATM 1209 O O    . HOH B 2 .  ? 8.036   -0.789  15.266  1.00 26.28 ? 152 HOH A O    1 
HETATM 1210 O O    . HOH B 2 .  ? -4.943  -2.523  -10.673 1.00 16.99 ? 153 HOH A O    1 
HETATM 1211 O O    . HOH B 2 .  ? 2.922   10.118  -0.014  1.00 19.54 ? 154 HOH A O    1 
HETATM 1212 O O    . HOH B 2 .  ? 11.316  8.831   -1.789  1.00 19.00 ? 155 HOH A O    1 
HETATM 1213 O O    . HOH B 2 .  ? -3.464  7.167   5.538   1.00 21.74 ? 156 HOH A O    1 
HETATM 1214 O O    . HOH B 2 .  ? 1.214   -2.292  -7.535  1.00 15.56 ? 157 HOH A O    1 
HETATM 1215 O O    . HOH B 2 .  ? 11.018  11.919  1.167   1.00 17.09 ? 158 HOH A O    1 
HETATM 1216 O O    . HOH B 2 .  ? 7.046   2.326   16.677  1.00 43.91 ? 159 HOH A O    1 
HETATM 1217 O O    . HOH B 2 .  ? 4.872   -7.468  -7.986  1.00 26.77 ? 160 HOH A O    1 
HETATM 1218 O O    . HOH B 2 .  ? 2.648   1.782   -4.553  1.00 27.05 ? 161 HOH A O    1 
HETATM 1219 O O    . HOH B 2 .  ? -3.022  -4.016  8.055   1.00 28.23 ? 162 HOH A O    1 
HETATM 1220 O O    . HOH B 2 .  ? -7.857  7.889   3.312   1.00 22.05 ? 163 HOH A O    1 
HETATM 1221 O O    . HOH B 2 .  ? -6.949  4.420   -15.030 1.00 29.78 ? 164 HOH A O    1 
HETATM 1222 O O    . HOH B 2 .  ? 6.770   7.739   -6.240  1.00 26.82 ? 165 HOH A O    1 
HETATM 1223 O O    . HOH B 2 .  ? 12.872  -2.950  11.306  1.00 12.03 ? 166 HOH A O    1 
HETATM 1224 O O    . HOH B 2 .  ? -7.626  6.326   0.078   1.00 14.54 ? 167 HOH A O    1 
HETATM 1225 O O    . HOH B 2 .  ? 3.122   1.622   -9.170  1.00 36.78 ? 168 HOH A O    1 
HETATM 1226 O O    . HOH B 2 .  ? -3.346  -9.923  6.080   1.00 31.80 ? 169 HOH A O    1 
HETATM 1227 O O    . HOH B 2 .  ? -11.798 -4.287  11.162  1.00 20.36 ? 170 HOH A O    1 
HETATM 1228 O O    . HOH B 2 .  ? 9.450   4.535   12.713  1.00 34.29 ? 171 HOH A O    1 
HETATM 1229 O O    . HOH B 2 .  ? 2.884   6.196   9.575   1.00 21.86 ? 172 HOH A O    1 
HETATM 1230 O O    . HOH B 2 .  ? -2.011  14.981  -5.420  1.00 25.56 ? 173 HOH A O    1 
HETATM 1231 O O    . HOH B 2 .  ? -13.659 -6.191  -0.463  1.00 20.00 ? 174 HOH A O    1 
HETATM 1232 O O    . HOH B 2 .  ? 11.439  3.506   -9.289  1.00 25.36 ? 175 HOH A O    1 
HETATM 1233 O O    . HOH B 2 .  ? -14.498 6.704   1.508   1.00 25.02 ? 176 HOH A O    1 
HETATM 1234 O O    . HOH B 2 .  ? -2.870  1.506   8.193   1.00 28.49 ? 177 HOH A O    1 
HETATM 1235 O O    . HOH B 2 .  ? 8.478   -5.953  10.875  1.00 17.93 ? 178 HOH A O    1 
HETATM 1236 O O    . HOH B 2 .  ? -1.057  -12.524 -2.875  1.00 27.15 ? 179 HOH A O    1 
HETATM 1237 O O    . HOH B 2 .  ? -9.607  -10.076 5.385   1.00 39.11 ? 180 HOH A O    1 
HETATM 1238 O O    . HOH B 2 .  ? -9.208  -3.873  11.857  1.00 23.68 ? 181 HOH A O    1 
HETATM 1239 O O    . HOH B 2 .  ? -8.083  12.321  -9.875  1.00 35.07 ? 182 HOH A O    1 
HETATM 1240 O O    . HOH B 2 .  ? -5.952  -1.087  -12.550 1.00 26.61 ? 183 HOH A O    1 
HETATM 1241 O O    . HOH B 2 .  ? -14.792 0.394   -0.753  1.00 26.34 ? 184 HOH A O    1 
HETATM 1242 O O    . HOH B 2 .  ? -5.016  7.047   13.680  1.00 34.01 ? 185 HOH A O    1 
HETATM 1243 O O    . HOH B 2 .  ? 2.231   -13.511 -8.990  1.00 32.10 ? 186 HOH A O    1 
HETATM 1244 O O    . HOH B 2 .  ? -8.158  2.346   8.969   1.00 33.57 ? 187 HOH A O    1 
HETATM 1245 O O    . HOH B 2 .  ? -6.267  9.964   6.212   1.00 22.22 ? 188 HOH A O    1 
HETATM 1246 O O    . HOH B 2 .  ? 15.983  8.597   11.528  1.00 25.36 ? 189 HOH A O    1 
HETATM 1247 O O    . HOH B 2 .  ? 0.250   9.106   7.743   1.00 21.33 ? 190 HOH A O    1 
HETATM 1248 O O    . HOH B 2 .  ? -14.443 -8.868  3.899   1.00 35.35 ? 191 HOH A O    1 
HETATM 1249 O O    . HOH B 2 .  ? 8.723   10.076  -1.956  1.00 27.54 ? 192 HOH A O    1 
HETATM 1250 O O    . HOH B 2 .  ? 2.876   4.855   12.035  1.00 27.74 ? 193 HOH A O    1 
HETATM 1251 O O    . HOH B 2 .  ? -6.673  5.292   11.890  1.00 28.79 ? 194 HOH A O    1 
HETATM 1252 O O    . HOH B 2 .  ? 9.215   -12.922 1.080   1.00 35.44 ? 195 HOH A O    1 
HETATM 1253 O O    . HOH B 2 .  ? 7.469   -8.511  -7.772  1.00 30.13 ? 196 HOH A O    1 
HETATM 1254 O O    . HOH B 2 .  ? -9.616  9.952   5.472   1.00 44.07 ? 197 HOH A O    1 
HETATM 1255 O O    . HOH B 2 .  ? -14.269 3.139   5.116   1.00 41.60 ? 198 HOH A O    1 
HETATM 1256 O O    . HOH B 2 .  ? 3.082   -0.313  -7.236  1.00 25.93 ? 199 HOH A O    1 
HETATM 1257 O O    . HOH B 2 .  ? -5.383  11.708  -10.965 1.00 27.34 ? 200 HOH A O    1 
HETATM 1258 O O    . HOH B 2 .  ? -14.623 -7.544  -7.070  1.00 23.79 ? 201 HOH A O    1 
HETATM 1259 O O    . HOH B 2 .  ? -7.864  1.560   11.706  1.00 27.67 ? 202 HOH A O    1 
HETATM 1260 O O    . HOH B 2 .  ? 1.458   -11.241 7.251   1.00 15.85 ? 203 HOH A O    1 
HETATM 1261 O O    . HOH B 2 .  ? -4.144  12.089  -2.527  1.00 16.87 ? 204 HOH A O    1 
HETATM 1262 O O    . HOH B 2 .  ? -10.440 5.854   9.455   1.00 39.79 ? 205 HOH A O    1 
HETATM 1263 O O    . HOH B 2 .  ? -0.074  16.294  -10.084 1.00 32.17 ? 206 HOH A O    1 
HETATM 1264 O O    . HOH B 2 .  ? 16.693  3.860   0.154   1.00 25.04 ? 207 HOH A O    1 
HETATM 1265 O O    . HOH B 2 .  ? -1.113  4.868   -11.161 1.00 31.33 ? 208 HOH A O    1 
HETATM 1266 O O    . HOH B 2 .  ? 13.060  8.015   -3.817  1.00 42.29 ? 209 HOH A O    1 
HETATM 1267 O O    . HOH B 2 .  ? 1.652   -5.089  14.317  1.00 37.03 ? 210 HOH A O    1 
HETATM 1268 O O    . HOH B 2 .  ? -2.108  -7.768  -11.238 1.00 33.97 ? 211 HOH A O    1 
HETATM 1269 O O    . HOH B 2 .  ? -7.519  -5.497  10.492  1.00 40.44 ? 212 HOH A O    1 
HETATM 1270 O O    . HOH B 2 .  ? 0.374   -8.083  13.869  1.00 29.62 ? 213 HOH A O    1 
HETATM 1271 O O    . HOH B 2 .  ? -1.850  -5.348  -12.503 1.00 26.94 ? 214 HOH A O    1 
HETATM 1272 O O    . HOH B 2 .  ? -1.900  12.998  -3.691  1.00 20.83 ? 215 HOH A O    1 
HETATM 1273 O O    . HOH B 2 .  ? 0.921   -11.543 -11.073 1.00 48.66 ? 216 HOH A O    1 
# 
loop_
_atom_site_anisotrop.id 
_atom_site_anisotrop.type_symbol 
_atom_site_anisotrop.pdbx_label_atom_id 
_atom_site_anisotrop.pdbx_label_alt_id 
_atom_site_anisotrop.pdbx_label_comp_id 
_atom_site_anisotrop.pdbx_label_asym_id 
_atom_site_anisotrop.pdbx_label_seq_id 
_atom_site_anisotrop.pdbx_PDB_ins_code 
_atom_site_anisotrop.U[1][1] 
_atom_site_anisotrop.U[2][2] 
_atom_site_anisotrop.U[3][3] 
_atom_site_anisotrop.U[1][2] 
_atom_site_anisotrop.U[1][3] 
_atom_site_anisotrop.U[2][3] 
_atom_site_anisotrop.pdbx_auth_seq_id 
_atom_site_anisotrop.pdbx_auth_comp_id 
_atom_site_anisotrop.pdbx_auth_asym_id 
_atom_site_anisotrop.pdbx_auth_atom_id 
1    N N   . GLY A 1  ? 0.3939 0.3113 0.3290 0.0401  -0.0250 0.0375  1  GLY A N   
2    C CA  . GLY A 1  ? 0.3881 0.3315 0.3508 0.0347  -0.0580 -0.0006 1  GLY A CA  
3    C C   . GLY A 1  ? 0.3456 0.3350 0.3818 0.0615  -0.0562 -0.0363 1  GLY A C   
4    O O   . GLY A 1  ? 0.4089 0.4031 0.4412 0.0465  -0.0668 -0.0532 1  GLY A O   
10   N N   . TRP A 2  ? 0.3534 0.2418 0.2447 0.0886  -0.1231 -0.0168 2  TRP A N   
11   C CA  . TRP A 2  ? 0.2692 0.1704 0.2376 0.0688  -0.1448 -0.0595 2  TRP A CA  
12   C C   . TRP A 2  ? 0.1901 0.1327 0.2231 0.0357  -0.1195 -0.0284 2  TRP A C   
13   O O   . TRP A 2  ? 0.2126 0.1275 0.2653 0.0206  -0.1402 -0.0233 2  TRP A O   
14   C CB  . TRP A 2  ? 0.2556 0.1502 0.2708 0.0548  -0.1532 -0.0587 2  TRP A CB  
15   C CG  . TRP A 2  ? 0.2937 0.1445 0.2728 -0.0048 -0.1620 -0.0197 2  TRP A CG  
16   C CD1 . TRP A 2  ? 0.3332 0.1472 0.3468 -0.0513 -0.1168 -0.0232 2  TRP A CD1 
17   C CD2 . TRP A 2  ? 0.2820 0.1363 0.3326 -0.0090 -0.1512 0.0234  2  TRP A CD2 
18   N NE1 . TRP A 2  ? 0.2826 0.1394 0.3649 -0.0056 -0.1188 0.0171  2  TRP A NE1 
19   C CE2 . TRP A 2  ? 0.2917 0.1429 0.3224 -0.0189 -0.1429 0.0271  2  TRP A CE2 
20   C CE3 . TRP A 2  ? 0.2692 0.1526 0.3391 0.0035  -0.1610 0.0314  2  TRP A CE3 
21   C CZ2 . TRP A 2  ? 0.2645 0.1699 0.3234 -0.0086 -0.1565 0.0534  2  TRP A CZ2 
22   C CZ3 . TRP A 2  ? 0.2689 0.1812 0.3799 0.0064  -0.1519 0.0366  2  TRP A CZ3 
23   C CH2 . TRP A 2  ? 0.2552 0.1788 0.3581 0.0123  -0.1600 0.0400  2  TRP A CH2 
34   N N   . SER A 3  ? 0.1861 0.1305 0.2090 0.0102  -0.0826 -0.0366 3  SER A N   
35   C CA  . SER A 3  ? 0.1474 0.1380 0.1918 -0.0001 -0.0570 -0.0379 3  SER A CA  
36   C C   . SER A 3  ? 0.1665 0.1518 0.1938 -0.0052 -0.0442 -0.0379 3  SER A C   
37   O O   . SER A 3  ? 0.1339 0.1476 0.1692 0.0064  -0.0521 -0.0231 3  SER A O   
38   C CB  . SER A 3  ? 0.1793 0.1440 0.1826 0.0116  -0.0602 -0.0323 3  SER A CB  
39   O OG  . SER A 3  ? 0.1982 0.1438 0.1791 0.0254  -0.0767 -0.0296 3  SER A OG  
45   N N   . THR A 4  ? 0.1328 0.1783 0.1935 -0.0212 -0.0501 -0.0500 4  THR A N   
46   C CA  . THR A 4  ? 0.1663 0.1997 0.2227 -0.0447 -0.0154 -0.0587 4  THR A CA  
47   C C   . THR A 4  ? 0.1249 0.1679 0.1729 0.0148  -0.0203 -0.0361 4  THR A C   
48   O O   . THR A 4  ? 0.1696 0.1442 0.1919 0.0007  -0.0033 -0.0118 4  THR A O   
49   C CB  . THR A 4  ? 0.2183 0.2534 0.2486 -0.0694 0.0024  -0.0711 4  THR A CB  
50   O OG1 . THR A 4  ? 0.2416 0.2931 0.3127 -0.1114 0.0128  -0.0802 4  THR A OG1 
51   C CG2 . THR A 4  ? 0.2175 0.2702 0.2790 -0.0447 -0.0018 -0.0628 4  THR A CG2 
59   N N   . GLU A 5  ? 0.1284 0.1646 0.1711 0.0302  -0.0301 -0.0299 5  GLU A N   
60   C CA  . GLU A 5  ? 0.1590 0.1520 0.1636 0.0580  -0.0549 -0.0392 5  GLU A CA  
61   C C   . GLU A 5  ? 0.1326 0.1174 0.1463 0.0327  -0.0467 -0.0232 5  GLU A C   
62   O O   . GLU A 5  ? 0.1306 0.1275 0.1416 0.0212  -0.0410 -0.0096 5  GLU A O   
63   C CB  . GLU A 5  ? 0.2588 0.1986 0.1969 0.0928  -0.0740 -0.0506 5  GLU A CB  
64   C CG  . GLU A 5  ? 0.2915 0.2667 0.2656 0.0592  -0.0387 -0.0636 5  GLU A CG  
65   C CD  . GLU A 5  ? 0.3765 0.3332 0.3063 -0.0242 -0.0540 -0.0583 5  GLU A CD  
66   O OE1 . GLU A 5  ? 0.4139 0.3552 0.3319 -0.0651 -0.0105 -0.0284 5  GLU A OE1 
67   O OE2 . GLU A 5  ? 0.3911 0.3523 0.2852 -0.0194 -0.0828 -0.0853 5  GLU A OE2 
74   N N   . LEU A 6  ? 0.1227 0.1336 0.1286 0.0341  -0.0640 -0.0331 6  LEU A N   
75   C CA  . LEU A 6  ? 0.1165 0.1236 0.1293 0.0154  -0.0520 -0.0291 6  LEU A CA  
76   C C   . LEU A 6  ? 0.1091 0.1136 0.1468 0.0158  -0.0394 -0.0214 6  LEU A C   
77   O O   . LEU A 6  ? 0.1033 0.1117 0.1627 0.0100  -0.0601 -0.0063 6  LEU A O   
78   C CB  . LEU A 6  ? 0.1373 0.1201 0.1445 0.0232  -0.0440 -0.0238 6  LEU A CB  
79   C CG  . LEU A 6  ? 0.1528 0.0986 0.1565 0.0241  -0.0426 -0.0039 6  LEU A CG  
80   C CD1 . LEU A 6  ? 0.1765 0.1116 0.1704 0.0142  -0.0456 0.0126  6  LEU A CD1 
81   C CD2 . LEU A 6  ? 0.1658 0.0830 0.1926 0.0040  -0.0640 0.0035  6  LEU A CD2 
93   N N   . GLU A 7  ? 0.0999 0.1215 0.1634 0.0048  -0.0459 -0.0225 7  GLU A N   
94   C CA  . GLU A 7  ? 0.1040 0.1140 0.2062 0.0099  -0.0421 -0.0320 7  GLU A CA  
95   C C   . GLU A 7  ? 0.1077 0.0964 0.1802 0.0147  -0.0278 -0.0135 7  GLU A C   
96   O O   . GLU A 7  ? 0.1277 0.1124 0.1864 0.0272  -0.0379 -0.0191 7  GLU A O   
97   C CB  . GLU A 7  ? 0.1124 0.1373 0.2459 0.0226  -0.0765 -0.0552 7  GLU A CB  
98   C CG  . GLU A 7  ? 0.1287 0.1648 0.2928 0.0464  -0.0794 -0.0909 7  GLU A CG  
99   C CD  . GLU A 7  ? 0.1828 0.2046 0.2896 0.0607  -0.1156 -0.1026 7  GLU A CD  
100  O OE1 . GLU A 7  ? 0.2160 0.2677 0.2633 0.1151  -0.1111 -0.1389 7  GLU A OE1 
101  O OE2 . GLU A 7  ? 0.1469 0.1742 0.3916 0.0219  -0.0460 -0.0733 7  GLU A OE2 
108  N N   . LYS A 8  ? 0.1054 0.1064 0.1784 0.0079  -0.0312 -0.0110 8  LYS A N   
109  C CA  . LYS A 8  ? 0.1291 0.1154 0.2154 0.0177  -0.0219 0.0210  8  LYS A CA  
110  C C   . LYS A 8  ? 0.1321 0.1000 0.1839 0.0210  -0.0151 -0.0040 8  LYS A C   
111  O O   . LYS A 8  ? 0.1457 0.1219 0.1788 0.0176  -0.0055 0.0201  8  LYS A O   
112  C CB  . LYS A 8  ? 0.1296 0.1630 0.2282 0.0113  -0.0096 0.0162  8  LYS A CB  
113  C CG  . LYS A 8  ? 0.1978 0.2134 0.2150 0.0010  0.0071  -0.0183 8  LYS A CG  
114  C CD  . LYS A 8  ? 0.2850 0.2499 0.2806 -0.0018 0.0551  -0.0320 8  LYS A CD  
115  C CE  . LYS A 8  ? 0.3429 0.2746 0.2947 0.0169  0.0634  -0.0158 8  LYS A CE  
116  N NZ  . LYS A 8  ? 0.3807 0.2955 0.3145 0.0348  0.0471  0.0066  8  LYS A NZ  
130  N N   . HIS A 9  ? 0.1478 0.0796 0.1557 0.0183  -0.0323 -0.0003 9  HIS A N   
131  C CA  . HIS A 9  ? 0.1314 0.1005 0.1509 0.0056  -0.0177 -0.0103 9  HIS A CA  
132  C C   . HIS A 9  ? 0.1129 0.0940 0.1309 0.0099  -0.0203 -0.0074 9  HIS A C   
133  O O   . HIS A 9  ? 0.1220 0.1149 0.1447 0.0007  -0.0516 -0.0143 9  HIS A O   
134  C CB  . HIS A 9  ? 0.1738 0.0996 0.1806 -0.0007 -0.0273 -0.0158 9  HIS A CB  
135  C CG  . HIS A 9  ? 0.1752 0.1266 0.1928 0.0171  -0.0002 -0.0420 9  HIS A CG  
136  N ND1 . HIS A 9  ? 0.2744 0.1840 0.1951 0.0462  0.0175  -0.0563 9  HIS A ND1 
137  C CD2 . HIS A 9  ? 0.1736 0.1540 0.2138 0.0019  -0.0148 -0.0494 9  HIS A CD2 
138  C CE1 . HIS A 9  ? 0.2679 0.1999 0.2675 0.0757  0.0326  -0.0754 9  HIS A CE1 
139  N NE2 . HIS A 9  ? 0.2383 0.1867 0.2992 0.0262  0.0277  -0.0611 9  HIS A NE2 
147  N N   . ARG A 10 ? 0.1204 0.1120 0.1300 0.0165  -0.0425 -0.0191 10 ARG A N   
148  C CA  . ARG A 10 ? 0.1200 0.1117 0.1376 0.0261  -0.0416 -0.0187 10 ARG A CA  
149  C C   . ARG A 10 ? 0.1114 0.1131 0.1431 0.0129  -0.0399 -0.0205 10 ARG A C   
150  O O   . ARG A 10 ? 0.1283 0.1282 0.1362 0.0146  -0.0421 -0.0147 10 ARG A O   
151  C CB  . ARG A 10 ? 0.1204 0.1175 0.1332 0.0201  -0.0276 -0.0159 10 ARG A CB  
152  C CG  . ARG A 10 ? 0.1074 0.1394 0.1227 0.0127  -0.0486 -0.0219 10 ARG A CG  
153  C CD  . ARG A 10 ? 0.1396 0.1484 0.1468 0.0217  -0.0254 -0.0226 10 ARG A CD  
154  N NE  . ARG A 10 ? 0.1538 0.1256 0.1337 0.0235  -0.0426 -0.0106 10 ARG A NE  
155  C CZ  . ARG A 10 ? 0.1806 0.1395 0.1334 0.0172  -0.0490 -0.0235 10 ARG A CZ  
156  N NH1 . ARG A 10 ? 0.1680 0.1425 0.1451 0.0126  -0.0486 -0.0119 10 ARG A NH1 
157  N NH2 . ARG A 10 ? 0.1508 0.1495 0.1750 0.0297  -0.0233 0.0002  10 ARG A NH2 
171  N N   . GLU A 11 ? 0.1069 0.1120 0.1615 0.0063  -0.0459 0.0056  11 GLU A N   
172  C CA  . GLU A 11 ? 0.1521 0.1155 0.1511 -0.0092 -0.0280 0.0009  11 GLU A CA  
173  C C   . GLU A 11 ? 0.1410 0.1214 0.1214 -0.0041 -0.0103 0.0003  11 GLU A C   
174  O O   . GLU A 11 ? 0.1420 0.1379 0.1507 0.0187  -0.0353 0.0133  11 GLU A O   
175  C CB  . GLU A 11 ? 0.2022 0.1541 0.2023 -0.0429 -0.0540 -0.0056 11 GLU A CB  
176  C CG  . GLU A 11 ? 0.3027 0.1964 0.3067 -0.0084 -0.0500 0.0212  11 GLU A CG  
183  N N   . GLU A 12 ? 0.1174 0.1358 0.1249 0.0061  -0.0221 -0.0064 12 GLU A N   
184  C CA  . GLU A 12 ? 0.1399 0.1453 0.1439 -0.0040 -0.0051 -0.0045 12 GLU A CA  
185  C C   . GLU A 12 ? 0.1256 0.1262 0.1242 0.0095  -0.0103 -0.0137 12 GLU A C   
186  O O   . GLU A 12 ? 0.1375 0.1387 0.1127 0.0089  -0.0344 -0.0014 12 GLU A O   
187  C CB  . GLU A 12 ? 0.1603 0.1716 0.1555 0.0096  0.0078  -0.0235 12 GLU A CB  
188  C CG  . GLU A 12 ? 0.2230 0.2222 0.1973 0.0047  0.0230  -0.0088 12 GLU A CG  
189  C CD  . GLU A 12 ? 0.2828 0.2624 0.3071 -0.0226 0.0524  -0.0133 12 GLU A CD  
190  O OE1 . GLU A 12 ? 0.3685 0.2755 0.3295 -0.0239 0.0682  -0.0156 12 GLU A OE1 
191  O OE2 . GLU A 12 ? 0.2671 0.2878 0.3871 -0.0192 0.0720  -0.0163 12 GLU A OE2 
198  N N   . LEU A 13 ? 0.1083 0.1218 0.1102 0.0039  -0.0211 -0.0034 13 LEU A N   
199  C CA  . LEU A 13 ? 0.1428 0.1061 0.1115 -0.0001 -0.0317 0.0075  13 LEU A CA  
200  C C   . LEU A 13 ? 0.1174 0.1160 0.1221 -0.0067 -0.0404 0.0133  13 LEU A C   
201  O O   . LEU A 13 ? 0.1214 0.1158 0.1315 -0.0119 -0.0373 0.0194  13 LEU A O   
202  C CB  . LEU A 13 ? 0.1381 0.1103 0.1257 0.0048  -0.0316 -0.0042 13 LEU A CB  
203  C CG  . LEU A 13 ? 0.1481 0.1264 0.1265 0.0144  -0.0121 0.0152  13 LEU A CG  
204  C CD1 . LEU A 13 ? 0.1536 0.1400 0.1358 -0.0102 -0.0277 0.0126  13 LEU A CD1 
205  C CD2 . LEU A 13 ? 0.1582 0.1373 0.1318 0.0149  -0.0246 0.0226  13 LEU A CD2 
217  N N   A LYS A 14 ? 0.0889 0.1215 0.1436 -0.0017 -0.0371 0.0104  14 LYS A N   
218  N N   B LYS A 14 ? 0.1140 0.1307 0.1473 -0.0006 -0.0298 0.0123  14 LYS A N   
219  C CA  A LYS A 14 ? 0.1130 0.1103 0.1213 -0.0063 -0.0407 -0.0099 14 LYS A CA  
220  C CA  B LYS A 14 ? 0.1583 0.1424 0.1632 0.0131  -0.0285 0.0018  14 LYS A CA  
221  C C   A LYS A 14 ? 0.1137 0.0982 0.1205 -0.0146 -0.0418 0.0078  14 LYS A C   
222  C C   B LYS A 14 ? 0.1353 0.1148 0.1419 0.0041  -0.0354 0.0089  14 LYS A C   
223  O O   A LYS A 14 ? 0.0968 0.0980 0.1552 -0.0007 -0.0482 -0.0049 14 LYS A O   
224  O O   B LYS A 14 ? 0.1254 0.1043 0.1575 0.0118  -0.0429 0.0090  14 LYS A O   
225  C CB  A LYS A 14 ? 0.2714 0.1608 0.1306 0.0824  -0.0772 -0.0152 14 LYS A CB  
226  C CB  B LYS A 14 ? 0.2593 0.1957 0.2138 0.0480  -0.0402 -0.0074 14 LYS A CB  
227  C CG  A LYS A 14 ? 0.3322 0.2294 0.2355 0.0844  -0.0444 0.0217  14 LYS A CG  
228  C CG  B LYS A 14 ? 0.3233 0.2552 0.2717 0.0380  -0.0294 0.0021  14 LYS A CG  
229  C CD  A LYS A 14 ? 0.3524 0.2764 0.2973 0.0301  -0.0271 0.0347  14 LYS A CD  
230  C CD  B LYS A 14 ? 0.3477 0.2987 0.3283 0.0062  -0.0215 0.0016  14 LYS A CD  
231  C CE  A LYS A 14 ? 0.3797 0.3004 0.3608 0.0001  -0.0065 0.0206  14 LYS A CE  
232  C CE  B LYS A 14 ? 0.3709 0.3163 0.3533 0.0020  -0.0107 -0.0047 14 LYS A CE  
233  N NZ  A LYS A 14 ? 0.3773 0.3014 0.4023 -0.0089 0.0159  0.0001  14 LYS A NZ  
234  N NZ  B LYS A 14 ? 0.3623 0.3202 0.3728 0.0104  0.0046  -0.0113 14 LYS A NZ  
261  N N   . GLU A 15 ? 0.1161 0.1112 0.1267 0.0041  -0.0368 0.0117  15 GLU A N   
262  C CA  . GLU A 15 ? 0.1503 0.1248 0.1288 -0.0062 -0.0483 0.0088  15 GLU A CA  
263  C C   . GLU A 15 ? 0.1441 0.1218 0.1177 0.0024  -0.0392 0.0080  15 GLU A C   
264  O O   . GLU A 15 ? 0.1352 0.1301 0.1316 -0.0102 -0.0469 0.0208  15 GLU A O   
265  C CB  . GLU A 15 ? 0.1793 0.1498 0.1469 0.0063  -0.0218 0.0274  15 GLU A CB  
266  C CG  . GLU A 15 ? 0.2833 0.2214 0.1977 -0.0072 -0.0621 0.0275  15 GLU A CG  
267  C CD  . GLU A 15 ? 0.4447 0.2762 0.2719 -0.0023 -0.1036 0.0345  15 GLU A CD  
268  O OE1 . GLU A 15 ? 0.5196 0.3269 0.3726 0.0147  -0.0835 0.0101  15 GLU A OE1 
269  O OE2 . GLU A 15 ? 0.4955 0.2831 0.3575 -0.0470 -0.0587 0.0294  15 GLU A OE2 
276  N N   . PHE A 16 ? 0.1408 0.1206 0.1223 0.0049  -0.0293 -0.0084 16 PHE A N   
277  C CA  . PHE A 16 ? 0.1460 0.1070 0.1290 0.0154  -0.0467 -0.0081 16 PHE A CA  
278  C C   . PHE A 16 ? 0.1327 0.0848 0.1400 -0.0021 -0.0594 -0.0028 16 PHE A C   
279  O O   . PHE A 16 ? 0.1423 0.1000 0.1408 -0.0044 -0.0582 -0.0122 16 PHE A O   
280  C CB  . PHE A 16 ? 0.1594 0.1103 0.1396 0.0259  -0.0564 -0.0132 16 PHE A CB  
281  C CG  . PHE A 16 ? 0.1506 0.1013 0.1554 0.0161  -0.0468 -0.0171 16 PHE A CG  
282  C CD1 . PHE A 16 ? 0.1802 0.1259 0.1695 0.0156  -0.0553 -0.0168 16 PHE A CD1 
283  C CD2 . PHE A 16 ? 0.1658 0.1002 0.1563 0.0080  -0.0317 0.0126  16 PHE A CD2 
284  C CE1 . PHE A 16 ? 0.1992 0.1178 0.2104 0.0272  -0.0860 -0.0226 16 PHE A CE1 
285  C CE2 . PHE A 16 ? 0.2038 0.1059 0.1910 0.0159  -0.0513 0.0228  16 PHE A CE2 
286  C CZ  . PHE A 16 ? 0.2014 0.1022 0.2363 0.0252  -0.0801 0.0011  16 PHE A CZ  
296  N N   . LEU A 17 ? 0.1198 0.1009 0.1220 0.0167  -0.0414 -0.0103 17 LEU A N   
297  C CA  . LEU A 17 ? 0.1273 0.0982 0.1178 0.0035  -0.0329 -0.0006 17 LEU A CA  
298  C C   . LEU A 17 ? 0.1354 0.0989 0.1243 0.0141  -0.0334 0.0004  17 LEU A C   
299  O O   . LEU A 17 ? 0.1193 0.1159 0.1441 0.0102  -0.0456 0.0079  17 LEU A O   
300  C CB  . LEU A 17 ? 0.1064 0.0986 0.1382 -0.0029 -0.0216 0.0155  17 LEU A CB  
301  C CG  . LEU A 17 ? 0.1281 0.0996 0.1525 -0.0030 -0.0282 0.0299  17 LEU A CG  
302  C CD1 . LEU A 17 ? 0.1635 0.1283 0.1344 0.0021  -0.0380 0.0130  17 LEU A CD1 
303  C CD2 . LEU A 17 ? 0.1734 0.1059 0.1701 -0.0052 -0.0557 0.0445  17 LEU A CD2 
315  N N   . LYS A 18 ? 0.1307 0.0913 0.1422 0.0145  -0.0446 -0.0038 18 LYS A N   
316  C CA  . LYS A 18 ? 0.1321 0.1069 0.1410 -0.0008 -0.0522 -0.0149 18 LYS A CA  
317  C C   . LYS A 18 ? 0.1408 0.1019 0.1632 -0.0031 -0.0741 0.0096  18 LYS A C   
318  O O   . LYS A 18 ? 0.1751 0.1061 0.1963 0.0090  -0.0930 0.0119  18 LYS A O   
319  C CB  . LYS A 18 ? 0.1553 0.1040 0.1511 -0.0105 -0.0534 0.0017  18 LYS A CB  
320  C CG  . LYS A 18 ? 0.2086 0.1088 0.1827 -0.0127 -0.0756 0.0138  18 LYS A CG  
321  C CD  . LYS A 18 ? 0.2659 0.1374 0.2447 -0.0168 -0.1067 0.0311  18 LYS A CD  
322  C CE  . LYS A 18 ? 0.2821 0.1796 0.3395 -0.0121 -0.1080 0.0045  18 LYS A CE  
323  N NZ  . LYS A 18 ? 0.3558 0.2148 0.3393 -0.0202 -0.1363 0.0050  18 LYS A NZ  
337  N N   . LYS A 19 ? 0.1571 0.1196 0.1293 -0.0033 -0.0494 0.0012  19 LYS A N   
338  C CA  . LYS A 19 ? 0.1751 0.1626 0.1188 -0.0212 -0.0521 0.0028  19 LYS A CA  
339  C C   . LYS A 19 ? 0.1786 0.1314 0.1033 -0.0167 -0.0743 0.0000  19 LYS A C   
340  O O   . LYS A 19 ? 0.1739 0.1251 0.1235 -0.0037 -0.0540 0.0043  19 LYS A O   
341  C CB  . LYS A 19 ? 0.2310 0.2349 0.1330 -0.0308 -0.0183 0.0020  19 LYS A CB  
342  C CG  . LYS A 19 ? 0.2647 0.2453 0.2300 -0.0172 -0.0176 -0.0078 19 LYS A CG  
343  C CD  . LYS A 19 ? 0.2458 0.2393 0.3238 0.0028  -0.0085 -0.0160 19 LYS A CD  
344  C CE  . LYS A 19 ? 0.2463 0.2314 0.3465 0.0030  -0.0004 -0.0316 19 LYS A CE  
345  N NZ  . LYS A 19 ? 0.2172 0.2122 0.3187 -0.0196 -0.0117 -0.0251 19 LYS A NZ  
359  N N   . GLU A 20 ? 0.1420 0.1305 0.1240 -0.0059 -0.0565 0.0108  20 GLU A N   
360  C CA  . GLU A 20 ? 0.1597 0.1180 0.1218 -0.0122 -0.0433 0.0003  20 GLU A CA  
361  C C   . GLU A 20 ? 0.1339 0.1087 0.1226 0.0143  -0.0563 0.0124  20 GLU A C   
362  O O   . GLU A 20 ? 0.1204 0.1376 0.1467 0.0061  -0.0560 -0.0138 20 GLU A O   
363  C CB  . GLU A 20 ? 0.1557 0.1048 0.1392 0.0164  -0.0602 -0.0064 20 GLU A CB  
364  C CG  . GLU A 20 ? 0.1970 0.1241 0.1492 -0.0101 -0.0651 -0.0162 20 GLU A CG  
365  C CD  . GLU A 20 ? 0.1950 0.1531 0.1794 -0.0111 -0.0301 -0.0203 20 GLU A CD  
366  O OE1 . GLU A 20 ? 0.2344 0.1970 0.1701 -0.0417 -0.0141 -0.0494 20 GLU A OE1 
367  O OE2 . GLU A 20 ? 0.1858 0.1556 0.1772 0.0095  -0.0710 -0.0159 20 GLU A OE2 
374  N N   . GLY A 21 ? 0.1250 0.1077 0.1418 0.0001  -0.0543 0.0108  21 GLY A N   
375  C CA  . GLY A 21 ? 0.1375 0.1155 0.1636 -0.0002 -0.0640 0.0027  21 GLY A CA  
376  C C   . GLY A 21 ? 0.1024 0.1265 0.1889 -0.0115 -0.0634 0.0210  21 GLY A C   
377  O O   . GLY A 21 ? 0.1292 0.1811 0.2028 0.0059  -0.0831 0.0435  21 GLY A O   
381  N N   . ILE A 22 ? 0.1161 0.0947 0.1532 0.0049  -0.0636 -0.0052 22 ILE A N   
382  C CA  . ILE A 22 ? 0.1333 0.1084 0.1389 0.0038  -0.0515 -0.0135 22 ILE A CA  
383  C C   . ILE A 22 ? 0.1277 0.1077 0.1608 0.0114  -0.0670 -0.0171 22 ILE A C   
384  O O   . ILE A 22 ? 0.1353 0.1243 0.1722 -0.0147 -0.0790 -0.0150 22 ILE A O   
385  C CB  . ILE A 22 ? 0.1182 0.1067 0.1275 -0.0028 -0.0303 0.0056  22 ILE A CB  
386  C CG1 . ILE A 22 ? 0.1461 0.1042 0.1072 0.0021  -0.0240 -0.0049 22 ILE A CG1 
387  C CG2 . ILE A 22 ? 0.1438 0.1293 0.1341 0.0151  -0.0287 -0.0017 22 ILE A CG2 
388  C CD1 . ILE A 22 ? 0.1696 0.1149 0.1595 0.0257  -0.0423 0.0020  22 ILE A CD1 
400  N N   . THR A 23 ? 0.1446 0.1088 0.1676 0.0269  -0.0690 -0.0409 23 THR A N   
401  C CA  . THR A 23 ? 0.1991 0.1369 0.1757 0.0548  -0.0678 -0.0421 23 THR A CA  
402  C C   . THR A 23 ? 0.1988 0.1629 0.1482 0.0533  -0.0904 -0.0401 23 THR A C   
403  O O   . THR A 23 ? 0.3130 0.2092 0.1822 0.0785  -0.1161 -0.0702 23 THR A O   
404  C CB  . THR A 23 ? 0.2574 0.1684 0.2077 0.0810  -0.0700 -0.0436 23 THR A CB  
405  O OG1 . THR A 23 ? 0.2318 0.2053 0.2762 0.1017  -0.0877 -0.0532 23 THR A OG1 
406  C CG2 . THR A 23 ? 0.3177 0.1763 0.2468 0.0807  -0.0308 -0.0173 23 THR A CG2 
414  N N   . ASN A 24 ? 0.1346 0.1520 0.1270 0.0316  -0.0274 -0.0183 24 ASN A N   
415  C CA  . ASN A 24 ? 0.1448 0.1704 0.1486 0.0341  -0.0243 -0.0209 24 ASN A CA  
416  C C   . ASN A 24 ? 0.1413 0.1757 0.1642 0.0641  -0.0347 0.0001  24 ASN A C   
417  O O   . ASN A 24 ? 0.1522 0.2650 0.1835 0.0639  -0.0177 0.0446  24 ASN A O   
418  C CB  . ASN A 24 ? 0.1302 0.1937 0.1796 0.0380  -0.0148 -0.0115 24 ASN A CB  
419  C CG  . ASN A 24 ? 0.1369 0.1992 0.1626 0.0091  -0.0176 0.0113  24 ASN A CG  
420  O OD1 . ASN A 24 ? 0.1512 0.1818 0.1417 0.0040  -0.0393 -0.0115 24 ASN A OD1 
421  N ND2 . ASN A 24 ? 0.1794 0.2418 0.2272 0.0017  0.0015  0.0073  24 ASN A ND2 
428  N N   . VAL A 25 ? 0.1426 0.1453 0.1964 0.0267  -0.0553 -0.0025 25 VAL A N   
429  C CA  . VAL A 25 ? 0.1292 0.1396 0.2042 0.0374  -0.0552 0.0045  25 VAL A CA  
430  C C   . VAL A 25 ? 0.1266 0.1326 0.1855 0.0160  -0.0614 0.0090  25 VAL A C   
431  O O   . VAL A 25 ? 0.2184 0.1412 0.2286 -0.0137 -0.1213 0.0166  25 VAL A O   
432  C CB  . VAL A 25 ? 0.1394 0.1493 0.1797 0.0089  -0.0351 0.0144  25 VAL A CB  
433  C CG1 . VAL A 25 ? 0.1336 0.1610 0.1565 0.0205  -0.0359 0.0191  25 VAL A CG1 
434  C CG2 . VAL A 25 ? 0.1719 0.1235 0.1764 0.0063  -0.0764 0.0028  25 VAL A CG2 
444  N N   . GLU A 26 ? 0.1080 0.1438 0.1602 0.0284  -0.0433 0.0010  26 GLU A N   
445  C CA  . GLU A 26 ? 0.1265 0.1833 0.1592 0.0262  -0.0521 -0.0374 26 GLU A CA  
446  C C   . GLU A 26 ? 0.1124 0.1307 0.1369 0.0202  -0.0360 -0.0172 26 GLU A C   
447  O O   . GLU A 26 ? 0.1211 0.1357 0.1842 -0.0040 -0.0213 -0.0174 26 GLU A O   
448  C CB  . GLU A 26 ? 0.1385 0.2564 0.2079 0.0353  -0.0285 -0.0588 26 GLU A CB  
449  C CG  . GLU A 26 ? 0.2527 0.2945 0.3549 0.0590  -0.0347 -0.0504 26 GLU A CG  
450  C CD  . GLU A 26 ? 0.3339 0.3305 0.4884 0.0883  -0.0428 -0.0703 26 GLU A CD  
451  O OE1 . GLU A 26 ? 0.3466 0.3683 0.5467 0.0663  -0.0334 -0.0895 26 GLU A OE1 
452  O OE2 . GLU A 26 ? 0.4392 0.3240 0.5244 0.1016  -0.0596 -0.0640 26 GLU A OE2 
459  N N   . ILE A 27 ? 0.1334 0.1017 0.1430 0.0220  -0.0462 -0.0058 27 ILE A N   
460  C CA  . ILE A 27 ? 0.1356 0.1139 0.1270 0.0104  -0.0614 0.0010  27 ILE A CA  
461  C C   . ILE A 27 ? 0.1199 0.1061 0.1449 0.0212  -0.0567 -0.0049 27 ILE A C   
462  O O   . ILE A 27 ? 0.1700 0.0985 0.1681 0.0279  -0.0601 -0.0325 27 ILE A O   
463  C CB  . ILE A 27 ? 0.1386 0.1252 0.1528 0.0025  -0.0432 0.0044  27 ILE A CB  
464  C CG1 . ILE A 27 ? 0.1874 0.1249 0.1490 0.0004  -0.0559 0.0079  27 ILE A CG1 
465  C CG2 . ILE A 27 ? 0.1579 0.1395 0.1450 -0.0039 -0.0240 0.0292  27 ILE A CG2 
466  C CD1 . ILE A 27 ? 0.2468 0.1291 0.1692 -0.0110 -0.0753 0.0190  27 ILE A CD1 
478  N N   . ARG A 28 ? 0.1080 0.1065 0.1399 0.0151  -0.0484 -0.0114 28 ARG A N   
479  C CA  . ARG A 28 ? 0.1327 0.1307 0.1156 0.0121  -0.0405 -0.0128 28 ARG A CA  
480  C C   . ARG A 28 ? 0.1292 0.1117 0.1457 0.0248  -0.0550 -0.0176 28 ARG A C   
481  O O   . ARG A 28 ? 0.1357 0.1154 0.1787 0.0112  -0.0584 -0.0305 28 ARG A O   
482  C CB  . ARG A 28 ? 0.1477 0.1541 0.1576 -0.0151 -0.0526 -0.0042 28 ARG A CB  
483  C CG  . ARG A 28 ? 0.1709 0.1797 0.2589 0.0266  -0.0102 -0.0255 28 ARG A CG  
484  C CD  . ARG A 28 ? 0.1919 0.2014 0.2940 0.0560  0.0173  -0.0210 28 ARG A CD  
485  N NE  . ARG A 28 ? 0.2857 0.2239 0.3078 0.0681  -0.0247 -0.0133 28 ARG A NE  
486  C CZ  . ARG A 28 ? 0.2882 0.2460 0.3853 0.0818  -0.0462 -0.0384 28 ARG A CZ  
487  N NH1 . ARG A 28 ? 0.2756 0.2478 0.3437 0.0739  -0.0591 -0.0341 28 ARG A NH1 
488  N NH2 . ARG A 28 ? 0.2818 0.2772 0.4640 0.0781  -0.0396 -0.0567 28 ARG A NH2 
502  N N   . ILE A 29 ? 0.1316 0.0941 0.1663 0.0196  -0.0661 -0.0311 29 ILE A N   
503  C CA  . ILE A 29 ? 0.1456 0.1074 0.1655 0.0198  -0.0879 -0.0162 29 ILE A CA  
504  C C   . ILE A 29 ? 0.1586 0.1287 0.1832 0.0273  -0.0598 -0.0358 29 ILE A C   
505  O O   . ILE A 29 ? 0.2202 0.1277 0.2003 0.0437  -0.0981 -0.0676 29 ILE A O   
506  C CB  . ILE A 29 ? 0.1267 0.1215 0.2008 0.0174  -0.0673 -0.0282 29 ILE A CB  
507  C CG1 . ILE A 29 ? 0.1559 0.1314 0.2016 0.0227  -0.0702 -0.0043 29 ILE A CG1 
508  C CG2 . ILE A 29 ? 0.1386 0.1453 0.2161 0.0035  -0.0342 -0.0346 29 ILE A CG2 
509  C CD1 . ILE A 29 ? 0.2178 0.1512 0.1971 0.0179  -0.0230 0.0017  29 ILE A CD1 
521  N N   . ASP A 30 ? 0.1737 0.1602 0.1483 0.0613  -0.0573 -0.0289 30 ASP A N   
522  C CA  . ASP A 30 ? 0.2220 0.2299 0.1516 0.0721  -0.0372 0.0021  30 ASP A CA  
523  C C   . ASP A 30 ? 0.1564 0.1987 0.1442 0.0568  -0.0643 -0.0169 30 ASP A C   
524  O O   . ASP A 30 ? 0.1419 0.1853 0.1738 0.0413  -0.0579 -0.0399 30 ASP A O   
525  C CB  . ASP A 30 ? 0.3414 0.3097 0.2457 0.0887  -0.0374 0.0241  30 ASP A CB  
526  C CG  . ASP A 30 ? 0.4656 0.3696 0.3535 0.0566  -0.0339 0.0308  30 ASP A CG  
527  O OD1 . ASP A 30 ? 0.5590 0.3921 0.4070 0.0400  -0.0193 0.0340  30 ASP A OD1 
528  O OD2 . ASP A 30 ? 0.4766 0.4035 0.3717 0.0400  -0.0566 0.0337  30 ASP A OD2 
533  N N   . ASN A 31 ? 0.1722 0.1773 0.1475 0.0360  -0.0577 -0.0134 31 ASN A N   
534  C CA  . ASN A 31 ? 0.1487 0.1729 0.1504 0.0225  -0.0687 -0.0140 31 ASN A CA  
535  C C   . ASN A 31 ? 0.1102 0.2071 0.1680 0.0351  -0.0689 -0.0211 31 ASN A C   
536  O O   . ASN A 31 ? 0.1329 0.2039 0.1861 0.0590  -0.0732 -0.0287 31 ASN A O   
537  C CB  . ASN A 31 ? 0.1468 0.1833 0.1580 0.0162  -0.0532 -0.0152 31 ASN A CB  
538  C CG  . ASN A 31 ? 0.1248 0.2157 0.1794 0.0157  -0.0521 -0.0191 31 ASN A CG  
539  O OD1 . ASN A 31 ? 0.1594 0.2633 0.1897 -0.0201 -0.0353 -0.0442 31 ASN A OD1 
540  N ND2 . ASN A 31 ? 0.1653 0.2257 0.1736 0.0203  -0.0379 -0.0081 31 ASN A ND2 
547  N N   . GLY A 32 ? 0.1144 0.2525 0.1532 0.0236  -0.0503 -0.0326 32 GLY A N   
548  C CA  . GLY A 32 ? 0.1626 0.2708 0.1569 0.0564  -0.0618 -0.0390 32 GLY A CA  
549  C C   . GLY A 32 ? 0.2015 0.2452 0.1287 0.0903  -0.0678 -0.0309 32 GLY A C   
550  O O   . GLY A 32 ? 0.2057 0.2651 0.1549 0.1043  -0.0307 -0.0329 32 GLY A O   
554  N N   . ARG A 33 ? 0.1547 0.1920 0.1561 0.0899  -0.0547 -0.0281 33 ARG A N   
555  C CA  . ARG A 33 ? 0.1718 0.1458 0.1813 0.0565  -0.0809 -0.0373 33 ARG A CA  
556  C C   . ARG A 33 ? 0.1541 0.1197 0.1610 0.0448  -0.0707 -0.0391 33 ARG A C   
557  O O   . ARG A 33 ? 0.1711 0.1352 0.1661 0.0488  -0.0923 -0.0380 33 ARG A O   
558  C CB  . ARG A 33 ? 0.2221 0.1519 0.1859 0.0151  -0.0685 0.0060  33 ARG A CB  
559  C CG  . ARG A 33 ? 0.3023 0.2077 0.2127 -0.0237 -0.0595 0.0062  33 ARG A CG  
560  C CD  . ARG A 33 ? 0.4113 0.2535 0.2070 -0.0370 -0.0477 -0.0048 33 ARG A CD  
561  N NE  . ARG A 33 ? 0.4666 0.2867 0.2236 -0.0548 -0.0261 -0.0440 33 ARG A NE  
562  C CZ  . ARG A 33 ? 0.5241 0.3117 0.2760 -0.0677 -0.0116 -0.0638 33 ARG A CZ  
563  N NH1 . ARG A 33 ? 0.5359 0.3175 0.2631 -0.0928 -0.0292 -0.0457 33 ARG A NH1 
564  N NH2 . ARG A 33 ? 0.5514 0.3249 0.3409 -0.0502 0.0055  -0.0744 33 ARG A NH2 
578  N N   . LEU A 34 ? 0.1191 0.1042 0.1360 0.0286  -0.0488 -0.0119 34 LEU A N   
579  C CA  . LEU A 34 ? 0.1035 0.1226 0.1436 0.0161  -0.0600 -0.0108 34 LEU A CA  
580  C C   . LEU A 34 ? 0.1095 0.1017 0.1550 0.0231  -0.0376 -0.0158 34 LEU A C   
581  O O   . LEU A 34 ? 0.1331 0.1076 0.1953 -0.0024 -0.0143 -0.0270 34 LEU A O   
582  C CB  . LEU A 34 ? 0.1328 0.1305 0.1275 0.0292  -0.0472 -0.0076 34 LEU A CB  
583  C CG  . LEU A 34 ? 0.1886 0.1451 0.1379 0.0520  -0.0764 -0.0308 34 LEU A CG  
584  C CD1 . LEU A 34 ? 0.2262 0.1206 0.1860 0.0461  -0.0949 -0.0086 34 LEU A CD1 
585  C CD2 . LEU A 34 ? 0.2448 0.1797 0.1297 0.0632  -0.0770 -0.0429 34 LEU A CD2 
597  N N   . GLU A 35 ? 0.1144 0.1160 0.1407 0.0071  -0.0471 -0.0118 35 GLU A N   
598  C CA  . GLU A 35 ? 0.1217 0.1272 0.1643 0.0074  -0.0433 -0.0123 35 GLU A CA  
599  C C   . GLU A 35 ? 0.1117 0.1021 0.1913 0.0045  -0.0630 -0.0092 35 GLU A C   
600  O O   . GLU A 35 ? 0.1135 0.1031 0.2574 0.0142  -0.0832 -0.0196 35 GLU A O   
601  C CB  . GLU A 35 ? 0.1539 0.1673 0.1920 0.0184  -0.0160 0.0261  35 GLU A CB  
602  C CG  . GLU A 35 ? 0.2880 0.2366 0.2884 0.0381  -0.0179 0.0407  35 GLU A CG  
603  C CD  . GLU A 35 ? 0.4086 0.3426 0.3475 0.0504  -0.0365 0.0224  35 GLU A CD  
604  O OE1 . GLU A 35 ? 0.4346 0.3970 0.3689 0.0565  -0.0608 -0.0020 35 GLU A OE1 
605  O OE2 . GLU A 35 ? 0.4704 0.3805 0.4026 0.0473  -0.0288 0.0203  35 GLU A OE2 
612  N N   . VAL A 36 ? 0.1073 0.1007 0.1919 0.0174  -0.0567 -0.0171 36 VAL A N   
613  C CA  . VAL A 36 ? 0.1026 0.1202 0.1918 0.0269  -0.0605 -0.0326 36 VAL A CA  
614  C C   . VAL A 36 ? 0.1109 0.1128 0.2162 0.0038  -0.0677 -0.0352 36 VAL A C   
615  O O   . VAL A 36 ? 0.1190 0.1100 0.3101 0.0069  -0.0612 -0.0306 36 VAL A O   
616  C CB  . VAL A 36 ? 0.1131 0.1474 0.2021 0.0280  -0.0531 -0.0525 36 VAL A CB  
617  C CG1 . VAL A 36 ? 0.1373 0.1647 0.1965 0.0292  -0.0579 -0.0487 36 VAL A CG1 
618  C CG2 . VAL A 36 ? 0.1646 0.1497 0.1993 0.0528  -0.0549 -0.0182 36 VAL A CG2 
628  N N   . ARG A 37 ? 0.1049 0.1180 0.1985 0.0127  -0.0529 -0.0285 37 ARG A N   
629  C CA  . ARG A 37 ? 0.1301 0.1422 0.1381 0.0202  -0.0693 0.0048  37 ARG A CA  
630  C C   . ARG A 37 ? 0.1141 0.1295 0.1500 0.0206  -0.0400 -0.0109 37 ARG A C   
631  O O   . ARG A 37 ? 0.1173 0.1320 0.1755 0.0158  -0.0484 -0.0055 37 ARG A O   
632  C CB  . ARG A 37 ? 0.2639 0.1958 0.1806 0.0185  -0.0951 0.0171  37 ARG A CB  
633  C CG  . ARG A 37 ? 0.3406 0.2654 0.2539 0.0334  -0.0623 0.0150  37 ARG A CG  
634  C CD  . ARG A 37 ? 0.3366 0.3178 0.3565 0.0282  -0.0313 -0.0021 37 ARG A CD  
635  N NE  . ARG A 37 ? 0.3530 0.3422 0.3832 0.0082  0.0053  -0.0031 37 ARG A NE  
636  C CZ  . ARG A 37 ? 0.3758 0.3546 0.3769 0.0039  0.0047  0.0285  37 ARG A CZ  
637  N NH1 . ARG A 37 ? 0.3624 0.3563 0.3746 0.0274  -0.0052 0.0577  37 ARG A NH1 
638  N NH2 . ARG A 37 ? 0.3935 0.3633 0.3485 -0.0106 0.0051  0.0380  37 ARG A NH2 
652  N N   . VAL A 38 ? 0.1061 0.1228 0.1529 0.0044  -0.0498 -0.0078 38 VAL A N   
653  C CA  . VAL A 38 ? 0.1264 0.1547 0.1672 0.0015  -0.0359 0.0057  38 VAL A CA  
654  C C   . VAL A 38 ? 0.0942 0.1827 0.1478 0.0394  -0.0188 -0.0109 38 VAL A C   
655  O O   . VAL A 38 ? 0.1415 0.1951 0.1858 -0.0134 -0.0294 0.0092  38 VAL A O   
656  C CB  . VAL A 38 ? 0.1180 0.1881 0.1907 -0.0071 -0.0346 -0.0123 38 VAL A CB  
657  C CG1 . VAL A 38 ? 0.1580 0.1606 0.1502 -0.0122 -0.0307 0.0192  38 VAL A CG1 
658  C CG2 . VAL A 38 ? 0.1876 0.2065 0.1946 -0.0280 -0.0819 0.0201  38 VAL A CG2 
668  N N   . GLU A 39 ? 0.1560 0.2525 0.1508 0.0352  -0.0417 -0.0297 39 GLU A N   
669  C CA  . GLU A 39 ? 0.1393 0.3105 0.2103 -0.0082 -0.0170 -0.0178 39 GLU A CA  
670  C C   . GLU A 39 ? 0.1970 0.3216 0.2249 -0.0137 -0.0792 0.0463  39 GLU A C   
671  O O   . GLU A 39 ? 0.3030 0.3420 0.2778 0.0210  -0.1375 0.0426  39 GLU A O   
672  C CB  . GLU A 39 ? 0.1412 0.3448 0.2133 -0.0354 -0.0273 -0.0224 39 GLU A CB  
673  C CG  . GLU A 39 ? 0.2805 0.3853 0.2807 -0.0283 -0.0040 -0.0172 39 GLU A CG  
674  C CD  . GLU A 39 ? 0.2861 0.4272 0.3197 -0.0035 0.0491  -0.0198 39 GLU A CD  
675  O OE1 . GLU A 39 ? 0.2667 0.4408 0.2362 -0.0010 0.0253  0.0096  39 GLU A OE1 
676  O OE2 . GLU A 39 ? 0.3487 0.4411 0.3765 0.0109  0.0782  -0.0471 39 GLU A OE2 
683  N N   . GLY A 40 ? 0.2001 0.3143 0.2575 -0.0298 -0.0386 0.0229  40 GLY A N   
684  C CA  . GLY A 40 ? 0.2031 0.2768 0.2558 -0.0635 -0.0447 0.0089  40 GLY A CA  
685  C C   . GLY A 40 ? 0.2011 0.2231 0.2239 -0.0737 -0.0711 0.0391  40 GLY A C   
686  O O   . GLY A 40 ? 0.3186 0.2465 0.1963 -0.1308 -0.0761 0.0229  40 GLY A O   
690  N N   . GLY A 41 ? 0.1844 0.1846 0.2438 -0.0431 -0.0612 0.0231  41 GLY A N   
691  C CA  . GLY A 41 ? 0.2387 0.1638 0.2022 -0.0362 -0.0533 0.0036  41 GLY A CA  
692  C C   . GLY A 41 ? 0.1517 0.1358 0.2254 -0.0070 -0.0451 -0.0236 41 GLY A C   
693  O O   . GLY A 41 ? 0.2129 0.1485 0.2687 -0.0201 -0.0739 -0.0278 41 GLY A O   
697  N N   . THR A 42 ? 0.1226 0.1407 0.1858 0.0027  -0.0506 -0.0190 42 THR A N   
698  C CA  . THR A 42 ? 0.1263 0.1416 0.1795 0.0360  -0.0719 -0.0303 42 THR A CA  
699  C C   . THR A 42 ? 0.1125 0.1206 0.1889 0.0127  -0.0571 -0.0140 42 THR A C   
700  O O   . THR A 42 ? 0.1033 0.1167 0.1720 0.0087  -0.0546 0.0052  42 THR A O   
701  C CB  . THR A 42 ? 0.1960 0.1571 0.1784 0.0591  -0.1024 -0.0300 42 THR A CB  
702  O OG1 . THR A 42 ? 0.2629 0.1624 0.1875 0.0655  -0.0589 0.0057  42 THR A OG1 
703  C CG2 . THR A 42 ? 0.2058 0.1831 0.2243 0.0821  -0.1126 -0.0644 42 THR A CG2 
711  N N   A GLU A 43 ? 0.1059 0.1184 0.1782 0.0125  -0.0622 -0.0153 43 GLU A N   
712  N N   B GLU A 43 ? 0.1121 0.1237 0.1993 0.0117  -0.0491 -0.0109 43 GLU A N   
713  C CA  A GLU A 43 ? 0.1247 0.1111 0.1970 0.0118  -0.0596 -0.0328 43 GLU A CA  
714  C CA  B GLU A 43 ? 0.1308 0.1219 0.2158 0.0148  -0.0478 -0.0152 43 GLU A CA  
715  C C   A GLU A 43 ? 0.1071 0.1155 0.1455 -0.0001 -0.0417 -0.0152 43 GLU A C   
716  C C   B GLU A 43 ? 0.1144 0.1267 0.1639 -0.0030 -0.0466 -0.0054 43 GLU A C   
717  O O   A GLU A 43 ? 0.0932 0.1176 0.1574 0.0210  -0.0356 -0.0094 43 GLU A O   
718  O O   B GLU A 43 ? 0.1140 0.1298 0.1538 -0.0085 -0.0544 -0.0050 43 GLU A O   
719  C CB  A GLU A 43 ? 0.1205 0.1077 0.2136 -0.0165 -0.0653 -0.0366 43 GLU A CB  
720  C CB  B GLU A 43 ? 0.1519 0.1162 0.2651 0.0081  -0.0565 -0.0154 43 GLU A CB  
721  C CG  A GLU A 43 ? 0.1829 0.1164 0.3159 0.0037  -0.0639 -0.0530 43 GLU A CG  
722  C CG  B GLU A 43 ? 0.1746 0.1216 0.3324 -0.0060 -0.0561 -0.0249 43 GLU A CG  
735  N N   . ARG A 44 ? 0.1096 0.1318 0.1559 0.0018  -0.0507 0.0031  44 ARG A N   
736  C CA  . ARG A 44 ? 0.1050 0.1046 0.1318 0.0087  -0.0361 -0.0049 44 ARG A CA  
737  C C   . ARG A 44 ? 0.1131 0.1060 0.1137 -0.0045 -0.0407 0.0011  44 ARG A C   
738  O O   . ARG A 44 ? 0.0890 0.1299 0.1223 -0.0070 -0.0345 -0.0090 44 ARG A O   
739  C CB  . ARG A 44 ? 0.1496 0.1168 0.1294 -0.0016 -0.0476 -0.0047 44 ARG A CB  
740  C CG  . ARG A 44 ? 0.1453 0.1256 0.1302 0.0038  -0.0672 -0.0098 44 ARG A CG  
741  C CD  . ARG A 44 ? 0.1620 0.1297 0.1421 0.0187  -0.0742 -0.0102 44 ARG A CD  
742  N NE  . ARG A 44 ? 0.1530 0.1316 0.1274 0.0090  -0.0584 -0.0108 44 ARG A NE  
743  C CZ  . ARG A 44 ? 0.1662 0.1485 0.1421 -0.0111 -0.0397 -0.0250 44 ARG A CZ  
744  N NH1 . ARG A 44 ? 0.1570 0.1829 0.1669 -0.0153 -0.0183 -0.0578 44 ARG A NH1 
745  N NH2 . ARG A 44 ? 0.2056 0.1530 0.1720 -0.0344 -0.0309 -0.0243 44 ARG A NH2 
759  N N   . LEU A 45 ? 0.0903 0.0954 0.1194 0.0028  -0.0296 -0.0078 45 LEU A N   
760  C CA  . LEU A 45 ? 0.1065 0.0881 0.1167 -0.0025 -0.0309 -0.0119 45 LEU A CA  
761  C C   . LEU A 45 ? 0.0979 0.0868 0.1044 0.0215  -0.0355 0.0048  45 LEU A C   
762  O O   . LEU A 45 ? 0.0944 0.0949 0.1138 0.0074  -0.0387 -0.0053 45 LEU A O   
763  C CB  . LEU A 45 ? 0.1401 0.0965 0.1323 0.0267  -0.0421 0.0110  45 LEU A CB  
764  C CG  . LEU A 45 ? 0.1692 0.0976 0.1415 0.0301  -0.0321 0.0071  45 LEU A CG  
765  C CD1 . LEU A 45 ? 0.1955 0.1006 0.1329 0.0124  -0.0513 -0.0079 45 LEU A CD1 
766  C CD2 . LEU A 45 ? 0.2008 0.1522 0.1522 0.0336  -0.0249 -0.0047 45 LEU A CD2 
778  N N   . LYS A 46 ? 0.1026 0.0803 0.1338 -0.0046 -0.0500 0.0071  46 LYS A N   
779  C CA  . LYS A 46 ? 0.1318 0.0801 0.1265 0.0042  -0.0270 0.0028  46 LYS A CA  
780  C C   . LYS A 46 ? 0.1149 0.0816 0.1096 0.0078  -0.0454 -0.0092 46 LYS A C   
781  O O   . LYS A 46 ? 0.1043 0.1130 0.1442 0.0143  -0.0601 0.0111  46 LYS A O   
782  C CB  . LYS A 46 ? 0.1203 0.0810 0.1371 -0.0013 -0.0309 -0.0004 46 LYS A CB  
783  C CG  . LYS A 46 ? 0.1332 0.1015 0.1312 -0.0107 -0.0348 0.0100  46 LYS A CG  
784  C CD  . LYS A 46 ? 0.1105 0.1152 0.1292 -0.0089 -0.0433 0.0051  46 LYS A CD  
785  C CE  . LYS A 46 ? 0.1322 0.1447 0.1474 -0.0219 -0.0373 0.0125  46 LYS A CE  
786  N NZ  . LYS A 46 ? 0.1256 0.1779 0.1735 -0.0282 -0.0191 0.0114  46 LYS A NZ  
800  N N   . ARG A 47 ? 0.1040 0.0946 0.1312 0.0209  -0.0441 -0.0096 47 ARG A N   
801  C CA  . ARG A 47 ? 0.1240 0.1213 0.1190 0.0194  -0.0600 -0.0227 47 ARG A CA  
802  C C   . ARG A 47 ? 0.1254 0.1030 0.1049 0.0079  -0.0398 -0.0132 47 ARG A C   
803  O O   . ARG A 47 ? 0.0993 0.0984 0.1564 0.0276  -0.0392 -0.0132 47 ARG A O   
804  C CB  . ARG A 47 ? 0.1313 0.1854 0.1871 0.0014  -0.0280 -0.0387 47 ARG A CB  
805  C CG  . ARG A 47 ? 0.1835 0.2351 0.2997 -0.0249 -0.0538 -0.0428 47 ARG A CG  
806  C CD  . ARG A 47 ? 0.2076 0.2548 0.3464 -0.0135 -0.0588 -0.0406 47 ARG A CD  
807  N NE  . ARG A 47 ? 0.2543 0.2477 0.2978 0.0117  -0.0665 -0.0289 47 ARG A NE  
808  C CZ  . ARG A 47 ? 0.3045 0.2562 0.3719 0.0484  -0.0726 -0.0497 47 ARG A CZ  
809  N NH1 . ARG A 47 ? 0.3628 0.2671 0.3554 0.0436  -0.1316 -0.0799 47 ARG A NH1 
810  N NH2 . ARG A 47 ? 0.3318 0.2702 0.4463 0.0391  -0.0574 -0.0441 47 ARG A NH2 
824  N N   . PHE A 48 ? 0.1115 0.1022 0.0989 0.0148  -0.0361 -0.0103 48 PHE A N   
825  C CA  . PHE A 48 ? 0.1105 0.1070 0.0995 0.0179  -0.0310 -0.0035 48 PHE A CA  
826  C C   . PHE A 48 ? 0.0924 0.0926 0.1050 -0.0005 -0.0275 -0.0013 48 PHE A C   
827  O O   . PHE A 48 ? 0.0939 0.1098 0.1056 0.0042  -0.0347 0.0022  48 PHE A O   
828  C CB  . PHE A 48 ? 0.1190 0.1129 0.0991 0.0122  -0.0315 0.0025  48 PHE A CB  
829  C CG  . PHE A 48 ? 0.1192 0.0991 0.1153 0.0237  -0.0190 -0.0104 48 PHE A CG  
830  C CD1 . PHE A 48 ? 0.1421 0.1113 0.1554 0.0101  -0.0193 -0.0042 48 PHE A CD1 
831  C CD2 . PHE A 48 ? 0.1342 0.1061 0.1306 0.0014  -0.0380 -0.0107 48 PHE A CD2 
832  C CE1 . PHE A 48 ? 0.1757 0.1239 0.1879 -0.0002 -0.0112 0.0107  48 PHE A CE1 
833  C CE2 . PHE A 48 ? 0.1578 0.1237 0.1853 0.0152  -0.0358 -0.0282 48 PHE A CE2 
834  C CZ  . PHE A 48 ? 0.1598 0.1199 0.2036 -0.0007 -0.0280 -0.0089 48 PHE A CZ  
844  N N   . LEU A 49 ? 0.0943 0.0923 0.1040 -0.0076 -0.0272 -0.0070 49 LEU A N   
845  C CA  . LEU A 49 ? 0.1029 0.0941 0.0988 -0.0084 -0.0356 0.0172  49 LEU A CA  
846  C C   . LEU A 49 ? 0.1020 0.0913 0.1128 0.0006  -0.0385 0.0056  49 LEU A C   
847  O O   . LEU A 49 ? 0.0987 0.1081 0.1267 0.0175  -0.0490 0.0072  49 LEU A O   
848  C CB  . LEU A 49 ? 0.1116 0.1213 0.0922 0.0041  -0.0477 0.0055  49 LEU A CB  
849  C CG  . LEU A 49 ? 0.1479 0.1153 0.1170 0.0302  -0.0338 0.0011  49 LEU A CG  
850  C CD1 . LEU A 49 ? 0.1845 0.1359 0.1479 0.0500  -0.0291 0.0132  49 LEU A CD1 
851  C CD2 . LEU A 49 ? 0.1673 0.1355 0.1222 0.0127  -0.0224 -0.0111 49 LEU A CD2 
863  N N   . GLU A 50 ? 0.1035 0.1017 0.1409 0.0229  -0.0430 0.0078  50 GLU A N   
864  C CA  . GLU A 50 ? 0.1139 0.1208 0.1409 -0.0155 -0.0491 -0.0061 50 GLU A CA  
865  C C   . GLU A 50 ? 0.1050 0.1078 0.1326 0.0005  -0.0356 -0.0092 50 GLU A C   
866  O O   . GLU A 50 ? 0.1013 0.1103 0.1624 0.0240  -0.0515 -0.0042 50 GLU A O   
867  C CB  . GLU A 50 ? 0.2325 0.1474 0.1991 0.0808  -0.0479 0.0299  50 GLU A CB  
868  C CG  . GLU A 50 ? 0.3290 0.2341 0.2737 0.0763  -0.0357 0.0370  50 GLU A CG  
869  C CD  . GLU A 50 ? 0.3641 0.3206 0.3676 -0.0003 -0.0154 0.0037  50 GLU A CD  
870  O OE1 . GLU A 50 ? 0.4106 0.3261 0.3783 -0.0521 -0.0442 -0.0285 50 GLU A OE1 
871  O OE2 . GLU A 50 ? 0.3941 0.3671 0.4091 -0.0359 -0.0213 0.0189  50 GLU A OE2 
878  N N   . GLU A 51 ? 0.1028 0.1094 0.1362 0.0000  -0.0367 -0.0055 51 GLU A N   
879  C CA  . GLU A 51 ? 0.1202 0.1192 0.1358 0.0081  -0.0412 0.0046  51 GLU A CA  
880  C C   . GLU A 51 ? 0.1042 0.1083 0.1407 0.0100  -0.0405 -0.0019 51 GLU A C   
881  O O   . GLU A 51 ? 0.0999 0.1390 0.1440 0.0040  -0.0311 -0.0141 51 GLU A O   
882  C CB  . GLU A 51 ? 0.1343 0.1706 0.1412 -0.0093 -0.0257 0.0040  51 GLU A CB  
883  C CG  . GLU A 51 ? 0.2180 0.2193 0.2100 0.0139  -0.0237 -0.0095 51 GLU A CG  
890  N N   . LEU A 52 ? 0.0973 0.1218 0.1317 0.0117  -0.0467 -0.0065 52 LEU A N   
891  C CA  . LEU A 52 ? 0.1167 0.1038 0.1285 -0.0016 -0.0321 -0.0004 52 LEU A CA  
892  C C   . LEU A 52 ? 0.0968 0.0866 0.1310 0.0195  -0.0604 0.0017  52 LEU A C   
893  O O   . LEU A 52 ? 0.1055 0.1176 0.1458 0.0150  -0.0446 0.0028  52 LEU A O   
894  C CB  . LEU A 52 ? 0.1464 0.1110 0.1390 0.0150  -0.0509 -0.0153 52 LEU A CB  
895  C CG  . LEU A 52 ? 0.1867 0.1269 0.1861 -0.0078 -0.0985 -0.0338 52 LEU A CG  
896  C CD1 . LEU A 52 ? 0.2560 0.1370 0.2569 -0.0483 -0.0877 -0.0213 52 LEU A CD1 
897  C CD2 . LEU A 52 ? 0.2199 0.1276 0.2072 0.0357  -0.1095 -0.0489 52 LEU A CD2 
909  N N   . ARG A 53 ? 0.0927 0.0966 0.1340 -0.0020 -0.0409 0.0004  53 ARG A N   
910  C CA  . ARG A 53 ? 0.0869 0.0928 0.1376 -0.0045 -0.0371 -0.0014 53 ARG A CA  
911  C C   . ARG A 53 ? 0.1113 0.0931 0.1519 0.0136  -0.0414 -0.0006 53 ARG A C   
912  O O   . ARG A 53 ? 0.0993 0.1144 0.1426 0.0112  -0.0432 0.0152  53 ARG A O   
913  C CB  . ARG A 53 ? 0.1068 0.1060 0.1423 0.0060  -0.0467 0.0112  53 ARG A CB  
914  C CG  . ARG A 53 ? 0.0979 0.1204 0.1446 -0.0016 -0.0268 0.0224  53 ARG A CG  
915  C CD  . ARG A 53 ? 0.1156 0.1184 0.1340 -0.0076 -0.0317 0.0006  53 ARG A CD  
916  N NE  . ARG A 53 ? 0.1191 0.1048 0.1536 -0.0063 -0.0155 0.0044  53 ARG A NE  
917  C CZ  . ARG A 53 ? 0.1253 0.1067 0.1520 -0.0092 -0.0510 0.0012  53 ARG A CZ  
918  N NH1 . ARG A 53 ? 0.1218 0.1272 0.1586 -0.0120 -0.0426 -0.0009 53 ARG A NH1 
919  N NH2 . ARG A 53 ? 0.1391 0.1326 0.1801 -0.0123 -0.0316 -0.0141 53 ARG A NH2 
933  N N   . GLN A 54 ? 0.1012 0.0995 0.1459 0.0183  -0.0369 -0.0191 54 GLN A N   
934  C CA  . GLN A 54 ? 0.1251 0.1093 0.1486 0.0249  -0.0447 -0.0312 54 GLN A CA  
935  C C   . GLN A 54 ? 0.1110 0.1324 0.1423 0.0158  -0.0307 -0.0283 54 GLN A C   
936  O O   . GLN A 54 ? 0.1102 0.1393 0.1805 0.0297  -0.0294 -0.0114 54 GLN A O   
937  C CB  . GLN A 54 ? 0.1442 0.1315 0.2019 0.0248  -0.0462 -0.0415 54 GLN A CB  
938  C CG  . GLN A 54 ? 0.1862 0.2161 0.2707 0.0330  -0.0422 -0.0554 54 GLN A CG  
939  C CD  . GLN A 54 ? 0.3247 0.2876 0.3918 0.0307  -0.0548 -0.0851 54 GLN A CD  
940  O OE1 . GLN A 54 ? 0.2769 0.3068 0.4673 0.0194  -0.0723 -0.1162 54 GLN A OE1 
941  N NE2 . GLN A 54 ? 0.4595 0.3284 0.4425 0.0151  -0.0633 -0.0561 54 GLN A NE2 
950  N N   . LYS A 55 ? 0.1185 0.1315 0.1440 0.0216  -0.0150 -0.0113 55 LYS A N   
951  C CA  . LYS A 55 ? 0.1211 0.1538 0.1452 0.0053  -0.0100 -0.0109 55 LYS A CA  
952  C C   . LYS A 55 ? 0.1131 0.1278 0.1547 0.0092  -0.0368 -0.0226 55 LYS A C   
953  O O   . LYS A 55 ? 0.1095 0.1592 0.2076 0.0156  -0.0223 -0.0150 55 LYS A O   
954  C CB  . LYS A 55 ? 0.1885 0.1998 0.1562 -0.0303 -0.0292 0.0307  55 LYS A CB  
955  C CG  . LYS A 55 ? 0.2571 0.2108 0.2631 -0.0047 -0.0405 0.0721  55 LYS A CG  
960  N N   . LEU A 56 ? 0.0924 0.1077 0.1528 -0.0046 -0.0456 -0.0249 56 LEU A N   
961  C CA  . LEU A 56 ? 0.1039 0.1040 0.1718 0.0093  -0.0344 -0.0034 56 LEU A CA  
962  C C   . LEU A 56 ? 0.0858 0.1034 0.1705 0.0218  -0.0460 -0.0035 56 LEU A C   
963  O O   . LEU A 56 ? 0.0908 0.1176 0.1867 0.0057  -0.0583 0.0007  56 LEU A O   
964  C CB  . LEU A 56 ? 0.1322 0.1051 0.1706 -0.0026 -0.0591 0.0042  56 LEU A CB  
965  C CG  . LEU A 56 ? 0.1670 0.1173 0.2213 0.0040  -0.0470 0.0116  56 LEU A CG  
966  C CD1 . LEU A 56 ? 0.2255 0.1147 0.1864 0.0257  -0.0641 -0.0322 56 LEU A CD1 
967  C CD2 . LEU A 56 ? 0.2054 0.1512 0.3061 -0.0040 -0.0220 0.0478  56 LEU A CD2 
979  N N   . GLU A 57 ? 0.0990 0.1126 0.1647 -0.0069 -0.0544 0.0088  57 GLU A N   
980  C CA  . GLU A 57 ? 0.1102 0.0956 0.1818 0.0106  -0.0439 0.0007  57 GLU A CA  
981  C C   . GLU A 57 ? 0.0979 0.1203 0.1855 0.0163  -0.0368 -0.0229 57 GLU A C   
982  O O   . GLU A 57 ? 0.1015 0.1406 0.2153 0.0337  -0.0441 0.0074  57 GLU A O   
983  C CB  . GLU A 57 ? 0.1369 0.0910 0.1908 0.0115  -0.0617 0.0060  57 GLU A CB  
984  C CG  . GLU A 57 ? 0.1277 0.1180 0.1871 0.0165  -0.0608 -0.0012 57 GLU A CG  
985  C CD  . GLU A 57 ? 0.1458 0.1594 0.1807 -0.0121 -0.0327 -0.0241 57 GLU A CD  
986  O OE1 . GLU A 57 ? 0.1911 0.1881 0.2332 -0.0458 0.0139  -0.0584 57 GLU A OE1 
987  O OE2 . GLU A 57 ? 0.1398 0.1698 0.1646 -0.0176 -0.0507 -0.0068 57 GLU A OE2 
994  N N   . LYS A 58 ? 0.1071 0.1323 0.1981 0.0310  -0.0523 -0.0415 58 LYS A N   
995  C CA  . LYS A 58 ? 0.1311 0.1648 0.1869 0.0214  -0.0329 -0.0487 58 LYS A CA  
996  C C   . LYS A 58 ? 0.1100 0.1746 0.1896 0.0292  -0.0562 -0.0262 58 LYS A C   
997  O O   . LYS A 58 ? 0.1380 0.2050 0.2439 0.0409  -0.0608 -0.0545 58 LYS A O   
998  C CB  . LYS A 58 ? 0.2359 0.2306 0.2230 0.0094  -0.0385 -0.1200 58 LYS A CB  
999  C CG  . LYS A 58 ? 0.2811 0.2795 0.2789 0.0313  -0.0056 -0.1137 58 LYS A CG  
1004 N N   . LYS A 59 ? 0.0979 0.1647 0.1539 0.0233  -0.0330 -0.0268 59 LYS A N   
1005 C CA  . LYS A 59 ? 0.1062 0.1807 0.1544 0.0001  -0.0208 -0.0160 59 LYS A CA  
1006 C C   . LYS A 59 ? 0.0876 0.1659 0.1516 0.0193  -0.0234 -0.0187 59 LYS A C   
1007 O O   . LYS A 59 ? 0.1155 0.1812 0.1460 -0.0009 -0.0381 -0.0328 59 LYS A O   
1008 C CB  . LYS A 59 ? 0.1702 0.1971 0.1359 -0.0462 -0.0446 -0.0002 59 LYS A CB  
1009 C CG  . LYS A 59 ? 0.2155 0.2108 0.1796 -0.0675 -0.0530 0.0242  59 LYS A CG  
1010 C CD  . LYS A 59 ? 0.2839 0.2099 0.2290 -0.0780 -0.0190 0.0261  59 LYS A CD  
1017 N N   . GLY A 60 ? 0.1139 0.1669 0.1302 0.0342  -0.0392 -0.0044 60 GLY A N   
1018 C CA  . GLY A 60 ? 0.1117 0.1657 0.1506 0.0345  -0.0226 -0.0312 60 GLY A CA  
1019 C C   . GLY A 60 ? 0.1265 0.1712 0.1200 0.0271  -0.0448 -0.0126 60 GLY A C   
1020 O O   . GLY A 60 ? 0.1265 0.1813 0.1679 0.0460  -0.0453 0.0017  60 GLY A O   
1024 N N   . TYR A 61 ? 0.0928 0.1599 0.1247 0.0229  -0.0337 -0.0096 61 TYR A N   
1025 C CA  . TYR A 61 ? 0.0976 0.1495 0.1364 0.0243  -0.0275 -0.0026 61 TYR A CA  
1026 C C   . TYR A 61 ? 0.1046 0.1522 0.1272 0.0206  -0.0386 -0.0118 61 TYR A C   
1027 O O   . TYR A 61 ? 0.1454 0.1612 0.1346 0.0142  -0.0352 -0.0167 61 TYR A O   
1028 C CB  . TYR A 61 ? 0.1171 0.1342 0.1422 0.0427  -0.0605 0.0011  61 TYR A CB  
1029 C CG  . TYR A 61 ? 0.1289 0.1370 0.1404 0.0270  -0.0550 0.0130  61 TYR A CG  
1030 C CD1 . TYR A 61 ? 0.1538 0.1296 0.1371 0.0266  -0.0649 -0.0010 61 TYR A CD1 
1031 C CD2 . TYR A 61 ? 0.1618 0.1379 0.1484 0.0037  -0.0688 0.0100  61 TYR A CD2 
1032 C CE1 . TYR A 61 ? 0.1702 0.1136 0.1508 0.0171  -0.0656 0.0060  61 TYR A CE1 
1033 C CE2 . TYR A 61 ? 0.1763 0.1344 0.1787 -0.0198 -0.0397 0.0135  61 TYR A CE2 
1034 C CZ  . TYR A 61 ? 0.2063 0.1191 0.1535 -0.0071 -0.0718 0.0140  61 TYR A CZ  
1035 O OH  . TYR A 61 ? 0.2644 0.1518 0.1803 -0.0577 -0.0792 0.0173  61 TYR A OH  
1045 N N   . THR A 62 ? 0.1136 0.1276 0.1345 0.0114  -0.0305 -0.0170 62 THR A N   
1046 C CA  . THR A 62 ? 0.1053 0.1162 0.1399 0.0084  -0.0280 -0.0063 62 THR A CA  
1047 C C   . THR A 62 ? 0.1020 0.1063 0.1260 0.0051  -0.0222 -0.0091 62 THR A C   
1048 O O   . THR A 62 ? 0.1070 0.1095 0.1503 0.0089  -0.0527 -0.0152 62 THR A O   
1049 C CB  . THR A 62 ? 0.1339 0.1437 0.1419 -0.0026 -0.0078 0.0114  62 THR A CB  
1050 O OG1 . THR A 62 ? 0.1389 0.1889 0.1567 0.0351  -0.0339 0.0313  62 THR A OG1 
1051 C CG2 . THR A 62 ? 0.1792 0.1307 0.1566 -0.0140 -0.0211 -0.0107 62 THR A CG2 
1059 N N   . VAL A 63 ? 0.1078 0.1018 0.1425 0.0114  -0.0205 -0.0171 63 VAL A N   
1060 C CA  . VAL A 63 ? 0.1070 0.1400 0.1446 0.0112  -0.0285 -0.0249 63 VAL A CA  
1061 C C   . VAL A 63 ? 0.1261 0.1169 0.1346 0.0130  -0.0424 -0.0194 63 VAL A C   
1062 O O   . VAL A 63 ? 0.1161 0.1231 0.2010 -0.0050 -0.0325 -0.0403 63 VAL A O   
1063 C CB  . VAL A 63 ? 0.1011 0.2151 0.1340 0.0253  -0.0387 -0.0323 63 VAL A CB  
1064 C CG1 . VAL A 63 ? 0.1483 0.2380 0.1296 0.0180  -0.0438 -0.0243 63 VAL A CG1 
1065 C CG2 . VAL A 63 ? 0.1387 0.2361 0.1433 0.0335  -0.0230 -0.0376 63 VAL A CG2 
1075 N N   A ASP A 64 ? 0.1124 0.1130 0.1333 0.0106  -0.0421 0.0038  64 ASP A N   
1076 N N   B ASP A 64 ? 0.1280 0.1190 0.1377 0.0119  -0.0396 -0.0054 64 ASP A N   
1077 C CA  A ASP A 64 ? 0.1155 0.1161 0.1305 0.0068  -0.0179 -0.0030 64 ASP A CA  
1078 C CA  B ASP A 64 ? 0.1435 0.1260 0.1523 0.0083  -0.0325 -0.0017 64 ASP A CA  
1079 C C   A ASP A 64 ? 0.1177 0.1040 0.1780 0.0017  -0.0490 -0.0058 64 ASP A C   
1080 C C   B ASP A 64 ? 0.1276 0.1175 0.1719 0.0092  -0.0469 -0.0012 64 ASP A C   
1081 O O   A ASP A 64 ? 0.1352 0.0921 0.2536 0.0163  -0.0669 -0.0179 64 ASP A O   
1082 O O   B ASP A 64 ? 0.1477 0.1125 0.1952 0.0176  -0.0643 -0.0030 64 ASP A O   
1083 C CB  A ASP A 64 ? 0.1783 0.1539 0.1485 0.0194  -0.0342 -0.0035 64 ASP A CB  
1084 C CB  B ASP A 64 ? 0.2125 0.1489 0.1583 0.0110  -0.0432 0.0090  64 ASP A CB  
1085 C CG  A ASP A 64 ? 0.2357 0.1983 0.1575 0.0112  -0.0524 0.0045  64 ASP A CG  
1086 C CG  B ASP A 64 ? 0.2791 0.1733 0.1574 0.0231  -0.0492 0.0327  64 ASP A CG  
1087 O OD1 A ASP A 64 ? 0.2779 0.2255 0.1517 0.0267  -0.0686 -0.0085 64 ASP A OD1 
1088 O OD1 B ASP A 64 ? 0.2793 0.1758 0.2084 0.0352  -0.0193 0.0636  64 ASP A OD1 
1089 O OD2 A ASP A 64 ? 0.3044 0.2089 0.2430 0.0003  -0.1136 0.0289  64 ASP A OD2 
1090 O OD2 B ASP A 64 ? 0.3268 0.2006 0.1842 0.0322  -0.0705 -0.0046 64 ASP A OD2 
1099 N N   . ILE A 65 ? 0.1051 0.1180 0.1595 0.0141  -0.0523 0.0035  65 ILE A N   
1100 C CA  . ILE A 65 ? 0.1037 0.1314 0.1839 0.0122  -0.0467 0.0171  65 ILE A CA  
1101 C C   . ILE A 65 ? 0.1158 0.1220 0.1818 -0.0034 -0.0515 0.0138  65 ILE A C   
1102 O O   . ILE A 65 ? 0.1580 0.1105 0.2183 -0.0181 -0.0532 0.0198  65 ILE A O   
1103 C CB  . ILE A 65 ? 0.1425 0.2279 0.2046 0.0552  -0.0749 0.0394  65 ILE A CB  
1104 C CG1 . ILE A 65 ? 0.1467 0.3068 0.3194 0.0279  -0.0313 0.0694  65 ILE A CG1 
1105 C CG2 . ILE A 65 ? 0.1618 0.2652 0.1872 0.0513  -0.0580 0.0332  65 ILE A CG2 
1106 C CD1 . ILE A 65 ? 0.1605 0.3336 0.3549 0.0135  -0.0333 0.0515  65 ILE A CD1 
1118 N N   . LYS A 66 ? 0.1075 0.1234 0.1953 -0.0086 -0.0447 -0.0015 66 LYS A N   
1119 C CA  . LYS A 66 ? 0.1391 0.1795 0.1963 0.0108  -0.0414 0.0117  66 LYS A CA  
1120 C C   . LYS A 66 ? 0.1175 0.1518 0.2378 0.0045  -0.0269 -0.0037 66 LYS A C   
1121 O O   . LYS A 66 ? 0.1231 0.1451 0.3216 0.0029  -0.0752 -0.0185 66 LYS A O   
1122 C CB  . LYS A 66 ? 0.2302 0.2802 0.2713 0.0330  -0.0309 -0.0018 66 LYS A CB  
1123 C CG  . LYS A 66 ? 0.3426 0.3327 0.3165 0.0356  -0.0549 0.0074  66 LYS A CG  
1124 C CD  . LYS A 66 ? 0.3725 0.3454 0.3755 0.0578  -0.0611 -0.0116 66 LYS A CD  
1131 N N   . ILE A 67 ? 0.1631 0.1368 0.2585 0.0026  -0.0246 -0.0173 67 ILE A N   
1132 C CA  . ILE A 67 ? 0.1443 0.1437 0.3046 0.0057  -0.0616 -0.0106 67 ILE A CA  
1133 C C   . ILE A 67 ? 0.1818 0.1772 0.3755 -0.0318 -0.0257 0.0319  67 ILE A C   
1134 O O   . ILE A 67 ? 0.1956 0.1665 0.4706 -0.0267 -0.0132 0.0399  67 ILE A O   
1135 C CB  . ILE A 67 ? 0.1796 0.1682 0.2837 0.0185  -0.1003 -0.0415 67 ILE A CB  
1136 C CG1 . ILE A 67 ? 0.2342 0.1837 0.2157 0.0398  -0.0957 -0.0373 67 ILE A CG1 
1137 C CG2 . ILE A 67 ? 0.1788 0.1822 0.3406 0.0162  -0.1124 -0.0621 67 ILE A CG2 
1138 C CD1 . ILE A 67 ? 0.3301 0.1864 0.2175 0.0512  -0.1008 -0.0257 67 ILE A CD1 
1150 N N   . GLU A 68 ? 0.2009 0.2425 0.3655 -0.0307 0.0319  0.0549  68 GLU A N   
1151 C CA  . GLU A 68 ? 0.2886 0.3231 0.3822 -0.0235 0.0307  0.0553  68 GLU A CA  
1152 C C   . GLU A 68 ? 0.3805 0.3884 0.4158 -0.0128 0.0321  0.0596  68 GLU A C   
1153 O O   . GLU A 68 ? 0.4180 0.4336 0.4015 -0.0084 0.0345  0.0652  68 GLU A O   
1154 C CB  . GLU A 68 ? 0.3738 0.3707 0.3793 -0.0018 0.0012  0.0053  68 GLU A CB  
1155 O OXT . GLU A 68 ? 0.3810 0.3835 0.3827 0.0002  0.0030  0.0071  68 GLU A OXT 
# 
